data_1WDL
#
_entry.id   1WDL
#
_cell.length_a   95.664
_cell.length_b   118.413
_cell.length_c   191.356
_cell.angle_alpha   90.00
_cell.angle_beta   90.00
_cell.angle_gamma   90.00
#
_symmetry.space_group_name_H-M   'P 21 21 21'
#
loop_
_entity.id
_entity.type
_entity.pdbx_description
1 polymer 'Fatty oxidation complex alpha subunit'
2 polymer '3-ketoacyl-CoA thiolase'
3 non-polymer NICOTINAMIDE-ADENINE-DINUCLEOTIDE
4 non-polymer 3,6,9,12,15-PENTAOXATRICOSAN-1-OL
5 non-polymer 'ACETYL COENZYME *A'
#
loop_
_entity_poly.entity_id
_entity_poly.type
_entity_poly.pdbx_seq_one_letter_code
_entity_poly.pdbx_strand_id
1 'polypeptide(L)'
;MIYEGKAITVTALESGIVELKFDLKGESVNKFNRLTLNELRQAVDAIKADASVKGVIVSSGKDVFIVGADITEFVENFKL
PDAELIAGNLEANKIFSDFEDLNVPTVAAINGIALGGGLEMCLAADFRVMADSAKIGLPEVKLGIYPGFGGTVRLPRLIG
VDNAVEWIASGKENRAEDALKVSAVDAVVTADKLGAAALDLIKRAISGELDYKAKRQPKLEKLKLNAIEQMMAFETAKGF
VAGQAGPNYPAPVEAIKTIQKAANFGRDKALEVEAAGFAKLAKTSASNCLIGLFLNDQELKKKAKVYDKIAKDVKQAAVL
GAGIMGGGIAYQSASKGTPILMKDINEHGIEQGLAEAAKLLVGRVDKGRMTPAKMAEVLNGIRPTLSYGDFGNVDLVVEA
VVENPKVKQAVLAEVENHVREDAILASNTSTISISLLAKALKRPENFVGMHFFNPVHMMPLVEVIRGEKSSDLAVATTVA
YAKKMGKNPIVVNDCPGFLVNRVLFPYFGGFAKLVSAGVDFVRIDKVMEKFGWPMGPAYLMDVVGIDTGHHGRDVMAEGF
PDRMKDDRRSAIDALYEAKRLGQKNGKGFYAYEADKKGKQKKLVDSSVLEVLKPIVYEQRDVTDEDIINWMMIPLCLETV
RCLEDGIVETAAEADMGLVYGIGFPLFRGGALRYIDSIGVAEFVALADQYAELGALYHPTAKLREMAKNGQSFFG
;
A,B
2 'polypeptide(L)'
;SLNPRDVVIVDFGRTPMGRSKGGMHRNTRAEDMSAHLISKVLERNSKVDPGEVEDVIWGCVNQTLEQGWNIARMASLMTQ
IPHTSAAQTVSRLCGSSMSALHTAAQAIMTGNGDVFVVGGVEHMGHVSMMHGVDPNPHMSLYAAKASGMMGLTAEMLGKM
HGISREQQDAFAVRSHQLAHKATVEGKFKDEIIPMQGYDENGFLKIFDYDETIRPDTTLESLAALKPAFNPKGGTVTAGT
SSQITDGASCMIVMSAQRAKDLGLEPLAVIRSMAVAGVDPAIMGYGPVPATQKALKRAGLNMADIDFIELNEAFAAQALP
VLKDLKVLDKMNEKVNLHGGAIALGHPFGCSGARISGTLLNVMKQNGGTFGLSTMCIGLGQGIATVFERV
;
C,D
#
loop_
_chem_comp.id
_chem_comp.type
_chem_comp.name
_chem_comp.formula
ACO non-polymer 'ACETYL COENZYME *A' 'C23 H38 N7 O17 P3 S'
N8E non-polymer 3,6,9,12,15-PENTAOXATRICOSAN-1-OL 'C18 H38 O6'
NAD non-polymer NICOTINAMIDE-ADENINE-DINUCLEOTIDE 'C21 H27 N7 O14 P2'
#
# COMPACT_ATOMS: atom_id res chain seq x y z
N MET A 1 2.54 27.54 51.99
CA MET A 1 2.72 27.60 50.51
C MET A 1 2.31 28.96 49.94
N ILE A 2 2.56 29.15 48.64
CA ILE A 2 2.24 30.40 47.97
C ILE A 2 0.74 30.69 47.99
N TYR A 3 -0.06 29.64 47.79
CA TYR A 3 -1.52 29.79 47.80
C TYR A 3 -2.18 28.45 48.06
N GLU A 4 -3.09 28.43 49.03
CA GLU A 4 -3.80 27.20 49.38
C GLU A 4 -5.30 27.42 49.42
N GLY A 5 -5.94 27.29 48.26
CA GLY A 5 -7.38 27.47 48.19
C GLY A 5 -8.12 26.16 48.34
N LYS A 6 -9.43 26.19 48.07
CA LYS A 6 -10.26 24.99 48.19
C LYS A 6 -10.38 24.31 46.83
N ALA A 7 -9.94 24.99 45.78
CA ALA A 7 -10.00 24.45 44.43
C ALA A 7 -8.62 24.45 43.79
N ILE A 8 -7.79 25.43 44.16
CA ILE A 8 -6.45 25.54 43.59
C ILE A 8 -5.39 25.71 44.67
N THR A 9 -4.37 24.86 44.61
CA THR A 9 -3.26 24.92 45.56
C THR A 9 -1.95 25.17 44.82
N VAL A 10 -1.53 26.43 44.80
CA VAL A 10 -0.29 26.80 44.13
C VAL A 10 0.90 26.44 45.02
N THR A 11 1.51 25.28 44.74
CA THR A 11 2.64 24.81 45.52
C THR A 11 3.96 25.10 44.81
N ALA A 12 5.00 25.37 45.60
CA ALA A 12 6.31 25.67 45.05
C ALA A 12 7.07 24.37 44.75
N LEU A 13 8.11 24.49 43.93
CA LEU A 13 8.94 23.36 43.56
C LEU A 13 10.39 23.77 43.46
N GLU A 14 11.19 22.93 42.81
CA GLU A 14 12.61 23.21 42.64
C GLU A 14 12.88 24.34 41.64
N SER A 15 14.11 24.85 41.67
CA SER A 15 14.55 25.91 40.78
C SER A 15 13.57 27.08 40.62
N GLY A 16 12.82 27.39 41.67
CA GLY A 16 11.87 28.50 41.60
C GLY A 16 10.63 28.20 40.77
N ILE A 17 10.53 26.97 40.28
CA ILE A 17 9.38 26.55 39.48
C ILE A 17 8.20 26.33 40.42
N VAL A 18 7.03 26.82 40.04
CA VAL A 18 5.84 26.65 40.86
C VAL A 18 4.80 25.80 40.14
N GLU A 19 4.05 25.02 40.91
CA GLU A 19 3.02 24.15 40.34
C GLU A 19 1.60 24.54 40.75
N LEU A 20 0.86 25.12 39.81
CA LEU A 20 -0.52 25.51 40.06
C LEU A 20 -1.38 24.27 39.84
N LYS A 21 -1.88 23.69 40.93
CA LYS A 21 -2.68 22.47 40.84
C LYS A 21 -4.19 22.69 40.97
N PHE A 22 -4.93 22.00 40.10
CA PHE A 22 -6.39 22.07 40.09
C PHE A 22 -6.94 20.84 40.81
N ASP A 23 -7.48 21.05 42.01
CA ASP A 23 -8.03 19.95 42.80
C ASP A 23 -9.21 20.46 43.61
N LEU A 24 -10.41 20.39 43.03
CA LEU A 24 -11.62 20.84 43.70
C LEU A 24 -11.92 19.93 44.90
N LYS A 25 -11.38 20.30 46.05
CA LYS A 25 -11.57 19.53 47.28
C LYS A 25 -13.05 19.33 47.61
N GLY A 26 -13.45 18.08 47.75
CA GLY A 26 -14.85 17.79 48.07
C GLY A 26 -15.64 17.25 46.91
N GLU A 27 -15.33 17.72 45.70
CA GLU A 27 -16.03 17.28 44.50
C GLU A 27 -15.22 16.20 43.80
N SER A 28 -15.84 15.54 42.82
CA SER A 28 -15.19 14.47 42.07
C SER A 28 -14.36 14.96 40.88
N VAL A 29 -14.75 16.09 40.30
CA VAL A 29 -14.02 16.65 39.17
C VAL A 29 -13.69 18.13 39.34
N ASN A 30 -12.88 18.64 38.42
CA ASN A 30 -12.50 20.04 38.43
C ASN A 30 -13.32 20.74 37.34
N LYS A 31 -13.82 21.93 37.65
CA LYS A 31 -14.63 22.68 36.69
C LYS A 31 -14.56 24.16 37.02
N PHE A 32 -14.82 24.99 36.03
CA PHE A 32 -14.78 26.43 36.24
C PHE A 32 -16.07 27.04 36.76
N ASN A 33 -16.36 26.79 38.03
CA ASN A 33 -17.54 27.38 38.65
C ASN A 33 -17.10 28.73 39.18
N ARG A 34 -18.00 29.46 39.82
CA ARG A 34 -17.66 30.77 40.36
C ARG A 34 -16.44 30.69 41.26
N LEU A 35 -16.48 29.77 42.22
CA LEU A 35 -15.38 29.58 43.17
C LEU A 35 -14.03 29.34 42.50
N THR A 36 -14.00 28.48 41.49
CA THR A 36 -12.76 28.16 40.80
C THR A 36 -12.17 29.36 40.07
N LEU A 37 -12.99 30.05 39.27
CA LEU A 37 -12.51 31.22 38.54
C LEU A 37 -11.99 32.28 39.50
N ASN A 38 -12.64 32.39 40.66
CA ASN A 38 -12.24 33.36 41.66
C ASN A 38 -10.87 33.02 42.25
N GLU A 39 -10.67 31.75 42.58
CA GLU A 39 -9.39 31.34 43.15
C GLU A 39 -8.27 31.42 42.12
N LEU A 40 -8.60 31.25 40.85
CA LEU A 40 -7.59 31.32 39.80
C LEU A 40 -7.06 32.75 39.82
N ARG A 41 -7.98 33.70 39.95
CA ARG A 41 -7.63 35.11 40.02
C ARG A 41 -6.64 35.32 41.15
N GLN A 42 -6.98 34.79 42.33
CA GLN A 42 -6.13 34.92 43.50
C GLN A 42 -4.81 34.16 43.31
N ALA A 43 -4.86 33.07 42.58
CA ALA A 43 -3.68 32.26 42.32
C ALA A 43 -2.73 33.00 41.37
N VAL A 44 -3.27 33.45 40.25
CA VAL A 44 -2.48 34.18 39.27
C VAL A 44 -1.84 35.42 39.88
N ASP A 45 -2.63 36.18 40.64
CA ASP A 45 -2.12 37.39 41.28
C ASP A 45 -1.01 37.05 42.27
N ALA A 46 -1.12 35.89 42.90
CA ALA A 46 -0.11 35.45 43.87
C ALA A 46 1.21 35.22 43.14
N ILE A 47 1.18 34.33 42.15
CA ILE A 47 2.37 34.01 41.36
C ILE A 47 2.92 35.29 40.75
N LYS A 48 2.02 36.06 40.14
CA LYS A 48 2.38 37.32 39.49
C LYS A 48 3.15 38.23 40.46
N ALA A 49 2.62 38.37 41.67
CA ALA A 49 3.23 39.21 42.69
C ALA A 49 4.58 38.67 43.17
N ASP A 50 4.69 37.35 43.26
CA ASP A 50 5.92 36.72 43.72
C ASP A 50 6.97 36.76 42.60
N ALA A 51 8.05 37.51 42.84
CA ALA A 51 9.11 37.66 41.86
C ALA A 51 10.16 36.56 41.86
N SER A 52 10.06 35.62 42.80
CA SER A 52 11.03 34.53 42.87
C SER A 52 10.67 33.39 41.93
N VAL A 53 9.43 33.39 41.44
CA VAL A 53 8.97 32.34 40.54
C VAL A 53 9.75 32.34 39.23
N LYS A 54 10.15 31.16 38.78
CA LYS A 54 10.91 31.01 37.54
C LYS A 54 10.19 30.14 36.52
N GLY A 55 8.90 29.90 36.75
CA GLY A 55 8.12 29.08 35.83
C GLY A 55 6.89 28.54 36.51
N VAL A 56 5.88 28.19 35.72
CA VAL A 56 4.63 27.66 36.27
C VAL A 56 4.14 26.42 35.54
N ILE A 57 3.85 25.39 36.32
CA ILE A 57 3.34 24.13 35.77
C ILE A 57 1.91 23.97 36.24
N VAL A 58 1.00 23.70 35.30
CA VAL A 58 -0.41 23.52 35.65
C VAL A 58 -0.77 22.04 35.60
N SER A 59 -1.33 21.53 36.70
CA SER A 59 -1.70 20.12 36.77
C SER A 59 -3.08 19.91 37.38
N SER A 60 -3.44 18.64 37.57
CA SER A 60 -4.72 18.27 38.14
C SER A 60 -4.58 17.10 39.10
N GLY A 61 -5.30 17.14 40.21
CA GLY A 61 -5.24 16.06 41.19
C GLY A 61 -6.41 15.12 41.06
N LYS A 62 -6.99 15.05 39.86
CA LYS A 62 -8.13 14.17 39.60
C LYS A 62 -7.82 13.23 38.44
N ASP A 63 -8.81 12.45 38.03
CA ASP A 63 -8.64 11.52 36.91
C ASP A 63 -8.78 12.30 35.61
N VAL A 64 -9.47 13.42 35.68
CA VAL A 64 -9.67 14.29 34.52
C VAL A 64 -8.96 15.61 34.82
N PHE A 65 -8.60 16.35 33.78
CA PHE A 65 -7.93 17.62 33.98
C PHE A 65 -8.95 18.61 34.52
N ILE A 66 -9.70 19.21 33.61
CA ILE A 66 -10.73 20.16 33.98
C ILE A 66 -11.88 19.98 33.00
N VAL A 67 -13.01 19.48 33.47
CA VAL A 67 -14.13 19.31 32.58
C VAL A 67 -14.91 20.60 32.40
N GLY A 68 -15.66 20.66 31.30
CA GLY A 68 -16.48 21.82 30.95
C GLY A 68 -16.51 23.01 31.90
N ALA A 69 -17.72 23.39 32.23
CA ALA A 69 -17.96 24.50 33.15
C ALA A 69 -19.32 24.16 33.72
N ASP A 70 -19.55 24.47 34.98
CA ASP A 70 -20.85 24.22 35.57
C ASP A 70 -21.52 25.57 35.36
N ILE A 71 -22.19 25.69 34.23
CA ILE A 71 -22.85 26.94 33.83
C ILE A 71 -24.07 27.38 34.63
N THR A 72 -24.61 26.48 35.46
CA THR A 72 -25.77 26.80 36.27
C THR A 72 -25.59 28.08 37.08
N GLU A 73 -24.35 28.38 37.46
CA GLU A 73 -24.06 29.58 38.23
C GLU A 73 -23.60 30.77 37.40
N PHE A 74 -23.72 30.65 36.09
CA PHE A 74 -23.34 31.73 35.18
C PHE A 74 -24.59 32.26 34.50
N VAL A 75 -25.69 31.53 34.68
CA VAL A 75 -26.97 31.87 34.09
C VAL A 75 -27.51 33.26 34.47
N GLU A 76 -27.43 33.60 35.74
CA GLU A 76 -27.90 34.91 36.20
C GLU A 76 -27.01 36.00 35.59
N ASN A 77 -25.83 35.59 35.16
CA ASN A 77 -24.86 36.52 34.57
C ASN A 77 -24.98 36.50 33.05
N PHE A 78 -26.18 36.24 32.55
CA PHE A 78 -26.44 36.21 31.11
C PHE A 78 -27.68 37.03 30.80
N LYS A 79 -28.53 37.19 31.80
CA LYS A 79 -29.78 37.94 31.65
C LYS A 79 -29.53 39.45 31.68
N LEU A 80 -28.30 39.85 32.01
CA LEU A 80 -27.94 41.26 32.06
C LEU A 80 -27.79 41.80 30.64
N PRO A 81 -27.78 43.14 30.49
CA PRO A 81 -27.63 43.74 29.16
C PRO A 81 -26.32 43.32 28.50
N ASP A 82 -26.30 43.40 27.17
CA ASP A 82 -25.13 43.00 26.39
C ASP A 82 -23.82 43.68 26.80
N ALA A 83 -23.92 44.84 27.43
CA ALA A 83 -22.73 45.57 27.87
C ALA A 83 -22.23 44.96 29.17
N GLU A 84 -23.15 44.81 30.13
CA GLU A 84 -22.80 44.25 31.43
C GLU A 84 -22.56 42.76 31.30
N LEU A 85 -22.62 42.26 30.07
CA LEU A 85 -22.41 40.84 29.82
C LEU A 85 -21.04 40.67 29.15
N ILE A 86 -20.80 41.45 28.11
CA ILE A 86 -19.53 41.40 27.40
C ILE A 86 -18.42 41.74 28.39
N ALA A 87 -18.58 42.87 29.07
CA ALA A 87 -17.60 43.31 30.06
C ALA A 87 -17.47 42.25 31.15
N GLY A 88 -18.56 41.49 31.34
CA GLY A 88 -18.55 40.44 32.34
C GLY A 88 -17.58 39.34 31.96
N ASN A 89 -17.72 38.82 30.74
CA ASN A 89 -16.84 37.77 30.26
C ASN A 89 -15.43 38.33 30.11
N LEU A 90 -15.34 39.58 29.69
CA LEU A 90 -14.05 40.24 29.51
C LEU A 90 -13.26 40.17 30.81
N GLU A 91 -13.91 40.49 31.91
CA GLU A 91 -13.28 40.47 33.23
C GLU A 91 -12.83 39.06 33.57
N ALA A 92 -13.60 38.07 33.14
CA ALA A 92 -13.27 36.68 33.40
C ALA A 92 -12.05 36.28 32.58
N ASN A 93 -11.98 36.79 31.36
CA ASN A 93 -10.88 36.51 30.46
C ASN A 93 -9.58 37.18 30.93
N LYS A 94 -9.72 38.21 31.76
CA LYS A 94 -8.55 38.90 32.28
C LYS A 94 -7.65 37.92 33.02
N ILE A 95 -8.27 36.95 33.67
CA ILE A 95 -7.52 35.95 34.42
C ILE A 95 -6.61 35.19 33.47
N PHE A 96 -7.19 34.45 32.54
CA PHE A 96 -6.43 33.68 31.57
C PHE A 96 -5.45 34.57 30.81
N SER A 97 -5.91 35.76 30.45
CA SER A 97 -5.06 36.71 29.73
C SER A 97 -3.82 37.03 30.55
N ASP A 98 -4.01 37.28 31.84
CA ASP A 98 -2.89 37.59 32.73
C ASP A 98 -1.97 36.38 32.86
N PHE A 99 -2.56 35.21 33.02
CA PHE A 99 -1.78 33.98 33.15
C PHE A 99 -0.94 33.83 31.90
N GLU A 100 -1.48 34.31 30.78
CA GLU A 100 -0.80 34.25 29.50
C GLU A 100 0.27 35.33 29.41
N ASP A 101 0.16 36.35 30.25
CA ASP A 101 1.12 37.45 30.26
C ASP A 101 2.19 37.30 31.34
N LEU A 102 2.14 36.22 32.09
CA LEU A 102 3.14 35.99 33.13
C LEU A 102 4.51 35.94 32.49
N ASN A 103 5.42 36.81 32.94
CA ASN A 103 6.75 36.83 32.39
C ASN A 103 7.55 35.65 32.91
N VAL A 104 7.11 34.46 32.51
CA VAL A 104 7.75 33.22 32.93
C VAL A 104 7.13 32.06 32.13
N PRO A 105 7.89 30.97 31.94
CA PRO A 105 7.39 29.81 31.19
C PRO A 105 6.21 29.14 31.89
N THR A 106 5.25 28.67 31.11
CA THR A 106 4.07 27.99 31.67
C THR A 106 3.71 26.77 30.83
N VAL A 107 3.55 25.64 31.50
CA VAL A 107 3.21 24.39 30.82
C VAL A 107 1.96 23.76 31.45
N ALA A 108 1.14 23.13 30.61
CA ALA A 108 -0.08 22.49 31.07
C ALA A 108 0.02 20.98 30.90
N ALA A 109 0.24 20.28 32.01
CA ALA A 109 0.36 18.83 31.98
C ALA A 109 -1.03 18.20 32.02
N ILE A 110 -1.61 18.01 30.83
CA ILE A 110 -2.95 17.42 30.72
C ILE A 110 -2.91 15.94 31.04
N ASN A 111 -3.52 15.56 32.16
CA ASN A 111 -3.55 14.16 32.57
C ASN A 111 -4.80 13.46 32.05
N GLY A 112 -5.91 14.19 32.00
CA GLY A 112 -7.15 13.60 31.53
C GLY A 112 -8.03 14.55 30.73
N ILE A 113 -9.33 14.29 30.79
CA ILE A 113 -10.31 15.09 30.08
C ILE A 113 -10.14 16.59 30.31
N ALA A 114 -10.04 17.34 29.22
CA ALA A 114 -9.88 18.78 29.28
C ALA A 114 -10.82 19.38 28.24
N LEU A 115 -12.11 19.44 28.58
CA LEU A 115 -13.12 19.96 27.67
C LEU A 115 -13.61 21.36 28.04
N GLY A 116 -14.14 22.05 27.04
CA GLY A 116 -14.65 23.40 27.24
C GLY A 116 -13.65 24.34 27.87
N GLY A 117 -14.03 24.92 29.01
CA GLY A 117 -13.16 25.85 29.70
C GLY A 117 -11.87 25.18 30.16
N GLY A 118 -11.93 23.87 30.34
CA GLY A 118 -10.76 23.13 30.77
C GLY A 118 -9.62 23.24 29.77
N LEU A 119 -9.97 23.20 28.49
CA LEU A 119 -8.97 23.29 27.43
C LEU A 119 -8.52 24.74 27.28
N GLU A 120 -9.47 25.66 27.42
CA GLU A 120 -9.17 27.09 27.30
C GLU A 120 -8.11 27.52 28.29
N MET A 121 -8.06 26.83 29.44
CA MET A 121 -7.06 27.13 30.46
C MET A 121 -5.70 26.70 29.92
N CYS A 122 -5.68 25.56 29.24
CA CYS A 122 -4.46 25.01 28.66
C CYS A 122 -3.96 25.90 27.51
N LEU A 123 -4.89 26.30 26.64
CA LEU A 123 -4.54 27.14 25.51
C LEU A 123 -3.85 28.42 25.97
N ALA A 124 -4.07 28.79 27.22
CA ALA A 124 -3.48 30.00 27.79
C ALA A 124 -1.98 29.84 28.02
N ALA A 125 -1.58 28.69 28.55
CA ALA A 125 -0.17 28.42 28.81
C ALA A 125 0.63 28.41 27.53
N ASP A 126 1.96 28.44 27.67
CA ASP A 126 2.85 28.42 26.51
C ASP A 126 2.96 27.02 25.93
N PHE A 127 3.32 26.06 26.76
CA PHE A 127 3.47 24.68 26.32
C PHE A 127 2.38 23.80 26.93
N ARG A 128 2.10 22.68 26.27
CA ARG A 128 1.08 21.74 26.74
C ARG A 128 1.52 20.30 26.56
N VAL A 129 1.63 19.59 27.68
CA VAL A 129 2.02 18.18 27.66
C VAL A 129 0.75 17.38 27.83
N MET A 130 0.66 16.23 27.20
CA MET A 130 -0.56 15.43 27.29
C MET A 130 -0.32 13.93 27.40
N ALA A 131 -1.17 13.26 28.19
CA ALA A 131 -1.09 11.83 28.36
C ALA A 131 -1.81 11.18 27.19
N ASP A 132 -1.19 10.15 26.60
CA ASP A 132 -1.76 9.45 25.46
C ASP A 132 -3.17 8.90 25.68
N SER A 133 -3.60 8.82 26.93
CA SER A 133 -4.94 8.29 27.24
C SER A 133 -5.92 9.41 27.56
N ALA A 134 -5.56 10.64 27.21
CA ALA A 134 -6.42 11.78 27.48
C ALA A 134 -7.20 12.24 26.25
N LYS A 135 -8.09 13.21 26.46
CA LYS A 135 -8.91 13.77 25.40
C LYS A 135 -9.17 15.24 25.66
N ILE A 136 -9.28 16.04 24.60
CA ILE A 136 -9.54 17.47 24.72
C ILE A 136 -10.45 17.93 23.60
N GLY A 137 -11.23 18.97 23.87
CA GLY A 137 -12.14 19.49 22.87
C GLY A 137 -13.00 20.64 23.37
N LEU A 138 -13.79 21.21 22.47
CA LEU A 138 -14.66 22.32 22.81
C LEU A 138 -16.09 22.03 22.35
N PRO A 139 -16.84 21.23 23.12
CA PRO A 139 -18.22 20.83 22.83
C PRO A 139 -19.28 21.90 23.14
N GLU A 140 -18.85 23.15 23.26
CA GLU A 140 -19.75 24.26 23.56
C GLU A 140 -20.95 24.31 22.62
N VAL A 141 -20.72 23.96 21.36
CA VAL A 141 -21.77 23.97 20.35
C VAL A 141 -23.02 23.18 20.75
N LYS A 142 -22.82 22.08 21.48
CA LYS A 142 -23.96 21.26 21.92
C LYS A 142 -24.85 22.05 22.87
N LEU A 143 -24.33 23.17 23.36
CA LEU A 143 -25.08 24.02 24.30
C LEU A 143 -25.68 25.25 23.64
N GLY A 144 -25.36 25.45 22.35
CA GLY A 144 -25.89 26.60 21.64
C GLY A 144 -25.01 27.83 21.78
N ILE A 145 -23.81 27.63 22.28
CA ILE A 145 -22.84 28.71 22.48
C ILE A 145 -21.46 28.24 22.07
N TYR A 146 -20.55 29.18 21.86
CA TYR A 146 -19.19 28.84 21.49
C TYR A 146 -18.24 29.29 22.60
N PRO A 147 -17.00 28.75 22.61
CA PRO A 147 -16.01 29.11 23.64
C PRO A 147 -16.09 30.57 24.08
N GLY A 148 -16.16 30.78 25.38
CA GLY A 148 -16.25 32.13 25.92
C GLY A 148 -15.04 32.59 26.70
N PHE A 149 -14.06 31.70 26.85
CA PHE A 149 -12.84 32.03 27.58
C PHE A 149 -11.61 32.05 26.68
N GLY A 150 -11.71 32.79 25.58
CA GLY A 150 -10.59 32.89 24.65
C GLY A 150 -10.46 31.73 23.68
N GLY A 151 -11.42 30.79 23.74
CA GLY A 151 -11.38 29.64 22.86
C GLY A 151 -11.32 30.00 21.39
N THR A 152 -12.17 30.94 20.98
CA THR A 152 -12.22 31.37 19.58
C THR A 152 -11.05 32.28 19.24
N VAL A 153 -10.22 32.55 20.22
CA VAL A 153 -9.07 33.43 20.02
C VAL A 153 -7.76 32.66 19.92
N ARG A 154 -7.48 31.84 20.90
CA ARG A 154 -6.25 31.06 20.95
C ARG A 154 -6.17 29.88 20.00
N LEU A 155 -7.20 29.04 19.98
CA LEU A 155 -7.19 27.86 19.12
C LEU A 155 -6.95 28.18 17.65
N PRO A 156 -7.67 29.17 17.09
CA PRO A 156 -7.49 29.54 15.68
C PRO A 156 -6.07 29.96 15.33
N ARG A 157 -5.40 30.63 16.25
CA ARG A 157 -4.04 31.10 16.02
C ARG A 157 -3.01 30.05 16.42
N LEU A 158 -3.44 29.06 17.20
CA LEU A 158 -2.54 28.02 17.67
C LEU A 158 -2.45 26.83 16.70
N ILE A 159 -3.60 26.36 16.21
CA ILE A 159 -3.62 25.23 15.29
C ILE A 159 -4.05 25.59 13.88
N GLY A 160 -4.58 26.79 13.68
CA GLY A 160 -4.99 27.19 12.35
C GLY A 160 -6.49 27.32 12.19
N VAL A 161 -6.91 28.27 11.36
CA VAL A 161 -8.34 28.53 11.11
C VAL A 161 -9.14 27.26 10.85
N ASP A 162 -8.87 26.63 9.71
CA ASP A 162 -9.58 25.40 9.33
C ASP A 162 -9.69 24.39 10.47
N ASN A 163 -8.58 24.15 11.16
CA ASN A 163 -8.57 23.21 12.27
C ASN A 163 -9.40 23.67 13.46
N ALA A 164 -9.38 24.97 13.71
CA ALA A 164 -10.13 25.54 14.82
C ALA A 164 -11.63 25.48 14.51
N VAL A 165 -12.00 25.91 13.31
CA VAL A 165 -13.39 25.89 12.89
C VAL A 165 -13.96 24.49 13.01
N GLU A 166 -13.14 23.50 12.68
CA GLU A 166 -13.55 22.09 12.74
C GLU A 166 -13.73 21.64 14.18
N TRP A 167 -12.70 21.86 15.00
CA TRP A 167 -12.73 21.48 16.41
C TRP A 167 -13.86 22.16 17.17
N ILE A 168 -14.09 23.44 16.87
CA ILE A 168 -15.13 24.21 17.54
C ILE A 168 -16.55 23.92 17.05
N ALA A 169 -16.79 24.17 15.76
CA ALA A 169 -18.11 23.94 15.18
C ALA A 169 -18.68 22.57 15.49
N SER A 170 -17.84 21.54 15.44
CA SER A 170 -18.28 20.18 15.71
C SER A 170 -18.37 19.92 17.21
N GLY A 171 -17.37 20.38 17.95
CA GLY A 171 -17.36 20.18 19.39
C GLY A 171 -16.96 18.76 19.74
N LYS A 172 -16.23 18.13 18.81
CA LYS A 172 -15.77 16.75 18.99
C LYS A 172 -14.59 16.68 19.95
N GLU A 173 -14.45 15.54 20.63
CA GLU A 173 -13.34 15.34 21.55
C GLU A 173 -12.18 14.90 20.67
N ASN A 174 -10.95 15.07 21.15
CA ASN A 174 -9.78 14.70 20.37
C ASN A 174 -8.78 13.92 21.20
N ARG A 175 -8.33 12.78 20.67
CA ARG A 175 -7.35 11.94 21.34
C ARG A 175 -5.97 12.56 21.24
N ALA A 176 -5.02 12.03 21.99
CA ALA A 176 -3.65 12.53 21.99
C ALA A 176 -3.07 12.60 20.59
N GLU A 177 -3.15 11.49 19.87
CA GLU A 177 -2.61 11.40 18.51
C GLU A 177 -3.09 12.56 17.63
N ASP A 178 -4.39 12.81 17.62
CA ASP A 178 -4.96 13.87 16.81
C ASP A 178 -4.64 15.27 17.35
N ALA A 179 -4.67 15.42 18.66
CA ALA A 179 -4.37 16.70 19.29
C ALA A 179 -2.93 17.12 19.01
N LEU A 180 -2.05 16.13 18.90
CA LEU A 180 -0.64 16.41 18.64
C LEU A 180 -0.42 16.77 17.17
N LYS A 181 -1.10 16.07 16.27
CA LYS A 181 -0.97 16.32 14.84
C LYS A 181 -1.33 17.74 14.43
N VAL A 182 -2.46 18.26 14.92
CA VAL A 182 -2.86 19.61 14.58
C VAL A 182 -2.07 20.61 15.42
N SER A 183 -1.22 20.08 16.28
CA SER A 183 -0.36 20.89 17.14
C SER A 183 -1.11 21.64 18.24
N ALA A 184 -2.17 21.04 18.76
CA ALA A 184 -2.94 21.66 19.84
C ALA A 184 -2.14 21.36 21.10
N VAL A 185 -1.44 20.24 21.06
CA VAL A 185 -0.58 19.79 22.16
C VAL A 185 0.84 19.74 21.59
N ASP A 186 1.83 19.93 22.46
CA ASP A 186 3.21 19.93 22.00
C ASP A 186 3.97 18.64 22.26
N ALA A 187 3.44 17.80 23.14
CA ALA A 187 4.10 16.54 23.45
C ALA A 187 3.16 15.56 24.13
N VAL A 188 3.13 14.34 23.62
CA VAL A 188 2.29 13.30 24.17
C VAL A 188 3.16 12.20 24.77
N VAL A 189 2.85 11.80 25.98
CA VAL A 189 3.60 10.76 26.67
C VAL A 189 2.68 9.87 27.49
N THR A 190 3.24 8.78 28.02
CA THR A 190 2.47 7.86 28.83
C THR A 190 2.08 8.55 30.14
N ALA A 191 0.94 8.15 30.70
CA ALA A 191 0.45 8.73 31.94
C ALA A 191 1.51 8.80 33.04
N ASP A 192 2.29 7.73 33.16
CA ASP A 192 3.34 7.65 34.18
C ASP A 192 4.38 8.76 34.09
N LYS A 193 4.86 9.02 32.88
CA LYS A 193 5.89 10.04 32.67
C LYS A 193 5.35 11.44 32.33
N LEU A 194 4.13 11.72 32.74
CA LEU A 194 3.53 13.03 32.45
C LEU A 194 4.24 14.13 33.23
N GLY A 195 4.29 13.98 34.56
CA GLY A 195 4.94 14.97 35.40
C GLY A 195 6.38 15.25 35.00
N ALA A 196 7.11 14.20 34.66
CA ALA A 196 8.51 14.35 34.26
C ALA A 196 8.62 15.18 32.99
N ALA A 197 7.69 14.98 32.07
CA ALA A 197 7.69 15.70 30.80
C ALA A 197 7.47 17.20 31.03
N ALA A 198 6.47 17.52 31.85
CA ALA A 198 6.16 18.91 32.16
C ALA A 198 7.35 19.59 32.83
N LEU A 199 7.96 18.89 33.77
CA LEU A 199 9.10 19.42 34.51
C LEU A 199 10.30 19.59 33.59
N ASP A 200 10.61 18.53 32.83
CA ASP A 200 11.75 18.57 31.92
C ASP A 200 11.54 19.62 30.83
N LEU A 201 10.30 19.84 30.43
CA LEU A 201 10.00 20.82 29.40
C LEU A 201 10.21 22.24 29.94
N ILE A 202 9.64 22.53 31.09
CA ILE A 202 9.78 23.84 31.72
C ILE A 202 11.24 24.24 31.83
N LYS A 203 12.06 23.35 32.38
CA LYS A 203 13.48 23.63 32.55
C LYS A 203 14.16 23.97 31.23
N ARG A 204 13.66 23.40 30.14
CA ARG A 204 14.23 23.66 28.83
C ARG A 204 13.77 25.02 28.30
N ALA A 205 12.73 25.55 28.90
CA ALA A 205 12.20 26.85 28.50
C ALA A 205 12.96 27.91 29.27
N ILE A 206 13.27 27.61 30.52
CA ILE A 206 14.00 28.52 31.39
C ILE A 206 15.44 28.69 30.91
N SER A 207 16.10 27.57 30.60
CA SER A 207 17.48 27.58 30.13
C SER A 207 17.62 28.44 28.88
N GLY A 208 16.53 28.58 28.15
CA GLY A 208 16.56 29.37 26.93
C GLY A 208 16.59 28.50 25.70
N GLU A 209 16.68 27.18 25.91
CA GLU A 209 16.71 26.25 24.79
C GLU A 209 15.44 26.45 23.99
N LEU A 210 14.31 26.40 24.68
CA LEU A 210 13.01 26.59 24.03
C LEU A 210 12.60 28.04 24.21
N ASP A 211 12.19 28.68 23.11
CA ASP A 211 11.78 30.08 23.16
C ASP A 211 10.30 30.17 23.51
N TYR A 212 9.99 30.10 24.80
CA TYR A 212 8.61 30.15 25.26
C TYR A 212 7.92 31.45 24.84
N LYS A 213 8.71 32.51 24.69
CA LYS A 213 8.17 33.82 24.28
C LYS A 213 7.73 33.79 22.82
N ALA A 214 8.53 33.14 21.98
CA ALA A 214 8.23 33.04 20.56
C ALA A 214 7.04 32.14 20.30
N LYS A 215 6.83 31.16 21.17
CA LYS A 215 5.73 30.23 21.02
C LYS A 215 4.40 30.85 21.48
N ARG A 216 4.50 31.81 22.38
CA ARG A 216 3.32 32.49 22.92
C ARG A 216 2.79 33.53 21.93
N GLN A 217 3.71 34.22 21.27
CA GLN A 217 3.38 35.27 20.31
C GLN A 217 2.23 34.99 19.33
N PRO A 218 2.25 33.84 18.65
CA PRO A 218 1.20 33.48 17.69
C PRO A 218 -0.25 33.78 18.12
N LYS A 219 -0.55 33.65 19.41
CA LYS A 219 -1.90 33.90 19.88
C LYS A 219 -2.08 35.25 20.57
N LEU A 220 -1.24 36.21 20.19
CA LEU A 220 -1.30 37.56 20.75
C LEU A 220 -1.44 38.54 19.60
N GLU A 221 -1.12 38.08 18.39
CA GLU A 221 -1.18 38.91 17.20
C GLU A 221 -2.21 38.42 16.19
N LYS A 222 -2.29 39.12 15.07
CA LYS A 222 -3.21 38.80 13.98
C LYS A 222 -2.95 37.41 13.43
N LEU A 223 -3.87 36.91 12.61
CA LEU A 223 -3.72 35.60 11.99
C LEU A 223 -2.70 35.73 10.88
N LYS A 224 -2.09 34.61 10.49
CA LYS A 224 -1.09 34.61 9.43
C LYS A 224 -1.70 34.50 8.05
N LEU A 225 -3.03 34.41 7.99
CA LEU A 225 -3.72 34.29 6.71
C LEU A 225 -3.84 35.57 5.92
N ASN A 226 -3.73 35.43 4.60
CA ASN A 226 -3.83 36.53 3.66
C ASN A 226 -5.26 37.07 3.70
N ALA A 227 -5.45 38.28 3.19
CA ALA A 227 -6.79 38.86 3.16
C ALA A 227 -7.61 37.96 2.25
N ILE A 228 -6.98 37.51 1.17
CA ILE A 228 -7.64 36.65 0.22
C ILE A 228 -7.81 35.24 0.80
N GLU A 229 -6.75 34.74 1.44
CA GLU A 229 -6.80 33.41 2.04
C GLU A 229 -7.88 33.33 3.11
N GLN A 230 -8.18 34.48 3.71
CA GLN A 230 -9.20 34.55 4.74
C GLN A 230 -10.58 34.43 4.09
N MET A 231 -10.81 35.22 3.05
CA MET A 231 -12.07 35.20 2.33
C MET A 231 -12.43 33.77 1.94
N MET A 232 -11.46 33.05 1.40
CA MET A 232 -11.67 31.67 0.99
C MET A 232 -11.95 30.77 2.19
N ALA A 233 -11.05 30.82 3.17
CA ALA A 233 -11.19 30.01 4.39
C ALA A 233 -12.52 30.19 5.11
N PHE A 234 -12.89 31.44 5.36
CA PHE A 234 -14.13 31.73 6.07
C PHE A 234 -15.41 31.46 5.28
N GLU A 235 -15.47 31.97 4.05
CA GLU A 235 -16.65 31.77 3.22
C GLU A 235 -16.99 30.30 3.01
N THR A 236 -15.97 29.48 2.79
CA THR A 236 -16.18 28.05 2.58
C THR A 236 -16.70 27.44 3.88
N ALA A 237 -16.06 27.80 4.99
CA ALA A 237 -16.45 27.29 6.30
C ALA A 237 -17.89 27.70 6.57
N LYS A 238 -18.16 29.00 6.47
CA LYS A 238 -19.50 29.53 6.69
C LYS A 238 -20.52 28.85 5.79
N GLY A 239 -20.18 28.73 4.51
CA GLY A 239 -21.08 28.11 3.56
C GLY A 239 -21.44 26.67 3.90
N PHE A 240 -20.43 25.82 4.08
CA PHE A 240 -20.67 24.42 4.38
C PHE A 240 -21.53 24.24 5.63
N VAL A 241 -21.25 25.03 6.66
CA VAL A 241 -21.99 24.92 7.90
C VAL A 241 -23.38 25.54 7.76
N ALA A 242 -23.48 26.62 7.00
CA ALA A 242 -24.76 27.29 6.79
C ALA A 242 -25.80 26.33 6.22
N GLY A 243 -25.37 25.46 5.32
CA GLY A 243 -26.27 24.52 4.70
C GLY A 243 -26.69 23.35 5.58
N GLN A 244 -25.80 22.92 6.47
CA GLN A 244 -26.14 21.81 7.34
C GLN A 244 -26.54 22.20 8.75
N ALA A 245 -26.59 23.51 9.01
CA ALA A 245 -27.00 24.02 10.31
C ALA A 245 -28.39 24.63 10.16
N GLY A 246 -28.63 25.23 9.00
CA GLY A 246 -29.92 25.83 8.74
C GLY A 246 -30.17 27.10 9.55
N PRO A 247 -31.30 27.78 9.28
CA PRO A 247 -31.79 29.02 9.91
C PRO A 247 -31.47 29.32 11.36
N ASN A 248 -31.56 28.35 12.27
CA ASN A 248 -31.22 28.67 13.64
C ASN A 248 -29.83 28.18 13.98
N TYR A 249 -28.86 29.03 13.68
CA TYR A 249 -27.46 28.73 13.89
C TYR A 249 -26.89 29.05 15.28
N PRO A 250 -26.64 28.00 16.06
CA PRO A 250 -26.08 28.13 17.41
C PRO A 250 -24.64 28.63 17.35
N ALA A 251 -23.71 27.80 17.79
CA ALA A 251 -22.29 28.16 17.79
C ALA A 251 -21.58 27.98 16.45
N PRO A 252 -21.98 26.98 15.65
CA PRO A 252 -21.34 26.73 14.34
C PRO A 252 -21.15 27.94 13.42
N VAL A 253 -22.24 28.41 12.83
CA VAL A 253 -22.18 29.54 11.90
C VAL A 253 -21.71 30.85 12.53
N GLU A 254 -21.88 30.99 13.83
CA GLU A 254 -21.46 32.20 14.52
C GLU A 254 -19.98 32.20 14.86
N ALA A 255 -19.50 31.07 15.38
CA ALA A 255 -18.09 30.94 15.74
C ALA A 255 -17.19 31.42 14.62
N ILE A 256 -17.55 31.05 13.39
CA ILE A 256 -16.78 31.43 12.21
C ILE A 256 -16.87 32.92 11.91
N LYS A 257 -18.03 33.52 12.15
CA LYS A 257 -18.20 34.94 11.89
C LYS A 257 -17.40 35.73 12.93
N THR A 258 -17.20 35.12 14.10
CA THR A 258 -16.45 35.74 15.18
C THR A 258 -14.96 35.71 14.87
N ILE A 259 -14.50 34.63 14.24
CA ILE A 259 -13.09 34.48 13.89
C ILE A 259 -12.75 35.30 12.65
N GLN A 260 -13.70 35.39 11.74
CA GLN A 260 -13.52 36.14 10.50
C GLN A 260 -13.34 37.62 10.77
N LYS A 261 -14.04 38.12 11.77
CA LYS A 261 -13.96 39.53 12.13
C LYS A 261 -12.71 39.86 12.95
N ALA A 262 -12.44 39.03 13.96
CA ALA A 262 -11.27 39.21 14.82
C ALA A 262 -10.00 38.68 14.17
N ALA A 263 -10.07 38.40 12.87
CA ALA A 263 -8.93 37.87 12.13
C ALA A 263 -7.69 38.76 12.17
N ASN A 264 -7.84 40.02 11.76
CA ASN A 264 -6.73 40.96 11.74
C ASN A 264 -6.45 41.62 13.09
N PHE A 265 -7.07 41.10 14.14
CA PHE A 265 -6.88 41.66 15.48
C PHE A 265 -5.99 40.80 16.36
N GLY A 266 -5.52 41.40 17.46
CA GLY A 266 -4.68 40.68 18.39
C GLY A 266 -5.57 40.09 19.45
N ARG A 267 -4.98 39.52 20.49
CA ARG A 267 -5.75 38.90 21.57
C ARG A 267 -6.84 39.82 22.13
N ASP A 268 -6.43 40.87 22.82
CA ASP A 268 -7.35 41.82 23.43
C ASP A 268 -8.54 42.24 22.57
N LYS A 269 -8.29 42.64 21.34
CA LYS A 269 -9.38 43.07 20.46
C LYS A 269 -10.20 41.87 20.00
N ALA A 270 -9.56 40.71 19.90
CA ALA A 270 -10.25 39.49 19.49
C ALA A 270 -11.17 39.02 20.60
N LEU A 271 -10.76 39.25 21.84
CA LEU A 271 -11.55 38.85 23.00
C LEU A 271 -12.87 39.60 22.99
N GLU A 272 -12.81 40.87 22.63
CA GLU A 272 -14.01 41.71 22.57
C GLU A 272 -14.99 41.15 21.55
N VAL A 273 -14.46 40.67 20.43
CA VAL A 273 -15.28 40.10 19.37
C VAL A 273 -15.96 38.84 19.91
N GLU A 274 -15.16 37.95 20.48
CA GLU A 274 -15.66 36.70 21.04
C GLU A 274 -16.77 36.96 22.05
N ALA A 275 -16.53 37.90 22.95
CA ALA A 275 -17.50 38.25 23.98
C ALA A 275 -18.79 38.78 23.39
N ALA A 276 -18.67 39.75 22.47
CA ALA A 276 -19.84 40.34 21.84
C ALA A 276 -20.73 39.29 21.19
N GLY A 277 -20.15 38.44 20.36
CA GLY A 277 -20.92 37.41 19.70
C GLY A 277 -21.48 36.39 20.67
N PHE A 278 -20.78 36.16 21.76
CA PHE A 278 -21.21 35.21 22.77
C PHE A 278 -22.51 35.68 23.41
N ALA A 279 -22.62 36.99 23.62
CA ALA A 279 -23.80 37.58 24.23
C ALA A 279 -25.00 37.42 23.30
N LYS A 280 -24.77 37.58 22.00
CA LYS A 280 -25.80 37.46 21.00
C LYS A 280 -26.45 36.08 21.00
N LEU A 281 -25.63 35.04 21.10
CA LEU A 281 -26.13 33.66 21.11
C LEU A 281 -26.91 33.34 22.37
N ALA A 282 -26.42 33.81 23.51
CA ALA A 282 -27.07 33.55 24.78
C ALA A 282 -28.42 34.24 24.93
N LYS A 283 -28.56 35.42 24.33
CA LYS A 283 -29.81 36.17 24.45
C LYS A 283 -30.75 36.01 23.26
N THR A 284 -30.35 35.23 22.27
CA THR A 284 -31.18 35.03 21.09
C THR A 284 -31.38 33.54 20.84
N SER A 285 -30.45 32.94 20.12
CA SER A 285 -30.50 31.51 19.79
C SER A 285 -30.68 30.60 21.00
N ALA A 286 -29.81 30.74 21.99
CA ALA A 286 -29.84 29.89 23.17
C ALA A 286 -30.71 30.35 24.34
N SER A 287 -31.40 31.47 24.20
CA SER A 287 -32.25 31.95 25.30
C SER A 287 -33.30 30.88 25.61
N ASN A 288 -33.66 30.10 24.59
CA ASN A 288 -34.63 29.03 24.78
C ASN A 288 -33.85 27.85 25.34
N CYS A 289 -33.25 28.12 26.50
CA CYS A 289 -32.43 27.21 27.30
C CYS A 289 -31.13 26.60 26.81
N LEU A 290 -30.08 26.97 27.53
CA LEU A 290 -28.70 26.52 27.33
C LEU A 290 -28.53 25.60 28.53
N ILE A 291 -29.38 25.87 29.53
CA ILE A 291 -29.41 25.11 30.78
C ILE A 291 -29.72 23.65 30.48
N GLY A 292 -30.76 23.44 29.69
CA GLY A 292 -31.19 22.09 29.35
C GLY A 292 -30.13 21.26 28.64
N LEU A 293 -29.59 21.77 27.54
CA LEU A 293 -28.57 21.07 26.78
C LEU A 293 -27.39 20.70 27.67
N PHE A 294 -27.03 21.62 28.56
CA PHE A 294 -25.91 21.41 29.47
C PHE A 294 -26.16 20.32 30.50
N LEU A 295 -27.24 20.47 31.28
CA LEU A 295 -27.58 19.51 32.31
C LEU A 295 -27.86 18.14 31.69
N ASN A 296 -28.36 18.15 30.46
CA ASN A 296 -28.68 16.92 29.75
C ASN A 296 -27.39 16.18 29.46
N ASP A 297 -26.33 16.93 29.13
CA ASP A 297 -25.04 16.34 28.84
C ASP A 297 -24.45 15.85 30.17
N GLN A 298 -24.68 16.64 31.22
CA GLN A 298 -24.21 16.31 32.56
C GLN A 298 -24.74 14.94 32.95
N GLU A 299 -26.04 14.75 32.77
CA GLU A 299 -26.69 13.47 33.10
C GLU A 299 -26.05 12.33 32.33
N LEU A 300 -25.65 12.59 31.09
CA LEU A 300 -25.06 11.58 30.23
C LEU A 300 -23.64 11.16 30.62
N LYS A 301 -22.78 12.14 30.85
CA LYS A 301 -21.40 11.85 31.22
C LYS A 301 -21.32 11.05 32.50
N LYS A 302 -22.35 11.20 33.34
CA LYS A 302 -22.41 10.49 34.61
C LYS A 302 -23.04 9.12 34.37
N LYS A 303 -24.06 9.10 33.50
CA LYS A 303 -24.76 7.87 33.17
C LYS A 303 -23.77 6.94 32.47
N ALA A 304 -23.05 7.49 31.49
CA ALA A 304 -22.07 6.73 30.74
C ALA A 304 -20.94 6.28 31.66
N LYS A 305 -20.81 6.96 32.80
CA LYS A 305 -19.77 6.62 33.76
C LYS A 305 -20.28 5.56 34.74
N VAL A 306 -21.54 5.67 35.12
CA VAL A 306 -22.13 4.69 36.03
C VAL A 306 -22.10 3.34 35.32
N TYR A 307 -22.49 3.34 34.05
CA TYR A 307 -22.50 2.14 33.23
C TYR A 307 -21.07 1.63 33.12
N ASP A 308 -20.16 2.56 32.84
CA ASP A 308 -18.75 2.28 32.64
C ASP A 308 -18.03 1.35 33.62
N LYS A 309 -18.22 1.53 34.92
CA LYS A 309 -17.50 0.68 35.86
C LYS A 309 -18.27 -0.26 36.78
N ILE A 310 -19.40 -0.77 36.27
CA ILE A 310 -20.21 -1.75 36.98
C ILE A 310 -20.29 -2.82 35.90
N ALA A 311 -20.02 -2.37 34.69
CA ALA A 311 -20.05 -3.19 33.49
C ALA A 311 -19.06 -4.34 33.57
N LYS A 312 -19.43 -5.47 32.99
CA LYS A 312 -18.56 -6.63 32.97
C LYS A 312 -17.62 -6.57 31.78
N ASP A 313 -16.36 -6.89 32.03
CA ASP A 313 -15.35 -6.88 30.99
C ASP A 313 -15.67 -7.97 29.98
N VAL A 314 -15.64 -7.62 28.70
CA VAL A 314 -15.93 -8.58 27.64
C VAL A 314 -14.64 -9.02 26.95
N LYS A 315 -14.00 -10.04 27.51
CA LYS A 315 -12.76 -10.57 26.96
C LYS A 315 -13.02 -11.54 25.81
N GLN A 316 -14.15 -12.24 25.89
CA GLN A 316 -14.53 -13.20 24.86
C GLN A 316 -15.97 -12.97 24.41
N ALA A 317 -16.17 -12.89 23.10
CA ALA A 317 -17.50 -12.65 22.54
C ALA A 317 -17.77 -13.64 21.42
N ALA A 318 -19.01 -13.64 20.94
CA ALA A 318 -19.43 -14.53 19.85
C ALA A 318 -20.69 -13.99 19.19
N VAL A 319 -20.90 -14.37 17.94
CA VAL A 319 -22.07 -13.93 17.20
C VAL A 319 -22.77 -15.12 16.56
N LEU A 320 -24.10 -15.09 16.57
CA LEU A 320 -24.89 -16.17 16.00
C LEU A 320 -25.30 -15.84 14.57
N GLY A 321 -24.69 -16.55 13.61
CA GLY A 321 -25.00 -16.31 12.21
C GLY A 321 -23.95 -15.48 11.51
N ALA A 322 -23.36 -16.03 10.46
CA ALA A 322 -22.33 -15.34 9.69
C ALA A 322 -23.00 -14.63 8.52
N GLY A 323 -22.24 -14.38 7.46
CA GLY A 323 -22.79 -13.73 6.29
C GLY A 323 -22.71 -12.21 6.28
N ILE A 324 -23.88 -11.58 6.22
CA ILE A 324 -23.95 -10.12 6.18
C ILE A 324 -23.69 -9.44 7.53
N MET A 325 -24.68 -9.48 8.42
CA MET A 325 -24.55 -8.87 9.74
C MET A 325 -23.54 -9.57 10.63
N GLY A 326 -23.43 -10.89 10.49
CA GLY A 326 -22.49 -11.63 11.31
C GLY A 326 -21.04 -11.29 10.99
N GLY A 327 -20.75 -11.16 9.71
CA GLY A 327 -19.39 -10.83 9.29
C GLY A 327 -18.97 -9.46 9.76
N GLY A 328 -19.94 -8.57 9.92
CA GLY A 328 -19.64 -7.22 10.38
C GLY A 328 -19.38 -7.19 11.87
N ILE A 329 -20.28 -7.79 12.62
CA ILE A 329 -20.15 -7.84 14.08
C ILE A 329 -18.86 -8.54 14.46
N ALA A 330 -18.45 -9.49 13.63
CA ALA A 330 -17.21 -10.24 13.88
C ALA A 330 -16.02 -9.36 13.53
N TYR A 331 -16.15 -8.61 12.44
CA TYR A 331 -15.09 -7.71 12.00
C TYR A 331 -14.84 -6.63 13.04
N GLN A 332 -15.90 -5.93 13.42
CA GLN A 332 -15.81 -4.86 14.41
C GLN A 332 -15.23 -5.34 15.73
N SER A 333 -15.67 -6.51 16.19
CA SER A 333 -15.19 -7.07 17.44
C SER A 333 -13.74 -7.50 17.32
N ALA A 334 -13.33 -7.88 16.12
CA ALA A 334 -11.96 -8.33 15.88
C ALA A 334 -10.99 -7.17 15.71
N SER A 335 -11.43 -6.13 15.00
CA SER A 335 -10.59 -4.97 14.76
C SER A 335 -10.38 -4.12 16.00
N LYS A 336 -11.12 -4.41 17.07
CA LYS A 336 -11.00 -3.63 18.30
C LYS A 336 -10.48 -4.45 19.49
N GLY A 337 -9.81 -5.55 19.20
CA GLY A 337 -9.24 -6.37 20.26
C GLY A 337 -10.22 -7.18 21.08
N THR A 338 -11.13 -7.89 20.41
CA THR A 338 -12.12 -8.70 21.10
C THR A 338 -12.33 -10.03 20.36
N PRO A 339 -11.67 -11.10 20.80
CA PRO A 339 -11.80 -12.41 20.17
C PRO A 339 -13.27 -12.80 20.03
N ILE A 340 -13.73 -13.00 18.81
CA ILE A 340 -15.13 -13.35 18.58
C ILE A 340 -15.30 -14.66 17.82
N LEU A 341 -16.39 -15.36 18.12
CA LEU A 341 -16.68 -16.63 17.46
C LEU A 341 -17.82 -16.47 16.46
N MET A 342 -17.62 -16.96 15.24
CA MET A 342 -18.66 -16.89 14.21
C MET A 342 -19.39 -18.23 14.17
N LYS A 343 -20.48 -18.31 14.93
CA LYS A 343 -21.26 -19.53 14.99
C LYS A 343 -22.32 -19.55 13.89
N ASP A 344 -22.56 -20.73 13.32
CA ASP A 344 -23.55 -20.89 12.26
C ASP A 344 -23.93 -22.36 12.18
N ILE A 345 -24.84 -22.71 11.26
CA ILE A 345 -25.28 -24.09 11.11
C ILE A 345 -24.67 -24.83 9.93
N ASN A 346 -24.38 -24.11 8.86
CA ASN A 346 -23.80 -24.74 7.67
C ASN A 346 -22.46 -24.10 7.29
N GLU A 347 -21.58 -24.91 6.70
CA GLU A 347 -20.26 -24.46 6.28
C GLU A 347 -20.33 -23.30 5.29
N HIS A 348 -21.39 -23.28 4.49
CA HIS A 348 -21.58 -22.23 3.49
C HIS A 348 -21.71 -20.86 4.14
N GLY A 349 -22.23 -20.83 5.37
CA GLY A 349 -22.40 -19.57 6.06
C GLY A 349 -21.07 -19.00 6.51
N ILE A 350 -20.28 -19.81 7.19
CA ILE A 350 -18.97 -19.39 7.68
C ILE A 350 -18.14 -18.83 6.54
N GLU A 351 -18.27 -19.42 5.35
CA GLU A 351 -17.53 -18.96 4.18
C GLU A 351 -17.89 -17.51 3.86
N GLN A 352 -19.18 -17.21 3.84
CA GLN A 352 -19.66 -15.87 3.55
C GLN A 352 -19.11 -14.87 4.56
N GLY A 353 -19.14 -15.25 5.83
CA GLY A 353 -18.65 -14.37 6.88
C GLY A 353 -17.17 -14.10 6.76
N LEU A 354 -16.37 -15.18 6.77
CA LEU A 354 -14.93 -15.06 6.66
C LEU A 354 -14.53 -14.27 5.41
N ALA A 355 -15.29 -14.45 4.34
CA ALA A 355 -15.03 -13.76 3.08
C ALA A 355 -15.20 -12.25 3.23
N GLU A 356 -16.36 -11.84 3.73
CA GLU A 356 -16.66 -10.42 3.91
C GLU A 356 -15.68 -9.75 4.87
N ALA A 357 -15.34 -10.43 5.95
CA ALA A 357 -14.40 -9.90 6.93
C ALA A 357 -13.04 -9.74 6.28
N ALA A 358 -12.72 -10.65 5.37
CA ALA A 358 -11.46 -10.63 4.65
C ALA A 358 -11.44 -9.51 3.61
N LYS A 359 -12.57 -9.31 2.95
CA LYS A 359 -12.68 -8.28 1.92
C LYS A 359 -12.46 -6.88 2.49
N LEU A 360 -12.90 -6.68 3.74
CA LEU A 360 -12.75 -5.39 4.40
C LEU A 360 -11.30 -5.16 4.83
N LEU A 361 -10.70 -6.18 5.42
CA LEU A 361 -9.32 -6.11 5.88
C LEU A 361 -8.37 -5.87 4.71
N VAL A 362 -8.56 -6.62 3.64
CA VAL A 362 -7.72 -6.49 2.46
C VAL A 362 -7.96 -5.12 1.83
N GLY A 363 -9.19 -4.62 1.95
CA GLY A 363 -9.53 -3.33 1.40
C GLY A 363 -8.63 -2.21 1.90
N ARG A 364 -8.29 -2.25 3.18
CA ARG A 364 -7.43 -1.22 3.76
C ARG A 364 -5.96 -1.47 3.45
N VAL A 365 -5.56 -2.73 3.42
CA VAL A 365 -4.17 -3.09 3.13
C VAL A 365 -3.83 -2.80 1.68
N ASP A 366 -4.80 -3.02 0.80
CA ASP A 366 -4.62 -2.82 -0.64
C ASP A 366 -4.61 -1.35 -1.07
N LYS A 367 -4.35 -0.45 -0.14
CA LYS A 367 -4.29 0.97 -0.44
C LYS A 367 -3.26 1.62 0.48
N GLY A 368 -2.99 0.96 1.61
CA GLY A 368 -2.00 1.47 2.55
C GLY A 368 -2.41 1.80 3.97
N ARG A 369 -3.70 1.73 4.30
CA ARG A 369 -4.14 2.07 5.65
C ARG A 369 -4.00 1.00 6.75
N MET A 370 -3.88 -0.27 6.38
CA MET A 370 -3.72 -1.31 7.40
C MET A 370 -2.49 -2.19 7.17
N THR A 371 -1.81 -2.53 8.27
CA THR A 371 -0.61 -3.35 8.22
C THR A 371 -0.92 -4.82 7.98
N PRO A 372 -0.14 -5.48 7.11
CA PRO A 372 -0.35 -6.90 6.81
C PRO A 372 -0.29 -7.73 8.08
N ALA A 373 0.51 -7.27 9.04
CA ALA A 373 0.66 -7.96 10.31
C ALA A 373 -0.58 -7.70 11.16
N LYS A 374 -1.25 -6.59 10.89
CA LYS A 374 -2.46 -6.24 11.62
C LYS A 374 -3.63 -7.06 11.11
N MET A 375 -3.67 -7.28 9.80
CA MET A 375 -4.75 -8.07 9.19
C MET A 375 -4.67 -9.50 9.71
N ALA A 376 -3.47 -9.92 10.08
CA ALA A 376 -3.27 -11.27 10.59
C ALA A 376 -3.94 -11.41 11.96
N GLU A 377 -3.64 -10.48 12.85
CA GLU A 377 -4.22 -10.50 14.19
C GLU A 377 -5.75 -10.48 14.13
N VAL A 378 -6.29 -9.54 13.38
CA VAL A 378 -7.74 -9.42 13.24
C VAL A 378 -8.36 -10.73 12.78
N LEU A 379 -7.78 -11.34 11.76
CA LEU A 379 -8.27 -12.61 11.23
C LEU A 379 -8.22 -13.73 12.26
N ASN A 380 -7.17 -13.75 13.08
CA ASN A 380 -7.03 -14.77 14.10
C ASN A 380 -8.02 -14.53 15.23
N GLY A 381 -8.43 -13.26 15.39
CA GLY A 381 -9.38 -12.93 16.42
C GLY A 381 -10.74 -13.53 16.13
N ILE A 382 -11.05 -13.69 14.86
CA ILE A 382 -12.32 -14.27 14.43
C ILE A 382 -12.14 -15.78 14.36
N ARG A 383 -12.93 -16.51 15.13
CA ARG A 383 -12.83 -17.96 15.13
C ARG A 383 -14.14 -18.66 14.74
N PRO A 384 -14.16 -19.24 13.54
CA PRO A 384 -15.31 -19.96 12.98
C PRO A 384 -15.74 -21.14 13.84
N THR A 385 -16.98 -21.57 13.69
CA THR A 385 -17.50 -22.70 14.44
C THR A 385 -18.94 -23.02 14.05
N LEU A 386 -19.29 -24.30 14.17
CA LEU A 386 -20.64 -24.76 13.86
C LEU A 386 -21.28 -25.43 15.08
N SER A 387 -20.63 -25.29 16.23
CA SER A 387 -21.13 -25.86 17.47
C SER A 387 -21.00 -24.85 18.60
N TYR A 388 -21.21 -25.30 19.83
CA TYR A 388 -21.12 -24.43 21.00
C TYR A 388 -20.05 -24.94 21.97
N GLY A 389 -19.18 -25.83 21.48
CA GLY A 389 -18.15 -26.39 22.32
C GLY A 389 -17.17 -25.40 22.95
N ASP A 390 -16.93 -24.29 22.27
CA ASP A 390 -15.99 -23.28 22.77
C ASP A 390 -16.65 -22.07 23.43
N PHE A 391 -17.98 -22.11 23.56
CA PHE A 391 -18.71 -21.01 24.18
C PHE A 391 -18.59 -21.01 25.70
N GLY A 392 -17.64 -21.79 26.22
CA GLY A 392 -17.45 -21.87 27.66
C GLY A 392 -17.02 -20.61 28.36
N ASN A 393 -16.13 -19.83 27.74
CA ASN A 393 -15.64 -18.60 28.37
C ASN A 393 -16.17 -17.32 27.75
N VAL A 394 -17.16 -17.43 26.88
CA VAL A 394 -17.73 -16.25 26.22
C VAL A 394 -18.51 -15.43 27.25
N ASP A 395 -18.26 -14.14 27.28
CA ASP A 395 -18.94 -13.25 28.23
C ASP A 395 -20.21 -12.64 27.66
N LEU A 396 -20.17 -12.25 26.39
CA LEU A 396 -21.33 -11.65 25.75
C LEU A 396 -21.58 -12.30 24.39
N VAL A 397 -22.83 -12.69 24.16
CA VAL A 397 -23.21 -13.34 22.90
C VAL A 397 -24.23 -12.49 22.14
N VAL A 398 -23.99 -12.33 20.84
CA VAL A 398 -24.89 -11.55 19.99
C VAL A 398 -25.57 -12.46 18.97
N GLU A 399 -26.86 -12.23 18.76
CA GLU A 399 -27.63 -13.03 17.80
C GLU A 399 -27.87 -12.26 16.51
N ALA A 400 -27.75 -12.94 15.38
CA ALA A 400 -27.96 -12.31 14.08
C ALA A 400 -28.79 -13.21 13.17
N VAL A 401 -29.50 -14.16 13.78
CA VAL A 401 -30.33 -15.09 13.04
C VAL A 401 -31.42 -14.35 12.26
N VAL A 402 -31.94 -14.99 11.22
CA VAL A 402 -32.97 -14.39 10.38
C VAL A 402 -34.12 -13.79 11.20
N GLU A 403 -34.76 -12.77 10.64
CA GLU A 403 -35.88 -12.11 11.31
C GLU A 403 -37.07 -13.04 11.49
N ASN A 404 -37.12 -13.69 12.65
CA ASN A 404 -38.20 -14.61 12.95
C ASN A 404 -38.32 -14.80 14.46
N PRO A 405 -39.41 -14.29 15.06
CA PRO A 405 -39.65 -14.39 16.50
C PRO A 405 -39.42 -15.80 17.04
N LYS A 406 -40.00 -16.79 16.37
CA LYS A 406 -39.85 -18.18 16.78
C LYS A 406 -38.41 -18.65 16.72
N VAL A 407 -37.81 -18.53 15.53
CA VAL A 407 -36.43 -18.94 15.31
C VAL A 407 -35.48 -18.29 16.31
N LYS A 408 -35.51 -16.97 16.40
CA LYS A 408 -34.65 -16.25 17.32
C LYS A 408 -34.78 -16.76 18.75
N GLN A 409 -36.01 -17.06 19.16
CA GLN A 409 -36.24 -17.56 20.51
C GLN A 409 -35.59 -18.91 20.73
N ALA A 410 -35.70 -19.80 19.75
CA ALA A 410 -35.12 -21.12 19.84
C ALA A 410 -33.60 -21.03 19.92
N VAL A 411 -33.02 -20.22 19.05
CA VAL A 411 -31.57 -20.03 19.00
C VAL A 411 -31.06 -19.44 20.31
N LEU A 412 -31.69 -18.35 20.75
CA LEU A 412 -31.31 -17.68 21.98
C LEU A 412 -31.36 -18.62 23.18
N ALA A 413 -32.48 -19.32 23.33
CA ALA A 413 -32.65 -20.25 24.44
C ALA A 413 -31.63 -21.37 24.36
N GLU A 414 -31.23 -21.71 23.14
CA GLU A 414 -30.27 -22.77 22.90
C GLU A 414 -28.88 -22.42 23.42
N VAL A 415 -28.37 -21.26 23.01
CA VAL A 415 -27.05 -20.80 23.43
C VAL A 415 -26.96 -20.58 24.93
N GLU A 416 -28.10 -20.28 25.55
CA GLU A 416 -28.17 -20.04 26.98
C GLU A 416 -27.79 -21.27 27.79
N ASN A 417 -27.80 -22.43 27.14
CA ASN A 417 -27.45 -23.68 27.80
C ASN A 417 -26.02 -24.11 27.48
N HIS A 418 -25.24 -23.21 26.90
CA HIS A 418 -23.86 -23.51 26.54
C HIS A 418 -22.87 -22.42 26.94
N VAL A 419 -23.31 -21.49 27.79
CA VAL A 419 -22.47 -20.40 28.25
C VAL A 419 -22.61 -20.25 29.76
N ARG A 420 -21.72 -19.46 30.37
CA ARG A 420 -21.80 -19.24 31.81
C ARG A 420 -23.16 -18.64 32.11
N GLU A 421 -23.61 -18.76 33.36
CA GLU A 421 -24.91 -18.22 33.72
C GLU A 421 -24.85 -16.70 33.84
N ASP A 422 -23.67 -16.19 34.14
CA ASP A 422 -23.48 -14.75 34.29
C ASP A 422 -23.16 -14.07 32.95
N ALA A 423 -23.32 -14.80 31.86
CA ALA A 423 -23.04 -14.26 30.53
C ALA A 423 -24.22 -13.46 30.01
N ILE A 424 -23.95 -12.42 29.23
CA ILE A 424 -25.00 -11.58 28.67
C ILE A 424 -25.34 -11.97 27.23
N LEU A 425 -26.64 -12.04 26.94
CA LEU A 425 -27.11 -12.38 25.61
C LEU A 425 -27.76 -11.15 25.00
N ALA A 426 -27.56 -10.95 23.69
CA ALA A 426 -28.13 -9.79 23.02
C ALA A 426 -28.52 -10.10 21.57
N SER A 427 -29.72 -9.69 21.20
CA SER A 427 -30.22 -9.90 19.84
C SER A 427 -29.97 -8.66 19.01
N ASN A 428 -29.79 -8.85 17.70
CA ASN A 428 -29.55 -7.73 16.79
C ASN A 428 -30.80 -7.42 15.97
N THR A 429 -31.91 -8.08 16.32
CA THR A 429 -33.18 -7.89 15.61
C THR A 429 -33.53 -6.41 15.46
N SER A 430 -34.44 -6.13 14.53
CA SER A 430 -34.85 -4.75 14.28
C SER A 430 -36.36 -4.55 14.29
N THR A 431 -37.11 -5.63 14.04
CA THR A 431 -38.57 -5.53 14.01
C THR A 431 -39.26 -6.45 15.02
N ILE A 432 -38.48 -7.03 15.93
CA ILE A 432 -39.04 -7.91 16.95
C ILE A 432 -38.81 -7.40 18.36
N SER A 433 -39.83 -7.51 19.20
CA SER A 433 -39.76 -7.05 20.58
C SER A 433 -38.77 -7.85 21.41
N ILE A 434 -37.86 -7.15 22.08
CA ILE A 434 -36.87 -7.80 22.93
C ILE A 434 -37.56 -8.47 24.11
N SER A 435 -38.58 -7.80 24.63
CA SER A 435 -39.34 -8.33 25.77
C SER A 435 -40.04 -9.64 25.39
N LEU A 436 -40.23 -9.83 24.09
CA LEU A 436 -40.88 -11.04 23.59
C LEU A 436 -39.86 -12.17 23.51
N LEU A 437 -38.70 -11.87 22.93
CA LEU A 437 -37.63 -12.85 22.79
C LEU A 437 -37.15 -13.36 24.13
N ALA A 438 -37.06 -12.46 25.10
CA ALA A 438 -36.60 -12.80 26.44
C ALA A 438 -37.41 -13.89 27.12
N LYS A 439 -38.69 -13.98 26.80
CA LYS A 439 -39.56 -14.98 27.41
C LYS A 439 -39.11 -16.42 27.16
N ALA A 440 -38.43 -16.64 26.04
CA ALA A 440 -37.94 -17.98 25.72
C ALA A 440 -36.82 -18.36 26.66
N LEU A 441 -35.93 -17.41 26.91
CA LEU A 441 -34.78 -17.61 27.79
C LEU A 441 -35.21 -17.86 29.23
N LYS A 442 -34.30 -18.42 30.02
CA LYS A 442 -34.56 -18.71 31.42
C LYS A 442 -33.80 -17.70 32.29
N ARG A 443 -33.06 -16.82 31.63
CA ARG A 443 -32.29 -15.78 32.31
C ARG A 443 -32.46 -14.46 31.58
N PRO A 444 -33.70 -13.92 31.58
CA PRO A 444 -34.02 -12.64 30.92
C PRO A 444 -33.24 -11.45 31.43
N GLU A 445 -32.78 -11.52 32.67
CA GLU A 445 -32.04 -10.41 33.27
C GLU A 445 -30.76 -10.12 32.48
N ASN A 446 -30.20 -11.15 31.87
CA ASN A 446 -28.97 -11.00 31.10
C ASN A 446 -29.24 -10.76 29.63
N PHE A 447 -30.51 -10.74 29.24
CA PHE A 447 -30.87 -10.51 27.85
C PHE A 447 -31.31 -9.09 27.58
N VAL A 448 -30.76 -8.50 26.53
CA VAL A 448 -31.08 -7.13 26.13
C VAL A 448 -31.11 -7.07 24.61
N GLY A 449 -31.05 -5.86 24.07
CA GLY A 449 -31.06 -5.70 22.63
C GLY A 449 -29.90 -4.85 22.16
N MET A 450 -29.09 -5.41 21.27
CA MET A 450 -27.95 -4.68 20.72
C MET A 450 -28.20 -4.53 19.23
N HIS A 451 -28.69 -3.36 18.84
CA HIS A 451 -29.04 -3.09 17.45
C HIS A 451 -27.94 -2.40 16.65
N PHE A 452 -27.44 -3.07 15.62
CA PHE A 452 -26.42 -2.52 14.75
C PHE A 452 -27.09 -2.09 13.45
N PHE A 453 -26.45 -1.19 12.70
CA PHE A 453 -27.02 -0.72 11.45
C PHE A 453 -26.14 -1.08 10.26
N ASN A 454 -26.76 -1.67 9.24
CA ASN A 454 -26.08 -2.09 8.02
C ASN A 454 -25.55 -0.88 7.25
N PRO A 455 -24.24 -0.86 6.95
CA PRO A 455 -23.22 -1.86 7.28
C PRO A 455 -22.67 -1.68 8.70
N VAL A 456 -22.40 -2.79 9.37
CA VAL A 456 -21.89 -2.76 10.74
C VAL A 456 -20.64 -1.92 10.92
N HIS A 457 -19.77 -1.89 9.90
CA HIS A 457 -18.53 -1.13 9.98
C HIS A 457 -18.65 0.34 9.57
N MET A 458 -19.77 0.69 8.94
CA MET A 458 -20.00 2.07 8.50
C MET A 458 -20.77 2.91 9.52
N MET A 459 -21.98 2.46 9.85
CA MET A 459 -22.83 3.19 10.79
C MET A 459 -22.31 3.17 12.22
N PRO A 460 -22.27 4.34 12.86
CA PRO A 460 -21.80 4.55 14.24
C PRO A 460 -22.74 4.06 15.35
N LEU A 461 -24.01 4.47 15.26
CA LEU A 461 -25.00 4.13 16.26
C LEU A 461 -25.31 2.66 16.48
N VAL A 462 -25.51 2.30 17.75
CA VAL A 462 -25.84 0.95 18.16
C VAL A 462 -26.86 1.08 19.29
N GLU A 463 -28.12 0.78 19.01
CA GLU A 463 -29.17 0.88 20.01
C GLU A 463 -29.09 -0.22 21.04
N VAL A 464 -29.21 0.14 22.30
CA VAL A 464 -29.18 -0.83 23.39
C VAL A 464 -30.62 -0.97 23.89
N ILE A 465 -31.41 -1.76 23.19
CA ILE A 465 -32.81 -1.97 23.55
C ILE A 465 -32.97 -2.76 24.84
N ARG A 466 -33.35 -2.06 25.90
CA ARG A 466 -33.54 -2.71 27.19
C ARG A 466 -34.93 -3.31 27.29
N GLY A 467 -34.99 -4.59 27.67
CA GLY A 467 -36.26 -5.27 27.80
C GLY A 467 -36.88 -4.92 29.14
N GLU A 468 -38.07 -5.43 29.40
CA GLU A 468 -38.74 -5.14 30.68
C GLU A 468 -38.06 -5.86 31.83
N LYS A 469 -37.40 -6.98 31.53
CA LYS A 469 -36.71 -7.77 32.56
C LYS A 469 -35.19 -7.72 32.41
N SER A 470 -34.67 -6.65 31.83
CA SER A 470 -33.23 -6.51 31.63
C SER A 470 -32.57 -5.82 32.81
N SER A 471 -31.52 -6.44 33.34
CA SER A 471 -30.78 -5.88 34.47
C SER A 471 -29.85 -4.76 34.00
N ASP A 472 -29.49 -3.86 34.90
CA ASP A 472 -28.60 -2.75 34.56
C ASP A 472 -27.23 -3.26 34.13
N LEU A 473 -26.77 -4.31 34.79
CA LEU A 473 -25.46 -4.89 34.48
C LEU A 473 -25.46 -5.37 33.03
N ALA A 474 -26.61 -5.89 32.60
CA ALA A 474 -26.75 -6.39 31.22
C ALA A 474 -26.56 -5.23 30.25
N VAL A 475 -27.28 -4.15 30.47
CA VAL A 475 -27.20 -2.98 29.61
C VAL A 475 -25.82 -2.35 29.67
N ALA A 476 -25.28 -2.23 30.89
CA ALA A 476 -23.96 -1.64 31.10
C ALA A 476 -22.89 -2.35 30.27
N THR A 477 -22.88 -3.68 30.35
CA THR A 477 -21.90 -4.46 29.62
C THR A 477 -22.03 -4.25 28.11
N THR A 478 -23.27 -4.26 27.61
CA THR A 478 -23.52 -4.07 26.19
C THR A 478 -23.07 -2.70 25.74
N VAL A 479 -23.43 -1.67 26.50
CA VAL A 479 -23.05 -0.30 26.18
C VAL A 479 -21.53 -0.18 26.07
N ALA A 480 -20.84 -0.70 27.07
CA ALA A 480 -19.39 -0.66 27.10
C ALA A 480 -18.79 -1.41 25.92
N TYR A 481 -19.33 -2.61 25.67
CA TYR A 481 -18.85 -3.44 24.57
C TYR A 481 -19.00 -2.72 23.23
N ALA A 482 -20.01 -1.86 23.14
CA ALA A 482 -20.26 -1.10 21.91
C ALA A 482 -19.20 -0.01 21.77
N LYS A 483 -18.94 0.70 22.87
CA LYS A 483 -17.95 1.76 22.88
C LYS A 483 -16.57 1.23 22.54
N LYS A 484 -16.25 0.04 23.06
CA LYS A 484 -14.95 -0.55 22.79
C LYS A 484 -14.79 -0.85 21.29
N MET A 485 -15.91 -1.15 20.64
CA MET A 485 -15.88 -1.44 19.21
C MET A 485 -15.94 -0.14 18.42
N GLY A 486 -15.54 0.95 19.05
CA GLY A 486 -15.55 2.24 18.39
C GLY A 486 -16.91 2.71 17.93
N LYS A 487 -17.93 2.48 18.75
CA LYS A 487 -19.29 2.86 18.41
C LYS A 487 -19.82 3.91 19.39
N ASN A 488 -21.07 4.32 19.19
CA ASN A 488 -21.72 5.30 20.04
C ASN A 488 -23.07 4.73 20.47
N PRO A 489 -23.10 3.96 21.56
CA PRO A 489 -24.32 3.34 22.07
C PRO A 489 -25.25 4.29 22.82
N ILE A 490 -26.55 4.00 22.75
CA ILE A 490 -27.57 4.78 23.43
C ILE A 490 -28.64 3.83 23.95
N VAL A 491 -28.99 3.98 25.23
CA VAL A 491 -29.99 3.12 25.84
C VAL A 491 -31.41 3.50 25.44
N VAL A 492 -32.13 2.52 24.90
CA VAL A 492 -33.50 2.73 24.45
C VAL A 492 -34.40 1.62 24.97
N ASN A 493 -35.59 1.97 25.45
CA ASN A 493 -36.53 0.98 25.96
C ASN A 493 -37.23 0.27 24.82
N ASP A 494 -37.56 -1.00 25.03
CA ASP A 494 -38.23 -1.83 24.02
C ASP A 494 -39.56 -1.26 23.53
N CYS A 495 -39.71 -1.17 22.21
CA CYS A 495 -40.93 -0.67 21.59
C CYS A 495 -40.84 -0.92 20.09
N PRO A 496 -42.00 -1.15 19.44
CA PRO A 496 -42.04 -1.40 17.99
C PRO A 496 -41.33 -0.32 17.18
N GLY A 497 -40.20 -0.68 16.59
CA GLY A 497 -39.44 0.28 15.80
C GLY A 497 -38.37 0.92 16.65
N PHE A 498 -38.39 0.61 17.94
CA PHE A 498 -37.43 1.16 18.87
C PHE A 498 -37.45 2.68 18.75
N LEU A 499 -36.28 3.30 18.63
CA LEU A 499 -36.23 4.75 18.53
C LEU A 499 -36.04 5.22 17.09
N VAL A 500 -34.88 4.91 16.51
CA VAL A 500 -34.56 5.31 15.15
C VAL A 500 -35.64 4.96 14.12
N ASN A 501 -35.78 3.68 13.82
CA ASN A 501 -36.77 3.22 12.85
C ASN A 501 -38.18 3.74 13.12
N ARG A 502 -38.58 3.73 14.39
CA ARG A 502 -39.91 4.21 14.76
C ARG A 502 -40.13 5.65 14.34
N VAL A 503 -39.04 6.42 14.30
CA VAL A 503 -39.11 7.83 13.93
C VAL A 503 -38.81 8.03 12.45
N LEU A 504 -38.07 7.09 11.86
CA LEU A 504 -37.70 7.19 10.46
C LEU A 504 -38.85 7.03 9.46
N PHE A 505 -39.83 6.19 9.79
CA PHE A 505 -40.94 6.00 8.87
C PHE A 505 -42.01 7.09 8.90
N PRO A 506 -42.28 7.66 10.07
CA PRO A 506 -43.31 8.73 10.06
C PRO A 506 -42.78 9.81 9.12
N TYR A 507 -41.46 9.96 9.10
CA TYR A 507 -40.78 10.92 8.25
C TYR A 507 -41.09 10.57 6.81
N PHE A 508 -41.03 9.27 6.50
CA PHE A 508 -41.31 8.78 5.16
C PHE A 508 -42.80 8.90 4.88
N GLY A 509 -43.60 8.97 5.95
CA GLY A 509 -45.03 9.10 5.79
C GLY A 509 -45.33 10.46 5.16
N GLY A 510 -44.54 11.45 5.55
CA GLY A 510 -44.73 12.79 5.00
C GLY A 510 -44.32 12.78 3.54
N PHE A 511 -43.36 11.94 3.21
CA PHE A 511 -42.89 11.83 1.84
C PHE A 511 -43.97 11.18 0.99
N ALA A 512 -44.49 10.05 1.47
CA ALA A 512 -45.54 9.32 0.78
C ALA A 512 -46.71 10.25 0.45
N LYS A 513 -47.02 11.15 1.38
CA LYS A 513 -48.11 12.10 1.18
C LYS A 513 -47.78 13.08 0.06
N LEU A 514 -46.52 13.51 0.01
CA LEU A 514 -46.08 14.45 -1.01
C LEU A 514 -46.26 13.86 -2.40
N VAL A 515 -45.75 12.65 -2.59
CA VAL A 515 -45.84 11.97 -3.88
C VAL A 515 -47.30 11.82 -4.29
N SER A 516 -48.16 11.54 -3.30
CA SER A 516 -49.58 11.37 -3.57
C SER A 516 -50.23 12.71 -3.91
N ALA A 517 -49.55 13.79 -3.55
CA ALA A 517 -50.05 15.13 -3.82
C ALA A 517 -49.44 15.71 -5.09
N GLY A 518 -49.01 14.83 -5.99
CA GLY A 518 -48.42 15.27 -7.24
C GLY A 518 -47.08 15.98 -7.12
N VAL A 519 -46.44 15.87 -5.97
CA VAL A 519 -45.14 16.51 -5.76
C VAL A 519 -44.01 15.63 -6.31
N ASP A 520 -43.16 16.22 -7.14
CA ASP A 520 -42.04 15.50 -7.73
C ASP A 520 -41.03 15.14 -6.66
N PHE A 521 -40.79 13.85 -6.46
CA PHE A 521 -39.85 13.40 -5.44
C PHE A 521 -38.45 13.92 -5.69
N VAL A 522 -38.10 14.15 -6.96
CA VAL A 522 -36.78 14.66 -7.29
C VAL A 522 -36.62 16.03 -6.66
N ARG A 523 -37.66 16.84 -6.73
CA ARG A 523 -37.64 18.18 -6.14
C ARG A 523 -37.61 18.04 -4.63
N ILE A 524 -38.31 17.02 -4.13
CA ILE A 524 -38.39 16.76 -2.70
C ILE A 524 -37.03 16.53 -2.04
N ASP A 525 -36.31 15.51 -2.48
CA ASP A 525 -35.00 15.23 -1.90
C ASP A 525 -33.94 16.30 -2.14
N LYS A 526 -34.09 17.06 -3.23
CA LYS A 526 -33.12 18.12 -3.50
C LYS A 526 -33.31 19.20 -2.43
N VAL A 527 -34.53 19.30 -1.93
CA VAL A 527 -34.87 20.25 -0.88
C VAL A 527 -34.43 19.69 0.46
N MET A 528 -34.58 18.39 0.65
CA MET A 528 -34.19 17.75 1.89
C MET A 528 -32.67 17.66 2.01
N GLU A 529 -31.99 17.62 0.86
CA GLU A 529 -30.54 17.58 0.84
C GLU A 529 -30.02 18.99 1.04
N LYS A 530 -30.86 19.96 0.70
CA LYS A 530 -30.51 21.37 0.87
C LYS A 530 -30.79 21.72 2.32
N PHE A 531 -31.54 20.85 2.99
CA PHE A 531 -31.89 21.03 4.40
C PHE A 531 -30.73 20.58 5.25
N GLY A 532 -30.08 19.48 4.85
CA GLY A 532 -28.96 18.97 5.60
C GLY A 532 -28.87 17.45 5.63
N TRP A 533 -29.90 16.78 5.14
CA TRP A 533 -29.90 15.33 5.13
C TRP A 533 -28.89 14.72 4.17
N PRO A 534 -28.20 13.65 4.59
CA PRO A 534 -27.20 12.97 3.77
C PRO A 534 -27.81 12.54 2.45
N MET A 535 -28.86 11.73 2.54
CA MET A 535 -29.56 11.24 1.36
C MET A 535 -31.00 11.74 1.36
N GLY A 536 -31.58 11.81 0.17
CA GLY A 536 -32.95 12.27 0.06
C GLY A 536 -33.94 11.16 0.36
N PRO A 537 -35.20 11.50 0.66
CA PRO A 537 -36.25 10.52 0.97
C PRO A 537 -36.38 9.41 -0.07
N ALA A 538 -36.61 9.81 -1.32
CA ALA A 538 -36.77 8.87 -2.42
C ALA A 538 -35.50 8.03 -2.61
N TYR A 539 -34.35 8.71 -2.64
CA TYR A 539 -33.07 8.04 -2.81
C TYR A 539 -32.79 7.07 -1.67
N LEU A 540 -33.11 7.49 -0.46
CA LEU A 540 -32.89 6.64 0.72
C LEU A 540 -33.75 5.39 0.58
N MET A 541 -35.02 5.59 0.24
CA MET A 541 -35.96 4.49 0.06
C MET A 541 -35.39 3.44 -0.89
N ASP A 542 -34.72 3.91 -1.94
CA ASP A 542 -34.14 3.00 -2.92
C ASP A 542 -32.99 2.22 -2.32
N VAL A 543 -32.18 2.90 -1.51
CA VAL A 543 -31.04 2.26 -0.86
C VAL A 543 -31.52 1.18 0.09
N VAL A 544 -32.50 1.53 0.93
CA VAL A 544 -33.06 0.58 1.88
C VAL A 544 -33.79 -0.54 1.16
N GLY A 545 -34.45 -0.18 0.06
CA GLY A 545 -35.19 -1.17 -0.72
C GLY A 545 -36.69 -1.03 -0.54
N ILE A 546 -37.41 -0.88 -1.65
CA ILE A 546 -38.86 -0.74 -1.62
C ILE A 546 -39.51 -1.95 -0.96
N ASP A 547 -38.92 -3.14 -1.18
CA ASP A 547 -39.45 -4.37 -0.60
C ASP A 547 -39.28 -4.34 0.91
N THR A 548 -38.17 -3.76 1.37
CA THR A 548 -37.89 -3.67 2.79
C THR A 548 -38.81 -2.64 3.43
N GLY A 549 -38.80 -1.43 2.87
CA GLY A 549 -39.65 -0.37 3.38
C GLY A 549 -41.11 -0.77 3.41
N HIS A 550 -41.50 -1.61 2.46
CA HIS A 550 -42.88 -2.08 2.37
C HIS A 550 -43.20 -2.96 3.57
N HIS A 551 -42.25 -3.81 3.96
CA HIS A 551 -42.44 -4.70 5.10
C HIS A 551 -42.44 -3.89 6.39
N GLY A 552 -41.49 -2.97 6.50
CA GLY A 552 -41.41 -2.13 7.69
C GLY A 552 -42.68 -1.35 7.96
N ARG A 553 -43.33 -0.92 6.88
CA ARG A 553 -44.56 -0.15 6.99
C ARG A 553 -45.60 -0.94 7.77
N ASP A 554 -45.73 -2.22 7.44
CA ASP A 554 -46.68 -3.09 8.11
C ASP A 554 -46.31 -3.30 9.58
N VAL A 555 -45.00 -3.36 9.84
CA VAL A 555 -44.51 -3.55 11.20
C VAL A 555 -44.88 -2.38 12.10
N MET A 556 -44.83 -1.17 11.54
CA MET A 556 -45.16 0.03 12.30
C MET A 556 -46.66 0.25 12.36
N ALA A 557 -47.36 -0.13 11.28
CA ALA A 557 -48.81 0.03 11.22
C ALA A 557 -49.47 -0.80 12.32
N GLU A 558 -49.00 -2.04 12.47
CA GLU A 558 -49.55 -2.92 13.50
C GLU A 558 -49.18 -2.41 14.88
N GLY A 559 -48.02 -1.78 14.99
CA GLY A 559 -47.56 -1.25 16.26
C GLY A 559 -48.44 -0.13 16.80
N PHE A 560 -48.59 0.93 16.01
CA PHE A 560 -49.42 2.07 16.43
C PHE A 560 -50.48 2.37 15.37
N PRO A 561 -51.54 1.54 15.32
CA PRO A 561 -52.64 1.69 14.37
C PRO A 561 -53.32 3.07 14.42
N ASP A 562 -53.39 3.62 15.62
CA ASP A 562 -54.03 4.92 15.83
C ASP A 562 -53.48 6.06 14.96
N ARG A 563 -52.26 5.92 14.46
CA ARG A 563 -51.67 6.99 13.65
C ARG A 563 -50.76 6.55 12.51
N MET A 564 -50.28 5.31 12.53
CA MET A 564 -49.39 4.84 11.48
C MET A 564 -49.99 3.78 10.57
N LYS A 565 -51.32 3.73 10.50
CA LYS A 565 -51.99 2.76 9.64
C LYS A 565 -52.81 3.48 8.58
N ASP A 566 -52.15 3.89 7.49
CA ASP A 566 -52.83 4.58 6.41
C ASP A 566 -53.40 3.50 5.49
N ASP A 567 -54.41 3.84 4.70
CA ASP A 567 -55.01 2.83 3.84
C ASP A 567 -55.33 3.30 2.44
N ARG A 568 -54.31 3.78 1.74
CA ARG A 568 -54.47 4.24 0.37
C ARG A 568 -53.15 3.96 -0.31
N ARG A 569 -53.21 3.22 -1.41
CA ARG A 569 -51.99 2.88 -2.14
C ARG A 569 -51.12 4.10 -2.32
N SER A 570 -49.84 3.96 -1.97
CA SER A 570 -48.87 5.04 -2.09
C SER A 570 -47.73 4.63 -3.00
N ALA A 571 -46.79 5.54 -3.21
CA ALA A 571 -45.64 5.29 -4.06
C ALA A 571 -44.93 4.00 -3.62
N ILE A 572 -45.05 3.69 -2.33
CA ILE A 572 -44.42 2.50 -1.77
C ILE A 572 -45.05 1.26 -2.38
N ASP A 573 -46.38 1.21 -2.39
CA ASP A 573 -47.10 0.07 -2.95
C ASP A 573 -46.97 0.08 -4.47
N ALA A 574 -46.99 1.27 -5.06
CA ALA A 574 -46.88 1.41 -6.50
C ALA A 574 -45.63 0.73 -7.05
N LEU A 575 -44.47 1.13 -6.53
CA LEU A 575 -43.21 0.56 -6.98
C LEU A 575 -43.10 -0.92 -6.66
N TYR A 576 -43.59 -1.33 -5.50
CA TYR A 576 -43.52 -2.73 -5.10
C TYR A 576 -44.39 -3.59 -6.01
N GLU A 577 -45.60 -3.11 -6.27
CA GLU A 577 -46.54 -3.83 -7.14
C GLU A 577 -46.11 -3.75 -8.60
N ALA A 578 -45.12 -2.92 -8.89
CA ALA A 578 -44.63 -2.76 -10.25
C ALA A 578 -43.25 -3.35 -10.48
N LYS A 579 -42.83 -4.24 -9.60
CA LYS A 579 -41.53 -4.90 -9.70
C LYS A 579 -40.32 -3.96 -9.58
N ARG A 580 -40.56 -2.72 -9.16
CA ARG A 580 -39.47 -1.76 -8.97
C ARG A 580 -39.06 -1.87 -7.51
N LEU A 581 -38.22 -2.85 -7.22
CA LEU A 581 -37.77 -3.13 -5.86
C LEU A 581 -36.64 -2.27 -5.29
N GLY A 582 -36.28 -1.20 -5.99
CA GLY A 582 -35.23 -0.33 -5.48
C GLY A 582 -33.86 -0.43 -6.14
N GLN A 583 -32.83 -0.08 -5.39
CA GLN A 583 -31.46 -0.09 -5.86
C GLN A 583 -30.92 -1.51 -6.09
N LYS A 584 -31.31 -2.43 -5.22
CA LYS A 584 -30.86 -3.82 -5.34
C LYS A 584 -31.41 -4.44 -6.61
N ASN A 585 -32.62 -4.04 -6.97
CA ASN A 585 -33.28 -4.55 -8.17
C ASN A 585 -32.80 -3.80 -9.40
N GLY A 586 -32.42 -2.53 -9.21
CA GLY A 586 -31.96 -1.73 -10.32
C GLY A 586 -32.96 -0.65 -10.69
N LYS A 587 -34.14 -0.72 -10.09
CA LYS A 587 -35.19 0.26 -10.36
C LYS A 587 -36.08 0.58 -9.17
N GLY A 588 -36.12 1.86 -8.84
CA GLY A 588 -36.95 2.34 -7.74
C GLY A 588 -37.45 3.69 -8.20
N PHE A 589 -37.29 4.72 -7.37
CA PHE A 589 -37.72 6.05 -7.79
C PHE A 589 -36.74 6.47 -8.88
N TYR A 590 -35.56 5.86 -8.83
CA TYR A 590 -34.52 6.14 -9.80
C TYR A 590 -34.05 4.83 -10.42
N ALA A 591 -33.18 4.94 -11.40
CA ALA A 591 -32.64 3.78 -12.07
C ALA A 591 -31.16 3.69 -11.69
N TYR A 592 -30.67 2.47 -11.52
CA TYR A 592 -29.28 2.25 -11.18
C TYR A 592 -28.70 1.21 -12.13
N GLU A 593 -27.72 1.63 -12.92
CA GLU A 593 -27.05 0.76 -13.87
C GLU A 593 -25.60 0.69 -13.38
N ALA A 594 -25.11 -0.53 -13.13
CA ALA A 594 -23.77 -0.72 -12.58
C ALA A 594 -22.59 -0.69 -13.55
N ASP A 595 -21.55 0.04 -13.16
CA ASP A 595 -20.33 0.19 -13.94
C ASP A 595 -19.47 -1.05 -13.77
N LYS A 596 -18.98 -1.26 -12.56
CA LYS A 596 -18.14 -2.40 -12.25
C LYS A 596 -18.12 -2.68 -10.76
N LYS A 597 -17.08 -3.37 -10.31
CA LYS A 597 -16.91 -3.72 -8.91
C LYS A 597 -17.45 -2.70 -7.92
N GLY A 598 -16.70 -1.61 -7.74
CA GLY A 598 -17.11 -0.60 -6.76
C GLY A 598 -17.96 0.60 -7.13
N LYS A 599 -18.55 0.67 -8.33
CA LYS A 599 -19.36 1.84 -8.67
C LYS A 599 -20.66 1.58 -9.45
N GLN A 600 -21.71 2.32 -9.08
CA GLN A 600 -23.03 2.21 -9.72
C GLN A 600 -23.64 3.62 -9.92
N LYS A 601 -24.59 3.77 -10.84
CA LYS A 601 -25.15 5.10 -11.15
C LYS A 601 -26.64 5.42 -10.94
N LYS A 602 -26.90 6.60 -10.38
CA LYS A 602 -28.27 7.08 -10.14
C LYS A 602 -28.79 7.86 -11.34
N LEU A 603 -29.79 7.31 -12.01
CA LEU A 603 -30.37 7.94 -13.19
C LEU A 603 -31.85 8.27 -13.04
N VAL A 604 -32.35 9.13 -13.93
CA VAL A 604 -33.75 9.52 -13.92
C VAL A 604 -34.41 9.02 -15.19
N ASP A 605 -35.68 8.65 -15.10
CA ASP A 605 -36.42 8.14 -16.26
C ASP A 605 -37.93 8.34 -16.11
N SER A 606 -38.52 8.98 -17.11
CA SER A 606 -39.97 9.26 -17.11
C SER A 606 -40.85 8.02 -17.01
N SER A 607 -40.26 6.84 -17.07
CA SER A 607 -41.03 5.61 -17.00
C SER A 607 -41.60 5.39 -15.60
N VAL A 608 -41.00 6.04 -14.61
CA VAL A 608 -41.45 5.91 -13.22
C VAL A 608 -42.76 6.67 -13.01
N LEU A 609 -42.97 7.71 -13.82
CA LEU A 609 -44.18 8.52 -13.72
C LEU A 609 -45.43 7.68 -13.94
N GLU A 610 -45.37 6.77 -14.90
CA GLU A 610 -46.51 5.89 -15.21
C GLU A 610 -46.95 5.11 -13.99
N VAL A 611 -45.98 4.54 -13.27
CA VAL A 611 -46.26 3.75 -12.08
C VAL A 611 -46.83 4.58 -10.94
N LEU A 612 -46.40 5.84 -10.85
CA LEU A 612 -46.85 6.72 -9.78
C LEU A 612 -48.17 7.42 -10.05
N LYS A 613 -48.63 7.40 -11.30
CA LYS A 613 -49.89 8.05 -11.66
C LYS A 613 -51.06 7.64 -10.76
N PRO A 614 -51.23 6.32 -10.53
CA PRO A 614 -52.33 5.84 -9.69
C PRO A 614 -52.27 6.35 -8.25
N ILE A 615 -51.14 6.89 -7.85
CA ILE A 615 -50.96 7.39 -6.49
C ILE A 615 -51.35 8.86 -6.37
N VAL A 616 -51.24 9.60 -7.47
CA VAL A 616 -51.59 11.01 -7.49
C VAL A 616 -53.09 11.20 -7.27
N TYR A 617 -53.45 11.79 -6.14
CA TYR A 617 -54.85 12.03 -5.82
C TYR A 617 -55.20 13.51 -5.96
N GLU A 618 -54.18 14.34 -6.06
CA GLU A 618 -54.36 15.78 -6.22
C GLU A 618 -53.08 16.44 -6.72
N GLN A 619 -53.23 17.46 -7.57
CA GLN A 619 -52.07 18.16 -8.13
C GLN A 619 -51.74 19.37 -7.26
N ARG A 620 -51.82 19.16 -5.95
CA ARG A 620 -51.56 20.19 -4.96
C ARG A 620 -50.25 20.94 -5.18
N ASP A 621 -50.27 22.25 -4.95
CA ASP A 621 -49.09 23.09 -5.09
C ASP A 621 -48.40 23.22 -3.74
N VAL A 622 -47.08 23.22 -3.74
CA VAL A 622 -46.34 23.32 -2.49
C VAL A 622 -44.97 24.00 -2.65
N THR A 623 -44.57 24.74 -1.63
CA THR A 623 -43.29 25.44 -1.64
C THR A 623 -42.25 24.53 -1.01
N ASP A 624 -40.98 24.78 -1.31
CA ASP A 624 -39.91 23.98 -0.75
C ASP A 624 -39.89 24.10 0.77
N GLU A 625 -40.51 25.17 1.27
CA GLU A 625 -40.59 25.41 2.70
C GLU A 625 -41.59 24.47 3.35
N ASP A 626 -42.73 24.27 2.69
CA ASP A 626 -43.76 23.38 3.19
C ASP A 626 -43.29 21.93 3.12
N ILE A 627 -42.62 21.59 2.02
CA ILE A 627 -42.10 20.25 1.82
C ILE A 627 -41.31 19.79 3.04
N ILE A 628 -40.56 20.73 3.63
CA ILE A 628 -39.75 20.43 4.81
C ILE A 628 -40.61 20.14 6.03
N ASN A 629 -41.79 20.78 6.08
CA ASN A 629 -42.71 20.60 7.20
C ASN A 629 -43.44 19.26 7.13
N TRP A 630 -43.88 18.89 5.93
CA TRP A 630 -44.58 17.62 5.74
C TRP A 630 -43.68 16.47 6.21
N MET A 631 -42.38 16.72 6.17
CA MET A 631 -41.39 15.72 6.55
C MET A 631 -40.93 15.83 8.00
N MET A 632 -40.41 16.99 8.37
CA MET A 632 -39.90 17.23 9.71
C MET A 632 -40.92 17.14 10.85
N ILE A 633 -42.08 17.77 10.67
CA ILE A 633 -43.08 17.76 11.73
C ILE A 633 -43.44 16.33 12.17
N PRO A 634 -43.74 15.44 11.22
CA PRO A 634 -44.09 14.06 11.57
C PRO A 634 -42.95 13.36 12.31
N LEU A 635 -41.71 13.68 11.91
CA LEU A 635 -40.53 13.08 12.52
C LEU A 635 -40.28 13.62 13.92
N CYS A 636 -40.41 14.93 14.09
CA CYS A 636 -40.19 15.57 15.38
C CYS A 636 -41.22 15.11 16.41
N LEU A 637 -42.49 15.18 16.04
CA LEU A 637 -43.57 14.77 16.94
C LEU A 637 -43.40 13.35 17.45
N GLU A 638 -43.03 12.44 16.54
CA GLU A 638 -42.83 11.05 16.91
C GLU A 638 -41.71 10.94 17.94
N THR A 639 -40.74 11.84 17.83
CA THR A 639 -39.62 11.86 18.77
C THR A 639 -40.16 12.25 20.13
N VAL A 640 -41.07 13.22 20.14
CA VAL A 640 -41.69 13.68 21.36
C VAL A 640 -42.46 12.54 22.01
N ARG A 641 -43.06 11.70 21.17
CA ARG A 641 -43.82 10.55 21.67
C ARG A 641 -42.88 9.48 22.21
N CYS A 642 -41.72 9.36 21.59
CA CYS A 642 -40.74 8.37 22.03
C CYS A 642 -40.15 8.80 23.36
N LEU A 643 -40.20 10.10 23.63
CA LEU A 643 -39.68 10.65 24.88
C LEU A 643 -40.77 10.57 25.95
N GLU A 644 -42.02 10.71 25.53
CA GLU A 644 -43.15 10.66 26.44
C GLU A 644 -43.53 9.24 26.85
N ASP A 645 -43.50 8.31 25.90
CA ASP A 645 -43.84 6.93 26.19
C ASP A 645 -42.72 6.23 26.95
N GLY A 646 -41.58 6.92 27.07
CA GLY A 646 -40.46 6.34 27.78
C GLY A 646 -39.65 5.34 26.96
N ILE A 647 -39.34 5.72 25.73
CA ILE A 647 -38.56 4.87 24.83
C ILE A 647 -37.11 5.29 24.97
N VAL A 648 -36.91 6.58 25.17
CA VAL A 648 -35.60 7.17 25.37
C VAL A 648 -35.75 7.85 26.72
N GLU A 649 -34.69 7.90 27.51
CA GLU A 649 -34.79 8.49 28.83
C GLU A 649 -34.57 10.00 28.92
N THR A 650 -33.67 10.54 28.11
CA THR A 650 -33.43 11.99 28.11
C THR A 650 -33.51 12.54 26.69
N ALA A 651 -33.81 13.83 26.59
CA ALA A 651 -33.92 14.49 25.29
C ALA A 651 -32.60 14.41 24.53
N ALA A 652 -31.49 14.42 25.26
CA ALA A 652 -30.17 14.34 24.64
C ALA A 652 -30.03 13.04 23.85
N GLU A 653 -30.43 11.94 24.46
CA GLU A 653 -30.35 10.63 23.82
C GLU A 653 -31.37 10.49 22.70
N ALA A 654 -32.47 11.23 22.81
CA ALA A 654 -33.53 11.19 21.82
C ALA A 654 -33.13 11.85 20.50
N ASP A 655 -32.08 12.66 20.53
CA ASP A 655 -31.62 13.36 19.33
C ASP A 655 -30.39 12.72 18.69
N MET A 656 -29.43 12.30 19.50
CA MET A 656 -28.22 11.66 18.98
C MET A 656 -28.59 10.38 18.25
N GLY A 657 -29.65 9.73 18.69
CA GLY A 657 -30.08 8.49 18.06
C GLY A 657 -30.50 8.76 16.63
N LEU A 658 -30.86 10.01 16.36
CA LEU A 658 -31.28 10.43 15.02
C LEU A 658 -30.07 10.96 14.26
N VAL A 659 -29.14 11.56 14.98
CA VAL A 659 -27.93 12.12 14.39
C VAL A 659 -27.03 11.01 13.84
N TYR A 660 -26.89 9.94 14.61
CA TYR A 660 -26.04 8.81 14.24
C TYR A 660 -26.79 7.73 13.45
N GLY A 661 -28.10 7.63 13.64
CA GLY A 661 -28.87 6.61 12.95
C GLY A 661 -29.47 7.01 11.61
N ILE A 662 -30.54 7.79 11.64
CA ILE A 662 -31.22 8.22 10.42
C ILE A 662 -30.39 9.23 9.65
N GLY A 663 -29.43 9.86 10.34
CA GLY A 663 -28.58 10.84 9.70
C GLY A 663 -29.18 12.24 9.77
N PHE A 664 -29.63 12.61 10.97
CA PHE A 664 -30.24 13.91 11.19
C PHE A 664 -29.18 15.00 11.04
N PRO A 665 -29.46 16.06 10.26
CA PRO A 665 -28.52 17.15 10.07
C PRO A 665 -27.85 17.55 11.38
N LEU A 666 -26.55 17.28 11.45
CA LEU A 666 -25.75 17.54 12.64
C LEU A 666 -25.78 18.95 13.21
N PHE A 667 -25.46 19.95 12.39
CA PHE A 667 -25.43 21.32 12.88
C PHE A 667 -26.81 21.87 13.23
N ARG A 668 -27.83 21.03 13.11
CA ARG A 668 -29.19 21.44 13.43
C ARG A 668 -29.58 20.80 14.76
N GLY A 669 -28.62 20.12 15.38
CA GLY A 669 -28.85 19.47 16.66
C GLY A 669 -29.59 18.15 16.64
N GLY A 670 -30.91 18.21 16.52
CA GLY A 670 -31.71 17.02 16.50
C GLY A 670 -33.19 17.34 16.32
N ALA A 671 -34.03 16.32 16.41
CA ALA A 671 -35.47 16.52 16.25
C ALA A 671 -36.03 17.45 17.32
N LEU A 672 -35.60 17.25 18.56
CA LEU A 672 -36.07 18.06 19.67
C LEU A 672 -35.47 19.47 19.68
N ARG A 673 -34.18 19.56 19.37
CA ARG A 673 -33.52 20.87 19.35
C ARG A 673 -34.09 21.70 18.20
N TYR A 674 -34.40 21.02 17.09
CA TYR A 674 -34.96 21.70 15.93
C TYR A 674 -36.28 22.36 16.33
N ILE A 675 -37.03 21.67 17.19
CA ILE A 675 -38.30 22.19 17.67
C ILE A 675 -38.04 23.47 18.44
N ASP A 676 -37.03 23.44 19.30
CA ASP A 676 -36.67 24.61 20.09
C ASP A 676 -36.15 25.72 19.18
N SER A 677 -35.52 25.32 18.08
CA SER A 677 -35.00 26.27 17.11
C SER A 677 -36.12 27.11 16.53
N ILE A 678 -37.36 26.67 16.76
CA ILE A 678 -38.53 27.37 16.24
C ILE A 678 -39.36 27.90 17.40
N GLY A 679 -39.29 27.20 18.53
CA GLY A 679 -40.06 27.59 19.70
C GLY A 679 -41.21 26.62 19.86
N VAL A 680 -41.23 25.92 20.99
CA VAL A 680 -42.29 24.95 21.26
C VAL A 680 -43.68 25.54 21.06
N ALA A 681 -43.88 26.75 21.56
CA ALA A 681 -45.17 27.42 21.43
C ALA A 681 -45.44 27.76 19.98
N GLU A 682 -44.39 28.12 19.25
CA GLU A 682 -44.52 28.48 17.84
C GLU A 682 -44.52 27.24 16.95
N PHE A 683 -44.10 26.10 17.51
CA PHE A 683 -44.07 24.86 16.75
C PHE A 683 -45.44 24.20 16.70
N VAL A 684 -46.16 24.27 17.80
CA VAL A 684 -47.50 23.69 17.87
C VAL A 684 -48.42 24.42 16.91
N ALA A 685 -48.21 25.73 16.80
CA ALA A 685 -49.01 26.56 15.91
C ALA A 685 -48.78 26.11 14.48
N LEU A 686 -47.52 25.84 14.15
CA LEU A 686 -47.15 25.41 12.81
C LEU A 686 -47.76 24.04 12.53
N ALA A 687 -47.74 23.16 13.52
CA ALA A 687 -48.30 21.83 13.37
C ALA A 687 -49.78 21.83 13.06
N ASP A 688 -50.51 22.75 13.70
CA ASP A 688 -51.95 22.83 13.50
C ASP A 688 -52.45 23.12 12.10
N GLN A 689 -51.72 23.91 11.30
CA GLN A 689 -52.23 24.17 9.95
C GLN A 689 -52.06 22.93 9.08
N TYR A 690 -51.20 22.01 9.51
CA TYR A 690 -50.96 20.79 8.77
C TYR A 690 -51.74 19.64 9.40
N ALA A 691 -52.63 19.97 10.33
CA ALA A 691 -53.43 18.97 11.01
C ALA A 691 -54.39 18.26 10.07
N GLU A 692 -54.69 18.88 8.93
CA GLU A 692 -55.61 18.30 7.96
C GLU A 692 -54.98 17.10 7.24
N LEU A 693 -53.75 16.76 7.62
CA LEU A 693 -53.05 15.65 6.98
C LEU A 693 -53.14 14.34 7.76
N GLY A 694 -53.59 14.41 9.02
CA GLY A 694 -53.72 13.20 9.81
C GLY A 694 -53.16 13.27 11.21
N ALA A 695 -53.21 12.14 11.90
CA ALA A 695 -52.72 12.04 13.27
C ALA A 695 -51.22 12.20 13.37
N LEU A 696 -50.52 12.12 12.24
CA LEU A 696 -49.07 12.26 12.21
C LEU A 696 -48.64 13.70 12.44
N TYR A 697 -49.56 14.64 12.25
CA TYR A 697 -49.26 16.06 12.44
C TYR A 697 -49.99 16.64 13.63
N HIS A 698 -50.38 15.80 14.58
CA HIS A 698 -51.09 16.27 15.75
C HIS A 698 -50.27 16.28 17.02
N PRO A 699 -49.96 17.49 17.53
CA PRO A 699 -49.17 17.68 18.75
C PRO A 699 -49.74 16.86 19.90
N THR A 700 -48.86 16.36 20.75
CA THR A 700 -49.29 15.57 21.91
C THR A 700 -49.90 16.48 22.96
N ALA A 701 -50.62 15.88 23.91
CA ALA A 701 -51.25 16.63 24.98
C ALA A 701 -50.18 17.29 25.84
N LYS A 702 -49.11 16.55 26.12
CA LYS A 702 -48.02 17.04 26.94
C LYS A 702 -47.27 18.16 26.24
N LEU A 703 -47.32 18.17 24.91
CA LEU A 703 -46.63 19.19 24.14
C LEU A 703 -47.47 20.47 24.17
N ARG A 704 -48.79 20.31 24.09
CA ARG A 704 -49.69 21.45 24.13
C ARG A 704 -49.67 22.03 25.53
N GLU A 705 -49.52 21.15 26.51
CA GLU A 705 -49.46 21.55 27.91
C GLU A 705 -48.25 22.44 28.13
N MET A 706 -47.10 22.01 27.64
CA MET A 706 -45.86 22.77 27.78
C MET A 706 -45.77 23.86 26.73
N ALA A 707 -46.79 23.95 25.88
CA ALA A 707 -46.81 24.96 24.83
C ALA A 707 -47.23 26.29 25.43
N LYS A 708 -48.34 26.28 26.16
CA LYS A 708 -48.86 27.49 26.78
C LYS A 708 -47.92 27.97 27.89
N ASN A 709 -47.29 27.02 28.57
CA ASN A 709 -46.38 27.35 29.66
C ASN A 709 -45.04 27.93 29.22
N GLY A 710 -44.86 28.08 27.91
CA GLY A 710 -43.61 28.62 27.41
C GLY A 710 -42.44 27.72 27.74
N GLN A 711 -42.72 26.43 27.87
CA GLN A 711 -41.70 25.45 28.19
C GLN A 711 -41.12 24.83 26.93
N SER A 712 -39.82 24.59 26.94
CA SER A 712 -39.13 23.96 25.82
C SER A 712 -38.50 22.69 26.36
N PHE A 713 -38.15 21.77 25.48
CA PHE A 713 -37.57 20.50 25.91
C PHE A 713 -36.25 20.56 26.66
N PHE A 714 -35.50 21.65 26.52
CA PHE A 714 -34.21 21.75 27.21
C PHE A 714 -34.21 22.59 28.44
N GLY A 715 -35.00 22.15 29.37
CA GLY A 715 -35.09 22.87 30.61
C GLY A 715 -36.38 22.25 31.02
N MET B 1 -9.16 -30.61 -47.40
CA MET B 1 -8.47 -29.53 -46.65
C MET B 1 -6.97 -29.51 -46.96
N ILE B 2 -6.28 -28.53 -46.38
CA ILE B 2 -4.84 -28.38 -46.60
C ILE B 2 -4.06 -29.52 -45.95
N TYR B 3 -4.52 -29.98 -44.80
CA TYR B 3 -3.86 -31.08 -44.09
C TYR B 3 -4.82 -31.72 -43.11
N GLU B 4 -4.97 -33.04 -43.20
CA GLU B 4 -5.87 -33.75 -42.31
C GLU B 4 -5.17 -34.94 -41.64
N GLY B 5 -4.48 -34.65 -40.53
CA GLY B 5 -3.78 -35.70 -39.81
C GLY B 5 -4.65 -36.31 -38.74
N LYS B 6 -4.04 -37.09 -37.85
CA LYS B 6 -4.77 -37.75 -36.78
C LYS B 6 -4.66 -36.94 -35.49
N ALA B 7 -3.79 -35.94 -35.50
CA ALA B 7 -3.58 -35.08 -34.34
C ALA B 7 -3.73 -33.61 -34.71
N ILE B 8 -3.37 -33.27 -35.94
CA ILE B 8 -3.47 -31.89 -36.41
C ILE B 8 -4.22 -31.79 -37.73
N THR B 9 -5.24 -30.94 -37.76
CA THR B 9 -6.04 -30.73 -38.96
C THR B 9 -5.97 -29.27 -39.37
N VAL B 10 -5.08 -28.97 -40.31
CA VAL B 10 -4.92 -27.60 -40.80
C VAL B 10 -6.06 -27.26 -41.74
N THR B 11 -7.06 -26.55 -41.22
CA THR B 11 -8.22 -26.16 -42.01
C THR B 11 -8.11 -24.72 -42.50
N ALA B 12 -8.62 -24.47 -43.70
CA ALA B 12 -8.58 -23.14 -44.29
C ALA B 12 -9.72 -22.28 -43.74
N LEU B 13 -9.54 -20.96 -43.84
CA LEU B 13 -10.55 -20.01 -43.36
C LEU B 13 -10.71 -18.89 -44.37
N GLU B 14 -11.27 -17.78 -43.90
CA GLU B 14 -11.51 -16.61 -44.75
C GLU B 14 -10.23 -15.83 -45.01
N SER B 15 -10.27 -14.98 -46.03
CA SER B 15 -9.15 -14.13 -46.42
C SER B 15 -7.79 -14.81 -46.46
N GLY B 16 -7.76 -16.07 -46.86
CA GLY B 16 -6.50 -16.80 -46.95
C GLY B 16 -5.93 -17.21 -45.60
N ILE B 17 -6.60 -16.84 -44.52
CA ILE B 17 -6.15 -17.20 -43.19
C ILE B 17 -6.42 -18.68 -42.97
N VAL B 18 -5.46 -19.39 -42.38
CA VAL B 18 -5.61 -20.80 -42.13
C VAL B 18 -5.55 -21.10 -40.63
N GLU B 19 -6.33 -22.08 -40.19
CA GLU B 19 -6.36 -22.45 -38.78
C GLU B 19 -5.78 -23.83 -38.50
N LEU B 20 -4.60 -23.86 -37.90
CA LEU B 20 -3.94 -25.10 -37.55
C LEU B 20 -4.50 -25.54 -36.19
N LYS B 21 -5.26 -26.63 -36.20
CA LYS B 21 -5.88 -27.10 -34.97
C LYS B 21 -5.24 -28.36 -34.37
N PHE B 22 -5.12 -28.35 -33.06
CA PHE B 22 -4.55 -29.48 -32.32
C PHE B 22 -5.68 -30.28 -31.70
N ASP B 23 -5.89 -31.49 -32.21
CA ASP B 23 -6.95 -32.36 -31.71
C ASP B 23 -6.54 -33.81 -31.86
N LEU B 24 -5.86 -34.34 -30.85
CA LEU B 24 -5.40 -35.71 -30.86
C LEU B 24 -6.58 -36.68 -30.85
N LYS B 25 -7.06 -37.01 -32.04
CA LYS B 25 -8.19 -37.93 -32.20
C LYS B 25 -7.97 -39.23 -31.44
N GLY B 26 -8.93 -39.58 -30.58
CA GLY B 26 -8.82 -40.81 -29.82
C GLY B 26 -8.47 -40.59 -28.35
N GLU B 27 -7.55 -39.65 -28.12
CA GLU B 27 -7.12 -39.34 -26.76
C GLU B 27 -7.94 -38.20 -26.17
N SER B 28 -7.79 -37.98 -24.87
CA SER B 28 -8.53 -36.93 -24.18
C SER B 28 -7.82 -35.58 -24.22
N VAL B 29 -6.49 -35.61 -24.28
CA VAL B 29 -5.70 -34.39 -24.31
C VAL B 29 -4.73 -34.33 -25.49
N ASN B 30 -4.18 -33.14 -25.72
CA ASN B 30 -3.21 -32.94 -26.78
C ASN B 30 -1.83 -32.88 -26.12
N LYS B 31 -0.87 -33.60 -26.70
CA LYS B 31 0.48 -33.62 -26.17
C LYS B 31 1.47 -33.90 -27.28
N PHE B 32 2.69 -33.39 -27.13
CA PHE B 32 3.70 -33.60 -28.15
C PHE B 32 4.40 -34.94 -28.08
N ASN B 33 3.71 -35.99 -28.53
CA ASN B 33 4.28 -37.32 -28.56
C ASN B 33 4.98 -37.42 -29.92
N ARG B 34 5.55 -38.58 -30.22
CA ARG B 34 6.24 -38.75 -31.49
C ARG B 34 5.33 -38.39 -32.67
N LEU B 35 4.11 -38.92 -32.65
CA LEU B 35 3.14 -38.67 -33.71
C LEU B 35 2.82 -37.20 -33.91
N THR B 36 2.52 -36.51 -32.82
CA THR B 36 2.17 -35.09 -32.87
C THR B 36 3.28 -34.25 -33.49
N LEU B 37 4.50 -34.38 -32.97
CA LEU B 37 5.63 -33.63 -33.49
C LEU B 37 5.83 -33.93 -34.97
N ASN B 38 5.58 -35.18 -35.36
CA ASN B 38 5.72 -35.59 -36.75
C ASN B 38 4.72 -34.87 -37.65
N GLU B 39 3.46 -34.88 -37.24
CA GLU B 39 2.42 -34.23 -38.03
C GLU B 39 2.60 -32.72 -38.07
N LEU B 40 3.18 -32.16 -37.02
CA LEU B 40 3.40 -30.72 -36.98
C LEU B 40 4.32 -30.39 -38.15
N ARG B 41 5.35 -31.22 -38.32
CA ARG B 41 6.31 -31.05 -39.40
C ARG B 41 5.56 -31.02 -40.73
N GLN B 42 4.73 -32.03 -40.96
CA GLN B 42 3.94 -32.10 -42.18
C GLN B 42 2.97 -30.93 -42.30
N ALA B 43 2.49 -30.45 -41.16
CA ALA B 43 1.56 -29.33 -41.13
C ALA B 43 2.26 -28.06 -41.57
N VAL B 44 3.37 -27.75 -40.91
CA VAL B 44 4.15 -26.55 -41.23
C VAL B 44 4.61 -26.58 -42.68
N ASP B 45 5.12 -27.72 -43.13
CA ASP B 45 5.58 -27.86 -44.51
C ASP B 45 4.45 -27.59 -45.48
N ALA B 46 3.24 -28.01 -45.11
CA ALA B 46 2.07 -27.80 -45.97
C ALA B 46 1.79 -26.30 -46.07
N ILE B 47 1.59 -25.67 -44.92
CA ILE B 47 1.31 -24.24 -44.86
C ILE B 47 2.42 -23.49 -45.59
N LYS B 48 3.65 -23.81 -45.26
CA LYS B 48 4.83 -23.20 -45.85
C LYS B 48 4.78 -23.29 -47.37
N ALA B 49 4.53 -24.49 -47.88
CA ALA B 49 4.47 -24.73 -49.32
C ALA B 49 3.31 -23.96 -49.98
N ASP B 50 2.18 -23.89 -49.28
CA ASP B 50 1.01 -23.19 -49.81
C ASP B 50 1.27 -21.69 -49.81
N ALA B 51 1.31 -21.11 -51.00
CA ALA B 51 1.57 -19.68 -51.16
C ALA B 51 0.33 -18.80 -51.06
N SER B 52 -0.84 -19.41 -50.91
CA SER B 52 -2.08 -18.64 -50.82
C SER B 52 -2.41 -18.23 -49.39
N VAL B 53 -1.79 -18.89 -48.42
CA VAL B 53 -2.02 -18.58 -47.01
C VAL B 53 -1.66 -17.14 -46.68
N LYS B 54 -2.52 -16.47 -45.91
CA LYS B 54 -2.30 -15.09 -45.52
C LYS B 54 -2.25 -14.91 -44.01
N GLY B 55 -2.14 -16.03 -43.29
CA GLY B 55 -2.10 -15.98 -41.84
C GLY B 55 -2.35 -17.35 -41.24
N VAL B 56 -1.91 -17.56 -40.01
CA VAL B 56 -2.10 -18.84 -39.36
C VAL B 56 -2.58 -18.70 -37.92
N ILE B 57 -3.67 -19.37 -37.59
CA ILE B 57 -4.22 -19.35 -36.24
C ILE B 57 -4.08 -20.74 -35.63
N VAL B 58 -3.54 -20.81 -34.42
CA VAL B 58 -3.35 -22.09 -33.74
C VAL B 58 -4.39 -22.24 -32.64
N SER B 59 -5.12 -23.36 -32.67
CA SER B 59 -6.15 -23.62 -31.67
C SER B 59 -6.13 -25.06 -31.19
N SER B 60 -7.12 -25.41 -30.39
CA SER B 60 -7.25 -26.76 -29.84
C SER B 60 -8.71 -27.17 -29.75
N GLY B 61 -8.98 -28.44 -30.02
CA GLY B 61 -10.35 -28.93 -29.97
C GLY B 61 -10.65 -29.67 -28.68
N LYS B 62 -9.88 -29.36 -27.64
CA LYS B 62 -10.06 -30.00 -26.34
C LYS B 62 -10.32 -28.95 -25.27
N ASP B 63 -10.44 -29.39 -24.02
CA ASP B 63 -10.68 -28.48 -22.91
C ASP B 63 -9.37 -27.76 -22.56
N VAL B 64 -8.26 -28.42 -22.85
CA VAL B 64 -6.95 -27.86 -22.60
C VAL B 64 -6.30 -27.57 -23.95
N PHE B 65 -5.27 -26.75 -23.97
CA PHE B 65 -4.59 -26.43 -25.21
C PHE B 65 -3.69 -27.62 -25.54
N ILE B 66 -2.51 -27.62 -24.93
CA ILE B 66 -1.55 -28.70 -25.12
C ILE B 66 -0.80 -28.91 -23.82
N VAL B 67 -1.07 -30.03 -23.15
CA VAL B 67 -0.40 -30.33 -21.90
C VAL B 67 1.05 -30.68 -22.20
N GLY B 68 1.82 -30.97 -21.16
CA GLY B 68 3.21 -31.32 -21.35
C GLY B 68 3.40 -32.37 -22.42
N ALA B 69 4.58 -32.95 -22.50
CA ALA B 69 4.82 -33.98 -23.50
C ALA B 69 4.79 -35.32 -22.81
N ASP B 70 4.35 -36.37 -23.50
CA ASP B 70 4.35 -37.68 -22.88
C ASP B 70 5.72 -38.24 -23.23
N ILE B 71 6.65 -37.99 -22.31
CA ILE B 71 8.06 -38.36 -22.43
C ILE B 71 8.46 -39.83 -22.57
N THR B 72 7.56 -40.76 -22.25
CA THR B 72 7.89 -42.17 -22.36
C THR B 72 8.47 -42.54 -23.72
N GLU B 73 8.03 -41.85 -24.75
CA GLU B 73 8.47 -42.10 -26.13
C GLU B 73 9.80 -41.43 -26.46
N PHE B 74 10.19 -40.45 -25.65
CA PHE B 74 11.43 -39.72 -25.89
C PHE B 74 12.62 -40.32 -25.14
N VAL B 75 12.34 -41.22 -24.21
CA VAL B 75 13.37 -41.86 -23.39
C VAL B 75 14.45 -42.59 -24.20
N GLU B 76 14.03 -43.35 -25.20
CA GLU B 76 14.97 -44.10 -26.03
C GLU B 76 15.87 -43.16 -26.83
N ASN B 77 15.46 -41.91 -26.95
CA ASN B 77 16.21 -40.90 -27.69
C ASN B 77 17.15 -40.06 -26.84
N PHE B 78 17.28 -40.40 -25.56
CA PHE B 78 18.16 -39.65 -24.66
C PHE B 78 19.37 -40.45 -24.22
N LYS B 79 19.35 -41.75 -24.49
CA LYS B 79 20.45 -42.63 -24.11
C LYS B 79 21.57 -42.70 -25.15
N LEU B 80 21.41 -41.95 -26.23
CA LEU B 80 22.43 -41.95 -27.28
C LEU B 80 23.50 -40.90 -26.96
N PRO B 81 24.52 -40.76 -27.82
CA PRO B 81 25.56 -39.76 -27.51
C PRO B 81 25.02 -38.33 -27.49
N ASP B 82 25.72 -37.45 -26.78
CA ASP B 82 25.32 -36.06 -26.67
C ASP B 82 25.22 -35.41 -28.05
N ALA B 83 25.90 -35.98 -29.03
CA ALA B 83 25.86 -35.44 -30.39
C ALA B 83 24.57 -35.90 -31.04
N GLU B 84 24.31 -37.20 -30.96
CA GLU B 84 23.11 -37.79 -31.53
C GLU B 84 21.90 -37.47 -30.66
N LEU B 85 22.09 -36.57 -29.70
CA LEU B 85 21.02 -36.16 -28.81
C LEU B 85 20.73 -34.68 -29.03
N ILE B 86 21.79 -33.89 -29.07
CA ILE B 86 21.66 -32.44 -29.29
C ILE B 86 21.09 -32.21 -30.68
N ALA B 87 21.66 -32.88 -31.67
CA ALA B 87 21.21 -32.76 -33.05
C ALA B 87 19.80 -33.35 -33.15
N GLY B 88 19.43 -34.14 -32.14
CA GLY B 88 18.12 -34.75 -32.12
C GLY B 88 17.05 -33.75 -31.73
N ASN B 89 17.32 -32.99 -30.68
CA ASN B 89 16.37 -31.98 -30.21
C ASN B 89 16.46 -30.81 -31.18
N LEU B 90 17.62 -30.65 -31.80
CA LEU B 90 17.85 -29.58 -32.76
C LEU B 90 16.86 -29.73 -33.91
N GLU B 91 16.74 -30.95 -34.42
CA GLU B 91 15.84 -31.24 -35.51
C GLU B 91 14.39 -31.04 -35.09
N ALA B 92 14.09 -31.39 -33.84
CA ALA B 92 12.73 -31.23 -33.31
C ALA B 92 12.41 -29.74 -33.25
N ASN B 93 13.41 -28.94 -32.88
CA ASN B 93 13.24 -27.50 -32.79
C ASN B 93 13.10 -26.85 -34.16
N LYS B 94 13.56 -27.56 -35.20
CA LYS B 94 13.48 -27.02 -36.56
C LYS B 94 12.02 -26.79 -36.92
N ILE B 95 11.12 -27.60 -36.37
CA ILE B 95 9.70 -27.46 -36.63
C ILE B 95 9.21 -26.11 -36.13
N PHE B 96 9.26 -25.92 -34.82
CA PHE B 96 8.82 -24.68 -34.21
C PHE B 96 9.56 -23.49 -34.79
N SER B 97 10.85 -23.66 -35.04
CA SER B 97 11.66 -22.60 -35.62
C SER B 97 11.11 -22.19 -36.98
N ASP B 98 10.72 -23.18 -37.79
CA ASP B 98 10.16 -22.91 -39.10
C ASP B 98 8.81 -22.22 -38.96
N PHE B 99 8.00 -22.70 -38.03
CA PHE B 99 6.68 -22.10 -37.81
C PHE B 99 6.88 -20.63 -37.45
N GLU B 100 7.95 -20.35 -36.75
CA GLU B 100 8.28 -18.99 -36.33
C GLU B 100 8.81 -18.20 -37.52
N ASP B 101 9.29 -18.90 -38.54
CA ASP B 101 9.82 -18.24 -39.74
C ASP B 101 8.81 -18.12 -40.86
N LEU B 102 7.57 -18.51 -40.61
CA LEU B 102 6.52 -18.41 -41.61
C LEU B 102 6.37 -16.95 -42.02
N ASN B 103 6.48 -16.68 -43.31
CA ASN B 103 6.34 -15.32 -43.82
C ASN B 103 4.88 -14.91 -43.77
N VAL B 104 4.29 -14.98 -42.59
CA VAL B 104 2.89 -14.63 -42.40
C VAL B 104 2.59 -14.56 -40.90
N PRO B 105 1.57 -13.76 -40.51
CA PRO B 105 1.20 -13.62 -39.11
C PRO B 105 0.68 -14.92 -38.50
N THR B 106 1.04 -15.17 -37.25
CA THR B 106 0.59 -16.37 -36.55
C THR B 106 0.19 -16.07 -35.12
N VAL B 107 -1.01 -16.50 -34.73
CA VAL B 107 -1.51 -16.26 -33.39
C VAL B 107 -1.89 -17.57 -32.72
N ALA B 108 -1.69 -17.64 -31.40
CA ALA B 108 -2.02 -18.83 -30.64
C ALA B 108 -3.19 -18.56 -29.69
N ALA B 109 -4.36 -19.08 -30.06
CA ALA B 109 -5.55 -18.90 -29.25
C ALA B 109 -5.59 -19.95 -28.13
N ILE B 110 -4.96 -19.63 -27.00
CA ILE B 110 -4.91 -20.54 -25.87
C ILE B 110 -6.25 -20.61 -25.17
N ASN B 111 -6.90 -21.77 -25.25
CA ASN B 111 -8.19 -21.99 -24.64
C ASN B 111 -8.06 -22.54 -23.22
N GLY B 112 -7.06 -23.38 -23.00
CA GLY B 112 -6.86 -23.94 -21.68
C GLY B 112 -5.41 -24.26 -21.36
N ILE B 113 -5.21 -25.26 -20.51
CA ILE B 113 -3.88 -25.67 -20.08
C ILE B 113 -2.88 -25.72 -21.23
N ALA B 114 -1.76 -25.02 -21.06
CA ALA B 114 -0.69 -24.99 -22.04
C ALA B 114 0.62 -25.10 -21.28
N LEU B 115 0.91 -26.30 -20.80
CA LEU B 115 2.11 -26.56 -20.02
C LEU B 115 3.24 -27.19 -20.84
N GLY B 116 4.47 -27.05 -20.34
CA GLY B 116 5.63 -27.61 -21.02
C GLY B 116 5.70 -27.28 -22.49
N GLY B 117 5.81 -28.32 -23.32
CA GLY B 117 5.89 -28.13 -24.74
C GLY B 117 4.68 -27.43 -25.30
N GLY B 118 3.58 -27.47 -24.55
CA GLY B 118 2.36 -26.83 -24.98
C GLY B 118 2.53 -25.33 -25.08
N LEU B 119 3.26 -24.75 -24.14
CA LEU B 119 3.49 -23.31 -24.14
C LEU B 119 4.57 -22.98 -25.17
N GLU B 120 5.57 -23.84 -25.27
CA GLU B 120 6.66 -23.65 -26.22
C GLU B 120 6.15 -23.48 -27.64
N MET B 121 5.02 -24.11 -27.95
CA MET B 121 4.41 -24.01 -29.27
C MET B 121 3.86 -22.60 -29.41
N CYS B 122 3.28 -22.09 -28.32
CA CYS B 122 2.70 -20.76 -28.30
C CYS B 122 3.77 -19.69 -28.43
N LEU B 123 4.87 -19.87 -27.70
CA LEU B 123 5.98 -18.92 -27.73
C LEU B 123 6.54 -18.77 -29.15
N ALA B 124 6.30 -19.78 -29.97
CA ALA B 124 6.77 -19.79 -31.35
C ALA B 124 6.00 -18.81 -32.22
N ALA B 125 4.70 -18.71 -31.99
CA ALA B 125 3.85 -17.81 -32.76
C ALA B 125 4.17 -16.35 -32.45
N ASP B 126 3.63 -15.44 -33.27
CA ASP B 126 3.86 -14.02 -33.09
C ASP B 126 2.99 -13.48 -31.96
N PHE B 127 1.69 -13.68 -32.05
CA PHE B 127 0.76 -13.23 -31.03
C PHE B 127 0.14 -14.40 -30.28
N ARG B 128 -0.35 -14.12 -29.08
CA ARG B 128 -0.98 -15.14 -28.25
C ARG B 128 -2.19 -14.60 -27.49
N VAL B 129 -3.35 -15.17 -27.77
CA VAL B 129 -4.59 -14.77 -27.10
C VAL B 129 -4.85 -15.83 -26.04
N MET B 130 -5.40 -15.42 -24.91
CA MET B 130 -5.66 -16.37 -23.84
C MET B 130 -6.99 -16.19 -23.14
N ALA B 131 -7.63 -17.30 -22.78
CA ALA B 131 -8.91 -17.26 -22.08
C ALA B 131 -8.62 -17.00 -20.60
N ASP B 132 -9.37 -16.09 -20.02
CA ASP B 132 -9.19 -15.72 -18.61
C ASP B 132 -9.20 -16.91 -17.64
N SER B 133 -9.77 -18.03 -18.07
CA SER B 133 -9.84 -19.20 -17.21
C SER B 133 -8.79 -20.26 -17.56
N ALA B 134 -7.71 -19.82 -18.19
CA ALA B 134 -6.64 -20.75 -18.58
C ALA B 134 -5.39 -20.59 -17.73
N LYS B 135 -4.43 -21.49 -17.95
CA LYS B 135 -3.15 -21.49 -17.23
C LYS B 135 -2.03 -21.90 -18.17
N ILE B 136 -0.83 -21.37 -17.92
CA ILE B 136 0.33 -21.70 -18.74
C ILE B 136 1.59 -21.71 -17.90
N GLY B 137 2.57 -22.50 -18.29
CA GLY B 137 3.81 -22.57 -17.54
C GLY B 137 4.77 -23.63 -18.07
N LEU B 138 5.91 -23.77 -17.40
CA LEU B 138 6.93 -24.73 -17.80
C LEU B 138 7.43 -25.47 -16.56
N PRO B 139 6.71 -26.52 -16.14
CA PRO B 139 7.05 -27.34 -14.97
C PRO B 139 8.12 -28.39 -15.22
N GLU B 140 8.91 -28.20 -16.27
CA GLU B 140 9.97 -29.15 -16.62
C GLU B 140 10.88 -29.47 -15.44
N VAL B 141 11.18 -28.47 -14.63
CA VAL B 141 12.06 -28.62 -13.48
C VAL B 141 11.65 -29.74 -12.51
N LYS B 142 10.36 -30.04 -12.47
CA LYS B 142 9.87 -31.09 -11.59
C LYS B 142 10.33 -32.46 -12.10
N LEU B 143 10.80 -32.48 -13.34
CA LEU B 143 11.27 -33.71 -13.96
C LEU B 143 12.80 -33.81 -13.98
N GLY B 144 13.47 -32.74 -13.59
CA GLY B 144 14.92 -32.75 -13.58
C GLY B 144 15.53 -32.21 -14.86
N ILE B 145 14.68 -31.62 -15.70
CA ILE B 145 15.13 -31.06 -16.97
C ILE B 145 14.48 -29.70 -17.20
N TYR B 146 15.03 -28.93 -18.13
CA TYR B 146 14.47 -27.62 -18.44
C TYR B 146 13.92 -27.65 -19.88
N PRO B 147 13.06 -26.68 -20.23
CA PRO B 147 12.48 -26.62 -21.58
C PRO B 147 13.45 -27.04 -22.68
N GLY B 148 13.01 -27.97 -23.52
CA GLY B 148 13.87 -28.46 -24.59
C GLY B 148 13.44 -28.06 -25.99
N PHE B 149 12.29 -27.39 -26.10
CA PHE B 149 11.80 -26.95 -27.41
C PHE B 149 11.80 -25.43 -27.55
N GLY B 150 12.94 -24.82 -27.25
CA GLY B 150 13.07 -23.38 -27.37
C GLY B 150 12.52 -22.59 -26.19
N GLY B 151 12.13 -23.29 -25.13
CA GLY B 151 11.59 -22.63 -23.96
C GLY B 151 12.57 -21.66 -23.30
N THR B 152 13.82 -22.06 -23.21
CA THR B 152 14.85 -21.23 -22.59
C THR B 152 15.36 -20.16 -23.54
N VAL B 153 14.88 -20.20 -24.79
CA VAL B 153 15.31 -19.24 -25.79
C VAL B 153 14.28 -18.13 -26.02
N ARG B 154 13.02 -18.53 -26.20
CA ARG B 154 11.95 -17.57 -26.47
C ARG B 154 11.40 -16.83 -25.25
N LEU B 155 11.16 -17.54 -24.16
CA LEU B 155 10.61 -16.90 -22.97
C LEU B 155 11.49 -15.79 -22.42
N PRO B 156 12.80 -16.04 -22.27
CA PRO B 156 13.71 -15.02 -21.75
C PRO B 156 13.71 -13.72 -22.56
N ARG B 157 13.57 -13.85 -23.88
CA ARG B 157 13.57 -12.69 -24.77
C ARG B 157 12.18 -12.09 -24.91
N LEU B 158 11.15 -12.87 -24.60
CA LEU B 158 9.78 -12.40 -24.70
C LEU B 158 9.29 -11.64 -23.47
N ILE B 159 9.53 -12.21 -22.29
CA ILE B 159 9.10 -11.57 -21.05
C ILE B 159 10.23 -10.97 -20.22
N GLY B 160 11.47 -11.34 -20.52
CA GLY B 160 12.59 -10.81 -19.76
C GLY B 160 13.30 -11.86 -18.93
N VAL B 161 14.61 -11.71 -18.78
CA VAL B 161 15.42 -12.64 -18.02
C VAL B 161 14.82 -13.03 -16.66
N ASP B 162 14.77 -12.06 -15.76
CA ASP B 162 14.23 -12.29 -14.42
C ASP B 162 12.89 -13.02 -14.41
N ASN B 163 11.98 -12.60 -15.28
CA ASN B 163 10.66 -13.22 -15.36
C ASN B 163 10.72 -14.64 -15.92
N ALA B 164 11.64 -14.88 -16.85
CA ALA B 164 11.79 -16.21 -17.43
C ALA B 164 12.43 -17.15 -16.40
N VAL B 165 13.51 -16.70 -15.78
CA VAL B 165 14.21 -17.48 -14.78
C VAL B 165 13.24 -17.94 -13.69
N GLU B 166 12.33 -17.05 -13.30
CA GLU B 166 11.35 -17.36 -12.27
C GLU B 166 10.34 -18.38 -12.77
N TRP B 167 9.80 -18.13 -13.96
CA TRP B 167 8.81 -19.04 -14.57
C TRP B 167 9.39 -20.43 -14.81
N ILE B 168 10.63 -20.48 -15.27
CA ILE B 168 11.29 -21.74 -15.57
C ILE B 168 11.77 -22.48 -14.33
N ALA B 169 12.65 -21.84 -13.55
CA ALA B 169 13.19 -22.45 -12.35
C ALA B 169 12.13 -23.02 -11.41
N SER B 170 11.05 -22.27 -11.21
CA SER B 170 9.98 -22.71 -10.32
C SER B 170 9.07 -23.73 -11.00
N GLY B 171 8.75 -23.50 -12.27
CA GLY B 171 7.88 -24.40 -12.99
C GLY B 171 6.43 -24.26 -12.55
N LYS B 172 6.10 -23.08 -12.04
CA LYS B 172 4.76 -22.79 -11.56
C LYS B 172 3.82 -22.47 -12.72
N GLU B 173 2.53 -22.77 -12.53
CA GLU B 173 1.53 -22.48 -13.55
C GLU B 173 1.20 -21.00 -13.38
N ASN B 174 0.68 -20.38 -14.43
CA ASN B 174 0.35 -18.96 -14.37
C ASN B 174 -1.02 -18.66 -14.96
N ARG B 175 -1.82 -17.90 -14.22
CA ARG B 175 -3.16 -17.53 -14.65
C ARG B 175 -3.10 -16.41 -15.67
N ALA B 176 -4.19 -16.22 -16.41
CA ALA B 176 -4.28 -15.19 -17.43
C ALA B 176 -3.77 -13.84 -16.93
N GLU B 177 -4.25 -13.44 -15.75
CA GLU B 177 -3.86 -12.17 -15.14
C GLU B 177 -2.35 -11.99 -15.09
N ASP B 178 -1.65 -12.97 -14.54
CA ASP B 178 -0.19 -12.91 -14.42
C ASP B 178 0.53 -13.08 -15.75
N ALA B 179 0.03 -13.98 -16.59
CA ALA B 179 0.65 -14.22 -17.88
C ALA B 179 0.58 -12.98 -18.76
N LEU B 180 -0.46 -12.17 -18.55
CA LEU B 180 -0.65 -10.94 -19.31
C LEU B 180 0.27 -9.82 -18.82
N LYS B 181 0.38 -9.67 -17.50
CA LYS B 181 1.21 -8.63 -16.93
C LYS B 181 2.68 -8.74 -17.30
N VAL B 182 3.21 -9.96 -17.31
CA VAL B 182 4.61 -10.18 -17.66
C VAL B 182 4.77 -10.16 -19.18
N SER B 183 3.64 -10.05 -19.87
CA SER B 183 3.60 -10.00 -21.33
C SER B 183 3.92 -11.33 -22.00
N ALA B 184 3.53 -12.43 -21.36
CA ALA B 184 3.75 -13.75 -21.94
C ALA B 184 2.64 -13.91 -22.97
N VAL B 185 1.49 -13.35 -22.66
CA VAL B 185 0.32 -13.37 -23.52
C VAL B 185 0.05 -11.92 -23.91
N ASP B 186 -0.56 -11.70 -25.07
CA ASP B 186 -0.82 -10.35 -25.55
C ASP B 186 -2.24 -9.86 -25.35
N ALA B 187 -3.16 -10.77 -25.06
CA ALA B 187 -4.55 -10.40 -24.85
C ALA B 187 -5.34 -11.48 -24.13
N VAL B 188 -6.03 -11.07 -23.06
CA VAL B 188 -6.83 -11.99 -22.26
C VAL B 188 -8.31 -11.66 -22.45
N VAL B 189 -9.09 -12.67 -22.82
CA VAL B 189 -10.52 -12.50 -23.05
C VAL B 189 -11.31 -13.68 -22.49
N THR B 190 -12.63 -13.54 -22.44
CA THR B 190 -13.48 -14.60 -21.94
C THR B 190 -13.41 -15.78 -22.91
N ALA B 191 -13.65 -16.98 -22.39
CA ALA B 191 -13.59 -18.19 -23.20
C ALA B 191 -14.44 -18.11 -24.47
N ASP B 192 -15.66 -17.59 -24.32
CA ASP B 192 -16.58 -17.48 -25.45
C ASP B 192 -16.06 -16.63 -26.62
N LYS B 193 -15.37 -15.55 -26.32
CA LYS B 193 -14.86 -14.66 -27.36
C LYS B 193 -13.39 -14.89 -27.72
N LEU B 194 -12.90 -16.10 -27.46
CA LEU B 194 -11.50 -16.41 -27.76
C LEU B 194 -11.28 -16.43 -29.26
N GLY B 195 -12.05 -17.26 -29.96
CA GLY B 195 -11.91 -17.36 -31.40
C GLY B 195 -12.02 -16.03 -32.13
N ALA B 196 -12.92 -15.17 -31.64
CA ALA B 196 -13.10 -13.86 -32.26
C ALA B 196 -11.86 -13.00 -32.09
N ALA B 197 -11.24 -13.11 -30.92
CA ALA B 197 -10.03 -12.34 -30.63
C ALA B 197 -8.88 -12.74 -31.54
N ALA B 198 -8.63 -14.04 -31.65
CA ALA B 198 -7.57 -14.56 -32.48
C ALA B 198 -7.79 -14.17 -33.95
N LEU B 199 -9.05 -14.21 -34.37
CA LEU B 199 -9.41 -13.86 -35.74
C LEU B 199 -9.24 -12.36 -35.96
N ASP B 200 -9.82 -11.56 -35.07
CA ASP B 200 -9.74 -10.12 -35.16
C ASP B 200 -8.30 -9.63 -35.08
N LEU B 201 -7.48 -10.34 -34.31
CA LEU B 201 -6.09 -9.98 -34.13
C LEU B 201 -5.29 -10.24 -35.41
N ILE B 202 -5.43 -11.44 -35.95
CA ILE B 202 -4.74 -11.82 -37.19
C ILE B 202 -5.00 -10.81 -38.30
N LYS B 203 -6.26 -10.40 -38.45
CA LYS B 203 -6.64 -9.45 -39.48
C LYS B 203 -5.96 -8.10 -39.28
N ARG B 204 -5.69 -7.75 -38.02
CA ARG B 204 -5.04 -6.49 -37.72
C ARG B 204 -3.54 -6.58 -37.96
N ALA B 205 -3.05 -7.80 -38.12
CA ALA B 205 -1.63 -8.02 -38.38
C ALA B 205 -1.42 -8.03 -39.88
N ILE B 206 -2.40 -8.56 -40.60
CA ILE B 206 -2.35 -8.64 -42.05
C ILE B 206 -2.47 -7.25 -42.67
N SER B 207 -3.44 -6.48 -42.19
CA SER B 207 -3.68 -5.13 -42.71
C SER B 207 -2.45 -4.24 -42.52
N GLY B 208 -1.61 -4.62 -41.57
CA GLY B 208 -0.41 -3.84 -41.30
C GLY B 208 -0.55 -2.98 -40.06
N GLU B 209 -1.73 -3.01 -39.45
CA GLU B 209 -1.98 -2.23 -38.25
C GLU B 209 -0.97 -2.65 -37.19
N LEU B 210 -0.86 -3.95 -36.99
CA LEU B 210 0.08 -4.52 -36.02
C LEU B 210 1.31 -5.02 -36.78
N ASP B 211 2.48 -4.67 -36.28
CA ASP B 211 3.74 -5.08 -36.91
C ASP B 211 4.14 -6.45 -36.38
N TYR B 212 3.53 -7.50 -36.90
CA TYR B 212 3.83 -8.85 -36.46
C TYR B 212 5.30 -9.22 -36.66
N LYS B 213 5.96 -8.53 -37.59
CA LYS B 213 7.36 -8.78 -37.87
C LYS B 213 8.23 -8.19 -36.76
N ALA B 214 7.87 -6.99 -36.32
CA ALA B 214 8.59 -6.30 -35.27
C ALA B 214 8.42 -6.96 -33.91
N LYS B 215 7.30 -7.66 -33.73
CA LYS B 215 7.03 -8.33 -32.47
C LYS B 215 7.75 -9.67 -32.38
N ARG B 216 8.06 -10.25 -33.54
CA ARG B 216 8.75 -11.54 -33.61
C ARG B 216 10.25 -11.37 -33.37
N GLN B 217 10.79 -10.28 -33.89
CA GLN B 217 12.22 -9.97 -33.80
C GLN B 217 12.89 -10.23 -32.45
N PRO B 218 12.33 -9.69 -31.35
CA PRO B 218 12.90 -9.88 -30.02
C PRO B 218 13.40 -11.28 -29.65
N LYS B 219 12.76 -12.31 -30.19
CA LYS B 219 13.19 -13.68 -29.88
C LYS B 219 14.01 -14.34 -30.98
N LEU B 220 14.60 -13.52 -31.83
CA LEU B 220 15.44 -13.99 -32.93
C LEU B 220 16.84 -13.44 -32.73
N GLU B 221 16.93 -12.34 -31.98
CA GLU B 221 18.20 -11.69 -31.72
C GLU B 221 18.68 -11.82 -30.27
N LYS B 222 19.79 -11.17 -29.98
CA LYS B 222 20.39 -11.18 -28.65
C LYS B 222 19.47 -10.51 -27.63
N LEU B 223 19.78 -10.71 -26.35
CA LEU B 223 18.99 -10.12 -25.28
C LEU B 223 19.29 -8.62 -25.25
N LYS B 224 18.35 -7.83 -24.74
CA LYS B 224 18.54 -6.39 -24.68
C LYS B 224 19.39 -5.97 -23.47
N LEU B 225 19.77 -6.95 -22.65
CA LEU B 225 20.57 -6.65 -21.47
C LEU B 225 22.03 -6.31 -21.75
N ASN B 226 22.57 -5.42 -20.93
CA ASN B 226 23.95 -4.98 -21.03
C ASN B 226 24.84 -6.12 -20.54
N ALA B 227 26.12 -6.06 -20.89
CA ALA B 227 27.04 -7.10 -20.44
C ALA B 227 27.05 -7.04 -18.92
N ILE B 228 27.00 -5.82 -18.41
CA ILE B 228 26.98 -5.56 -16.98
C ILE B 228 25.64 -5.97 -16.39
N GLU B 229 24.55 -5.56 -17.04
CA GLU B 229 23.21 -5.90 -16.60
C GLU B 229 23.02 -7.41 -16.57
N GLN B 230 23.80 -8.11 -17.39
CA GLN B 230 23.72 -9.57 -17.45
C GLN B 230 24.37 -10.18 -16.21
N MET B 231 25.61 -9.77 -15.94
CA MET B 231 26.35 -10.29 -14.79
C MET B 231 25.50 -10.21 -13.53
N MET B 232 24.89 -9.05 -13.32
CA MET B 232 24.03 -8.82 -12.16
C MET B 232 22.85 -9.78 -12.18
N ALA B 233 22.09 -9.74 -13.27
CA ALA B 233 20.91 -10.58 -13.44
C ALA B 233 21.18 -12.07 -13.25
N PHE B 234 22.16 -12.58 -13.96
CA PHE B 234 22.50 -14.01 -13.89
C PHE B 234 23.12 -14.45 -12.56
N GLU B 235 24.12 -13.71 -12.09
CA GLU B 235 24.78 -14.06 -10.83
C GLU B 235 23.82 -14.10 -9.66
N THR B 236 22.91 -13.13 -9.58
CA THR B 236 21.94 -13.10 -8.50
C THR B 236 21.04 -14.31 -8.59
N ALA B 237 20.53 -14.56 -9.80
CA ALA B 237 19.66 -15.71 -10.04
C ALA B 237 20.38 -16.99 -9.65
N LYS B 238 21.56 -17.19 -10.23
CA LYS B 238 22.37 -18.38 -9.96
C LYS B 238 22.59 -18.56 -8.46
N GLY B 239 23.05 -17.51 -7.79
CA GLY B 239 23.28 -17.60 -6.35
C GLY B 239 22.02 -17.98 -5.59
N PHE B 240 20.99 -17.16 -5.76
CA PHE B 240 19.69 -17.35 -5.11
C PHE B 240 19.23 -18.80 -5.21
N VAL B 241 19.30 -19.35 -6.42
CA VAL B 241 18.89 -20.73 -6.69
C VAL B 241 19.93 -21.74 -6.18
N ALA B 242 21.20 -21.38 -6.25
CA ALA B 242 22.27 -22.27 -5.81
C ALA B 242 22.15 -22.67 -4.35
N GLY B 243 21.72 -21.73 -3.51
CA GLY B 243 21.58 -22.02 -2.10
C GLY B 243 20.27 -22.70 -1.72
N GLN B 244 19.29 -22.61 -2.61
CA GLN B 244 17.98 -23.21 -2.37
C GLN B 244 17.83 -24.54 -3.10
N ALA B 245 18.72 -24.81 -4.05
CA ALA B 245 18.68 -26.04 -4.83
C ALA B 245 19.70 -27.06 -4.34
N GLY B 246 20.83 -26.56 -3.85
CA GLY B 246 21.86 -27.46 -3.36
C GLY B 246 22.58 -28.20 -4.47
N PRO B 247 23.65 -28.94 -4.14
CA PRO B 247 24.50 -29.74 -5.04
C PRO B 247 23.81 -30.52 -6.16
N ASN B 248 22.63 -31.08 -5.88
CA ASN B 248 21.89 -31.81 -6.90
C ASN B 248 20.99 -30.82 -7.61
N TYR B 249 21.55 -30.15 -8.62
CA TYR B 249 20.79 -29.14 -9.37
C TYR B 249 20.17 -29.58 -10.68
N PRO B 250 18.88 -29.96 -10.65
CA PRO B 250 18.23 -30.39 -11.89
C PRO B 250 18.16 -29.25 -12.91
N ALA B 251 16.97 -28.71 -13.13
CA ALA B 251 16.76 -27.63 -14.10
C ALA B 251 17.01 -26.20 -13.62
N PRO B 252 16.74 -25.91 -12.33
CA PRO B 252 16.95 -24.56 -11.80
C PRO B 252 18.28 -23.88 -12.08
N VAL B 253 19.35 -24.39 -11.49
CA VAL B 253 20.68 -23.78 -11.65
C VAL B 253 21.30 -23.94 -13.03
N GLU B 254 20.83 -24.91 -13.82
CA GLU B 254 21.37 -25.12 -15.16
C GLU B 254 20.66 -24.22 -16.16
N ALA B 255 19.36 -24.08 -16.01
CA ALA B 255 18.56 -23.24 -16.91
C ALA B 255 19.18 -21.86 -17.03
N ILE B 256 19.59 -21.31 -15.89
CA ILE B 256 20.19 -19.98 -15.85
C ILE B 256 21.55 -19.96 -16.54
N LYS B 257 22.31 -21.04 -16.38
CA LYS B 257 23.62 -21.13 -17.00
C LYS B 257 23.49 -21.15 -18.53
N THR B 258 22.40 -21.73 -19.00
CA THR B 258 22.14 -21.81 -20.44
C THR B 258 21.72 -20.46 -20.99
N ILE B 259 20.94 -19.72 -20.22
CA ILE B 259 20.48 -18.40 -20.65
C ILE B 259 21.62 -17.40 -20.59
N GLN B 260 22.47 -17.53 -19.57
CA GLN B 260 23.60 -16.63 -19.41
C GLN B 260 24.61 -16.77 -20.54
N LYS B 261 24.75 -17.99 -21.07
CA LYS B 261 25.68 -18.26 -22.15
C LYS B 261 25.09 -17.87 -23.50
N ALA B 262 23.83 -18.23 -23.73
CA ALA B 262 23.16 -17.93 -24.98
C ALA B 262 22.58 -16.52 -24.98
N ALA B 263 23.00 -15.71 -24.02
CA ALA B 263 22.52 -14.34 -23.90
C ALA B 263 22.82 -13.45 -25.12
N ASN B 264 24.08 -13.44 -25.55
CA ASN B 264 24.49 -12.63 -26.70
C ASN B 264 24.25 -13.29 -28.05
N PHE B 265 23.56 -14.43 -28.05
CA PHE B 265 23.29 -15.16 -29.27
C PHE B 265 21.86 -15.00 -29.76
N GLY B 266 21.63 -15.37 -31.01
CA GLY B 266 20.31 -15.29 -31.58
C GLY B 266 19.61 -16.62 -31.36
N ARG B 267 18.45 -16.81 -31.97
CA ARG B 267 17.70 -18.05 -31.82
C ARG B 267 18.54 -19.30 -32.10
N ASP B 268 18.94 -19.46 -33.36
CA ASP B 268 19.73 -20.61 -33.79
C ASP B 268 20.85 -21.03 -32.84
N LYS B 269 21.72 -20.07 -32.49
CA LYS B 269 22.82 -20.38 -31.58
C LYS B 269 22.34 -20.65 -30.16
N ALA B 270 21.27 -19.96 -29.77
CA ALA B 270 20.71 -20.13 -28.43
C ALA B 270 20.12 -21.53 -28.30
N LEU B 271 19.49 -22.01 -29.37
CA LEU B 271 18.90 -23.33 -29.37
C LEU B 271 19.97 -24.39 -29.14
N GLU B 272 21.14 -24.19 -29.75
CA GLU B 272 22.25 -25.12 -29.59
C GLU B 272 22.68 -25.19 -28.13
N VAL B 273 22.70 -24.05 -27.47
CA VAL B 273 23.08 -24.00 -26.06
C VAL B 273 22.05 -24.77 -25.24
N GLU B 274 20.78 -24.50 -25.51
CA GLU B 274 19.68 -25.15 -24.82
C GLU B 274 19.77 -26.67 -24.98
N ALA B 275 20.02 -27.11 -26.20
CA ALA B 275 20.12 -28.54 -26.50
C ALA B 275 21.29 -29.19 -25.76
N ALA B 276 22.45 -28.55 -25.82
CA ALA B 276 23.64 -29.08 -25.16
C ALA B 276 23.43 -29.27 -23.66
N GLY B 277 22.98 -28.23 -22.98
CA GLY B 277 22.74 -28.32 -21.55
C GLY B 277 21.64 -29.31 -21.23
N PHE B 278 20.69 -29.44 -22.13
CA PHE B 278 19.56 -30.35 -21.95
C PHE B 278 20.05 -31.79 -21.92
N ALA B 279 21.09 -32.06 -22.70
CA ALA B 279 21.66 -33.40 -22.77
C ALA B 279 22.41 -33.73 -21.49
N LYS B 280 23.08 -32.73 -20.93
CA LYS B 280 23.85 -32.91 -19.71
C LYS B 280 22.95 -33.38 -18.57
N LEU B 281 21.67 -33.05 -18.65
CA LEU B 281 20.71 -33.44 -17.62
C LEU B 281 19.99 -34.73 -17.97
N ALA B 282 20.08 -35.17 -19.23
CA ALA B 282 19.38 -36.38 -19.65
C ALA B 282 20.27 -37.56 -20.08
N LYS B 283 21.56 -37.31 -20.31
CA LYS B 283 22.47 -38.37 -20.76
C LYS B 283 22.60 -39.60 -19.86
N THR B 284 23.40 -40.58 -20.32
CA THR B 284 23.61 -41.85 -19.63
C THR B 284 24.84 -42.08 -18.74
N SER B 285 25.30 -43.32 -18.73
CA SER B 285 26.43 -43.82 -17.94
C SER B 285 27.68 -42.98 -17.72
N ALA B 286 27.76 -42.47 -16.50
CA ALA B 286 28.83 -41.63 -15.98
C ALA B 286 28.15 -41.26 -14.67
N SER B 287 27.23 -42.16 -14.29
CA SER B 287 26.42 -42.03 -13.10
C SER B 287 25.50 -40.83 -13.29
N ASN B 288 24.50 -40.99 -14.15
CA ASN B 288 23.55 -39.92 -14.41
C ASN B 288 22.21 -40.47 -14.90
N CYS B 289 21.69 -41.46 -14.17
CA CYS B 289 20.42 -42.05 -14.54
C CYS B 289 19.26 -41.13 -14.17
N LEU B 290 19.04 -40.11 -14.97
CA LEU B 290 17.94 -39.19 -14.74
C LEU B 290 16.82 -39.89 -15.50
N ILE B 291 17.15 -41.11 -15.91
CA ILE B 291 16.27 -42.00 -16.65
C ILE B 291 15.37 -42.68 -15.63
N GLY B 292 16.01 -43.25 -14.61
CA GLY B 292 15.28 -43.94 -13.55
C GLY B 292 14.22 -43.07 -12.92
N LEU B 293 14.45 -41.75 -12.92
CA LEU B 293 13.50 -40.82 -12.34
C LEU B 293 12.12 -41.02 -12.96
N PHE B 294 12.08 -41.06 -14.28
CA PHE B 294 10.82 -41.25 -14.99
C PHE B 294 10.35 -42.69 -14.92
N LEU B 295 11.30 -43.62 -14.76
CA LEU B 295 10.97 -45.04 -14.65
C LEU B 295 10.25 -45.24 -13.33
N ASN B 296 10.54 -44.35 -12.38
CA ASN B 296 9.92 -44.39 -11.06
C ASN B 296 8.71 -43.47 -11.06
N ASP B 297 8.87 -42.31 -11.70
CA ASP B 297 7.83 -41.30 -11.79
C ASP B 297 6.59 -41.73 -12.59
N GLN B 298 6.82 -42.32 -13.76
CA GLN B 298 5.72 -42.76 -14.60
C GLN B 298 5.00 -43.97 -13.99
N GLU B 299 5.48 -44.40 -12.82
CA GLU B 299 4.88 -45.53 -12.11
C GLU B 299 4.18 -45.06 -10.84
N LEU B 300 4.64 -43.94 -10.29
CA LEU B 300 4.03 -43.38 -9.09
C LEU B 300 2.87 -42.49 -9.50
N LYS B 301 3.08 -41.71 -10.56
CA LYS B 301 2.05 -40.82 -11.08
C LYS B 301 0.81 -41.61 -11.47
N LYS B 302 1.01 -42.86 -11.87
CA LYS B 302 -0.09 -43.72 -12.27
C LYS B 302 -0.65 -44.46 -11.05
N LYS B 303 0.25 -44.97 -10.21
CA LYS B 303 -0.16 -45.70 -9.02
C LYS B 303 -0.95 -44.81 -8.07
N ALA B 304 -0.48 -43.57 -7.92
CA ALA B 304 -1.14 -42.61 -7.05
C ALA B 304 -2.51 -42.22 -7.60
N LYS B 305 -2.56 -41.92 -8.89
CA LYS B 305 -3.81 -41.52 -9.53
C LYS B 305 -4.90 -42.55 -9.30
N VAL B 306 -4.54 -43.83 -9.39
CA VAL B 306 -5.50 -44.91 -9.18
C VAL B 306 -6.03 -44.84 -7.74
N TYR B 307 -5.17 -44.39 -6.83
CA TYR B 307 -5.55 -44.25 -5.43
C TYR B 307 -6.43 -43.01 -5.25
N ASP B 308 -6.20 -42.02 -6.11
CA ASP B 308 -6.94 -40.75 -6.03
C ASP B 308 -8.41 -40.81 -6.44
N LYS B 309 -8.79 -41.80 -7.24
CA LYS B 309 -10.18 -41.91 -7.66
C LYS B 309 -10.93 -42.89 -6.76
N ILE B 310 -10.25 -43.34 -5.71
CA ILE B 310 -10.82 -44.27 -4.74
C ILE B 310 -11.05 -43.52 -3.42
N ALA B 311 -10.04 -42.78 -3.00
CA ALA B 311 -10.07 -42.02 -1.76
C ALA B 311 -11.30 -41.15 -1.57
N LYS B 312 -11.75 -41.05 -0.33
CA LYS B 312 -12.91 -40.23 0.01
C LYS B 312 -12.51 -38.77 -0.03
N ASP B 313 -13.50 -37.89 -0.03
CA ASP B 313 -13.24 -36.46 -0.05
C ASP B 313 -12.71 -36.03 1.31
N VAL B 314 -11.75 -35.12 1.31
CA VAL B 314 -11.19 -34.61 2.55
C VAL B 314 -11.56 -33.14 2.65
N LYS B 315 -12.86 -32.89 2.56
CA LYS B 315 -13.41 -31.54 2.61
C LYS B 315 -13.19 -30.89 3.96
N GLN B 316 -13.11 -31.70 5.01
CA GLN B 316 -12.89 -31.19 6.36
C GLN B 316 -11.82 -32.00 7.07
N ALA B 317 -10.80 -31.31 7.58
CA ALA B 317 -9.71 -31.97 8.28
C ALA B 317 -9.47 -31.31 9.63
N ALA B 318 -8.55 -31.87 10.41
CA ALA B 318 -8.22 -31.33 11.72
C ALA B 318 -6.92 -31.97 12.22
N VAL B 319 -6.17 -31.22 13.03
CA VAL B 319 -4.92 -31.72 13.57
C VAL B 319 -4.91 -31.59 15.09
N LEU B 320 -4.33 -32.58 15.76
CA LEU B 320 -4.23 -32.57 17.21
C LEU B 320 -2.91 -32.01 17.69
N GLY B 321 -2.95 -30.79 18.23
CA GLY B 321 -1.75 -30.16 18.72
C GLY B 321 -1.25 -29.06 17.79
N ALA B 322 -1.06 -27.88 18.36
CA ALA B 322 -0.57 -26.74 17.58
C ALA B 322 0.93 -26.60 17.82
N GLY B 323 1.46 -25.41 17.58
CA GLY B 323 2.88 -25.19 17.78
C GLY B 323 3.76 -25.40 16.56
N ILE B 324 4.71 -26.34 16.69
CA ILE B 324 5.64 -26.64 15.61
C ILE B 324 5.01 -27.43 14.46
N MET B 325 4.81 -28.73 14.67
CA MET B 325 4.24 -29.60 13.64
C MET B 325 2.77 -29.31 13.34
N GLY B 326 2.02 -28.91 14.37
CA GLY B 326 0.63 -28.61 14.18
C GLY B 326 0.41 -27.39 13.30
N GLY B 327 1.21 -26.35 13.53
CA GLY B 327 1.10 -25.13 12.75
C GLY B 327 1.43 -25.37 11.29
N GLY B 328 2.23 -26.39 11.02
CA GLY B 328 2.60 -26.70 9.65
C GLY B 328 1.51 -27.47 8.94
N ILE B 329 1.03 -28.52 9.59
CA ILE B 329 -0.03 -29.35 9.03
C ILE B 329 -1.27 -28.50 8.76
N ALA B 330 -1.50 -27.52 9.62
CA ALA B 330 -2.64 -26.63 9.48
C ALA B 330 -2.37 -25.66 8.33
N TYR B 331 -1.13 -25.19 8.24
CA TYR B 331 -0.73 -24.26 7.21
C TYR B 331 -0.89 -24.91 5.84
N GLN B 332 -0.25 -26.07 5.66
CA GLN B 332 -0.31 -26.80 4.40
C GLN B 332 -1.73 -27.15 4.00
N SER B 333 -2.53 -27.60 4.95
CA SER B 333 -3.91 -27.98 4.67
C SER B 333 -4.76 -26.74 4.35
N ALA B 334 -4.34 -25.59 4.85
CA ALA B 334 -5.06 -24.35 4.63
C ALA B 334 -4.69 -23.70 3.29
N SER B 335 -3.41 -23.76 2.95
CA SER B 335 -2.91 -23.18 1.71
C SER B 335 -3.30 -23.99 0.47
N LYS B 336 -3.91 -25.15 0.68
CA LYS B 336 -4.30 -26.00 -0.44
C LYS B 336 -5.80 -26.22 -0.55
N GLY B 337 -6.59 -25.37 0.10
CA GLY B 337 -8.03 -25.49 0.04
C GLY B 337 -8.67 -26.58 0.88
N THR B 338 -8.22 -26.72 2.12
CA THR B 338 -8.78 -27.73 3.02
C THR B 338 -8.93 -27.19 4.43
N PRO B 339 -10.15 -26.75 4.79
CA PRO B 339 -10.42 -26.21 6.13
C PRO B 339 -9.93 -27.17 7.21
N ILE B 340 -9.03 -26.71 8.06
CA ILE B 340 -8.49 -27.54 9.12
C ILE B 340 -8.66 -26.94 10.50
N LEU B 341 -8.91 -27.79 11.49
CA LEU B 341 -9.09 -27.36 12.86
C LEU B 341 -7.81 -27.61 13.67
N MET B 342 -7.37 -26.59 14.41
CA MET B 342 -6.19 -26.74 15.25
C MET B 342 -6.62 -27.00 16.69
N LYS B 343 -6.74 -28.28 17.02
CA LYS B 343 -7.16 -28.69 18.36
C LYS B 343 -5.97 -28.72 19.31
N ASP B 344 -6.20 -28.30 20.55
CA ASP B 344 -5.16 -28.28 21.56
C ASP B 344 -5.83 -28.25 22.94
N ILE B 345 -5.03 -28.30 24.00
CA ILE B 345 -5.58 -28.29 25.35
C ILE B 345 -5.48 -26.95 26.07
N ASN B 346 -4.46 -26.16 25.72
CA ASN B 346 -4.28 -24.86 26.35
C ASN B 346 -4.22 -23.74 25.33
N GLU B 347 -4.73 -22.57 25.71
CA GLU B 347 -4.75 -21.41 24.83
C GLU B 347 -3.35 -21.04 24.35
N HIS B 348 -2.34 -21.29 25.18
CA HIS B 348 -0.96 -20.97 24.82
C HIS B 348 -0.50 -21.76 23.60
N GLY B 349 -1.13 -22.90 23.37
CA GLY B 349 -0.76 -23.73 22.22
C GLY B 349 -1.27 -23.13 20.92
N ILE B 350 -2.57 -22.83 20.89
CA ILE B 350 -3.18 -22.25 19.71
C ILE B 350 -2.47 -20.97 19.28
N GLU B 351 -1.96 -20.23 20.26
CA GLU B 351 -1.26 -18.98 19.98
C GLU B 351 -0.01 -19.28 19.15
N GLN B 352 0.74 -20.29 19.59
CA GLN B 352 1.97 -20.70 18.90
C GLN B 352 1.66 -21.09 17.46
N GLY B 353 0.66 -21.95 17.30
CA GLY B 353 0.28 -22.40 15.97
C GLY B 353 -0.14 -21.27 15.06
N LEU B 354 -1.13 -20.49 15.48
CA LEU B 354 -1.62 -19.37 14.69
C LEU B 354 -0.48 -18.40 14.36
N ALA B 355 0.44 -18.22 15.29
CA ALA B 355 1.56 -17.33 15.10
C ALA B 355 2.46 -17.80 13.95
N GLU B 356 2.94 -19.03 14.05
CA GLU B 356 3.80 -19.59 13.02
C GLU B 356 3.13 -19.62 11.65
N ALA B 357 1.85 -19.98 11.63
CA ALA B 357 1.11 -20.02 10.37
C ALA B 357 1.02 -18.62 9.80
N ALA B 358 0.98 -17.63 10.69
CA ALA B 358 0.89 -16.23 10.29
C ALA B 358 2.24 -15.70 9.83
N LYS B 359 3.31 -16.22 10.44
CA LYS B 359 4.67 -15.80 10.09
C LYS B 359 5.04 -16.25 8.68
N LEU B 360 4.49 -17.38 8.26
CA LEU B 360 4.79 -17.91 6.93
C LEU B 360 4.00 -17.18 5.85
N LEU B 361 2.72 -16.90 6.15
CA LEU B 361 1.86 -16.20 5.21
C LEU B 361 2.35 -14.78 4.97
N VAL B 362 2.71 -14.08 6.04
CA VAL B 362 3.21 -12.72 5.92
C VAL B 362 4.55 -12.74 5.21
N GLY B 363 5.31 -13.82 5.44
CA GLY B 363 6.61 -13.95 4.81
C GLY B 363 6.55 -13.81 3.30
N ARG B 364 5.50 -14.36 2.70
CA ARG B 364 5.35 -14.28 1.24
C ARG B 364 4.73 -12.98 0.78
N VAL B 365 3.85 -12.40 1.59
CA VAL B 365 3.21 -11.14 1.24
C VAL B 365 4.21 -10.00 1.38
N ASP B 366 5.09 -10.10 2.37
CA ASP B 366 6.11 -9.08 2.64
C ASP B 366 7.26 -9.15 1.65
N LYS B 367 6.98 -9.70 0.46
CA LYS B 367 7.98 -9.84 -0.59
C LYS B 367 7.30 -9.75 -1.95
N GLY B 368 6.02 -10.11 -1.99
CA GLY B 368 5.27 -10.06 -3.23
C GLY B 368 4.78 -11.39 -3.77
N ARG B 369 5.13 -12.49 -3.12
CA ARG B 369 4.72 -13.81 -3.59
C ARG B 369 3.26 -14.17 -3.31
N MET B 370 2.69 -13.63 -2.24
CA MET B 370 1.29 -13.93 -1.90
C MET B 370 0.40 -12.70 -1.79
N THR B 371 -0.83 -12.82 -2.26
CA THR B 371 -1.81 -11.74 -2.23
C THR B 371 -2.43 -11.59 -0.84
N PRO B 372 -2.59 -10.33 -0.39
CA PRO B 372 -3.19 -10.08 0.93
C PRO B 372 -4.56 -10.74 1.04
N ALA B 373 -5.26 -10.81 -0.09
CA ALA B 373 -6.58 -11.41 -0.13
C ALA B 373 -6.45 -12.93 0.02
N LYS B 374 -5.31 -13.46 -0.40
CA LYS B 374 -5.05 -14.89 -0.30
C LYS B 374 -4.71 -15.26 1.14
N MET B 375 -3.92 -14.40 1.79
CA MET B 375 -3.51 -14.64 3.16
C MET B 375 -4.75 -14.71 4.05
N ALA B 376 -5.78 -13.96 3.66
CA ALA B 376 -7.03 -13.93 4.40
C ALA B 376 -7.71 -15.30 4.30
N GLU B 377 -7.83 -15.80 3.07
CA GLU B 377 -8.45 -17.10 2.83
C GLU B 377 -7.77 -18.19 3.66
N VAL B 378 -6.45 -18.26 3.55
CA VAL B 378 -5.66 -19.25 4.28
C VAL B 378 -5.94 -19.20 5.77
N LEU B 379 -5.87 -18.00 6.35
CA LEU B 379 -6.11 -17.83 7.78
C LEU B 379 -7.51 -18.24 8.19
N ASN B 380 -8.49 -18.00 7.33
CA ASN B 380 -9.87 -18.37 7.64
C ASN B 380 -10.02 -19.89 7.57
N GLY B 381 -9.20 -20.51 6.74
CA GLY B 381 -9.24 -21.96 6.60
C GLY B 381 -8.84 -22.64 7.89
N ILE B 382 -7.92 -22.02 8.62
CA ILE B 382 -7.43 -22.55 9.88
C ILE B 382 -8.39 -22.09 10.98
N ARG B 383 -8.97 -23.06 11.69
CA ARG B 383 -9.92 -22.74 12.74
C ARG B 383 -9.54 -23.34 14.10
N PRO B 384 -9.07 -22.49 15.02
CA PRO B 384 -8.64 -22.86 16.37
C PRO B 384 -9.77 -23.50 17.18
N THR B 385 -9.40 -24.29 18.19
CA THR B 385 -10.37 -24.96 19.05
C THR B 385 -9.70 -25.72 20.18
N LEU B 386 -10.36 -25.75 21.34
CA LEU B 386 -9.85 -26.44 22.50
C LEU B 386 -10.79 -27.57 22.90
N SER B 387 -11.74 -27.87 22.01
CA SER B 387 -12.71 -28.94 22.25
C SER B 387 -12.93 -29.74 20.97
N TYR B 388 -13.87 -30.68 21.01
CA TYR B 388 -14.18 -31.50 19.85
C TYR B 388 -15.58 -31.24 19.32
N GLY B 389 -16.19 -30.15 19.79
CA GLY B 389 -17.54 -29.81 19.38
C GLY B 389 -17.78 -29.73 17.88
N ASP B 390 -16.77 -29.27 17.14
CA ASP B 390 -16.92 -29.12 15.69
C ASP B 390 -16.34 -30.27 14.87
N PHE B 391 -15.92 -31.34 15.53
CA PHE B 391 -15.36 -32.49 14.84
C PHE B 391 -16.44 -33.37 14.21
N GLY B 392 -17.66 -32.84 14.15
CA GLY B 392 -18.77 -33.59 13.58
C GLY B 392 -18.68 -33.93 12.10
N ASN B 393 -18.12 -33.03 11.30
CA ASN B 393 -18.02 -33.27 9.87
C ASN B 393 -16.59 -33.45 9.34
N VAL B 394 -15.64 -33.67 10.24
CA VAL B 394 -14.25 -33.87 9.84
C VAL B 394 -14.10 -35.25 9.21
N ASP B 395 -13.42 -35.30 8.06
CA ASP B 395 -13.21 -36.54 7.35
C ASP B 395 -11.93 -37.25 7.77
N LEU B 396 -10.83 -36.50 7.85
CA LEU B 396 -9.55 -37.07 8.24
C LEU B 396 -8.94 -36.29 9.39
N VAL B 397 -8.46 -37.00 10.40
CA VAL B 397 -7.87 -36.38 11.58
C VAL B 397 -6.40 -36.78 11.72
N VAL B 398 -5.55 -35.80 12.01
CA VAL B 398 -4.13 -36.05 12.19
C VAL B 398 -3.71 -35.72 13.63
N GLU B 399 -2.84 -36.56 14.18
CA GLU B 399 -2.35 -36.37 15.55
C GLU B 399 -0.92 -35.85 15.54
N ALA B 400 -0.64 -34.89 16.41
CA ALA B 400 0.69 -34.31 16.52
C ALA B 400 1.10 -34.15 17.99
N VAL B 401 0.50 -34.97 18.84
CA VAL B 401 0.79 -34.94 20.27
C VAL B 401 2.23 -35.33 20.54
N VAL B 402 2.73 -34.97 21.72
CA VAL B 402 4.10 -35.28 22.13
C VAL B 402 4.45 -36.75 21.93
N GLU B 403 5.72 -37.02 21.66
CA GLU B 403 6.21 -38.38 21.46
C GLU B 403 6.02 -39.24 22.71
N ASN B 404 4.90 -39.95 22.78
CA ASN B 404 4.61 -40.81 23.92
C ASN B 404 3.54 -41.82 23.54
N PRO B 405 3.91 -43.11 23.49
CA PRO B 405 2.98 -44.19 23.14
C PRO B 405 1.66 -44.11 23.91
N LYS B 406 1.76 -43.97 25.23
CA LYS B 406 0.59 -43.90 26.08
C LYS B 406 -0.28 -42.69 25.72
N VAL B 407 0.31 -41.50 25.81
CA VAL B 407 -0.39 -40.27 25.51
C VAL B 407 -1.08 -40.32 24.16
N LYS B 408 -0.32 -40.64 23.11
CA LYS B 408 -0.86 -40.72 21.76
C LYS B 408 -2.07 -41.64 21.68
N GLN B 409 -2.04 -42.75 22.43
CA GLN B 409 -3.14 -43.69 22.43
C GLN B 409 -4.39 -43.11 23.07
N ALA B 410 -4.21 -42.38 24.17
CA ALA B 410 -5.33 -41.77 24.87
C ALA B 410 -5.98 -40.70 24.00
N VAL B 411 -5.16 -39.84 23.41
CA VAL B 411 -5.65 -38.77 22.55
C VAL B 411 -6.38 -39.33 21.33
N LEU B 412 -5.75 -40.29 20.66
CA LEU B 412 -6.34 -40.90 19.47
C LEU B 412 -7.69 -41.54 19.79
N ALA B 413 -7.72 -42.37 20.83
CA ALA B 413 -8.95 -43.04 21.24
C ALA B 413 -10.01 -42.01 21.62
N GLU B 414 -9.56 -40.88 22.14
CA GLU B 414 -10.45 -39.81 22.56
C GLU B 414 -11.19 -39.18 21.39
N VAL B 415 -10.45 -38.79 20.36
CA VAL B 415 -11.03 -38.17 19.17
C VAL B 415 -11.94 -39.13 18.42
N GLU B 416 -11.63 -40.42 18.49
CA GLU B 416 -12.42 -41.43 17.79
C GLU B 416 -13.86 -41.46 18.29
N ASN B 417 -14.12 -40.85 19.44
CA ASN B 417 -15.46 -40.82 20.01
C ASN B 417 -16.14 -39.47 19.76
N HIS B 418 -15.59 -38.68 18.85
CA HIS B 418 -16.16 -37.37 18.55
C HIS B 418 -16.20 -37.07 17.06
N VAL B 419 -16.01 -38.10 16.24
CA VAL B 419 -16.04 -37.97 14.79
C VAL B 419 -16.87 -39.09 14.18
N ARG B 420 -17.24 -38.95 12.91
CA ARG B 420 -18.02 -40.00 12.24
C ARG B 420 -17.22 -41.29 12.34
N GLU B 421 -17.89 -42.42 12.25
CA GLU B 421 -17.18 -43.69 12.35
C GLU B 421 -16.45 -44.04 11.06
N ASP B 422 -16.83 -43.40 9.96
CA ASP B 422 -16.19 -43.66 8.67
C ASP B 422 -15.06 -42.67 8.46
N ALA B 423 -14.70 -41.94 9.52
CA ALA B 423 -13.63 -40.96 9.45
C ALA B 423 -12.28 -41.64 9.60
N ILE B 424 -11.25 -41.07 8.96
CA ILE B 424 -9.91 -41.62 9.03
C ILE B 424 -9.05 -40.91 10.06
N LEU B 425 -8.34 -41.69 10.87
CA LEU B 425 -7.46 -41.14 11.89
C LEU B 425 -6.02 -41.44 11.49
N ALA B 426 -5.12 -40.51 11.77
CA ALA B 426 -3.71 -40.70 11.42
C ALA B 426 -2.78 -40.01 12.40
N SER B 427 -1.68 -40.67 12.73
CA SER B 427 -0.69 -40.11 13.64
C SER B 427 0.51 -39.62 12.86
N ASN B 428 1.20 -38.62 13.39
CA ASN B 428 2.37 -38.05 12.73
C ASN B 428 3.65 -38.51 13.44
N THR B 429 3.51 -39.46 14.36
CA THR B 429 4.64 -39.98 15.11
C THR B 429 5.78 -40.43 14.20
N SER B 430 6.97 -40.54 14.78
CA SER B 430 8.15 -40.93 14.00
C SER B 430 8.94 -42.07 14.65
N THR B 431 8.76 -42.28 15.94
CA THR B 431 9.48 -43.34 16.64
C THR B 431 8.56 -44.35 17.34
N ILE B 432 7.27 -44.28 17.05
CA ILE B 432 6.31 -45.19 17.66
C ILE B 432 5.57 -46.02 16.62
N SER B 433 5.37 -47.29 16.93
CA SER B 433 4.69 -48.22 16.03
C SER B 433 3.22 -47.86 15.81
N ILE B 434 2.83 -47.74 14.55
CA ILE B 434 1.46 -47.43 14.19
C ILE B 434 0.54 -48.58 14.61
N SER B 435 1.06 -49.81 14.47
CA SER B 435 0.29 -50.99 14.82
C SER B 435 0.09 -51.07 16.34
N LEU B 436 0.91 -50.32 17.07
CA LEU B 436 0.81 -50.30 18.52
C LEU B 436 -0.27 -49.30 18.94
N LEU B 437 -0.22 -48.11 18.36
CA LEU B 437 -1.19 -47.06 18.67
C LEU B 437 -2.61 -47.49 18.32
N ALA B 438 -2.75 -48.19 17.20
CA ALA B 438 -4.06 -48.65 16.73
C ALA B 438 -4.82 -49.49 17.75
N LYS B 439 -4.09 -50.21 18.60
CA LYS B 439 -4.71 -51.07 19.60
C LYS B 439 -5.63 -50.31 20.57
N ALA B 440 -5.33 -49.04 20.80
CA ALA B 440 -6.13 -48.23 21.69
C ALA B 440 -7.49 -47.96 21.06
N LEU B 441 -7.47 -47.58 19.79
CA LEU B 441 -8.68 -47.29 19.03
C LEU B 441 -9.60 -48.49 18.92
N LYS B 442 -10.86 -48.23 18.60
CA LYS B 442 -11.86 -49.28 18.45
C LYS B 442 -12.18 -49.47 16.96
N ARG B 443 -11.47 -48.70 16.12
CA ARG B 443 -11.65 -48.77 14.68
C ARG B 443 -10.30 -48.65 14.00
N PRO B 444 -9.41 -49.65 14.20
CA PRO B 444 -8.07 -49.68 13.62
C PRO B 444 -8.04 -49.62 12.09
N GLU B 445 -9.12 -50.07 11.45
CA GLU B 445 -9.21 -50.07 10.00
C GLU B 445 -9.05 -48.67 9.42
N ASN B 446 -9.52 -47.67 10.17
CA ASN B 446 -9.44 -46.28 9.72
C ASN B 446 -8.18 -45.59 10.20
N PHE B 447 -7.37 -46.29 11.00
CA PHE B 447 -6.14 -45.71 11.51
C PHE B 447 -4.93 -46.11 10.70
N VAL B 448 -4.13 -45.10 10.33
CA VAL B 448 -2.92 -45.32 9.56
C VAL B 448 -1.85 -44.38 10.07
N GLY B 449 -0.78 -44.22 9.30
CA GLY B 449 0.29 -43.34 9.71
C GLY B 449 0.57 -42.30 8.64
N MET B 450 0.53 -41.03 9.03
CA MET B 450 0.80 -39.93 8.11
C MET B 450 2.00 -39.18 8.69
N HIS B 451 3.19 -39.53 8.19
CA HIS B 451 4.44 -38.94 8.65
C HIS B 451 4.93 -37.76 7.82
N PHE B 452 5.01 -36.60 8.45
CA PHE B 452 5.51 -35.41 7.78
C PHE B 452 6.92 -35.14 8.30
N PHE B 453 7.66 -34.29 7.61
CA PHE B 453 9.02 -33.97 8.03
C PHE B 453 9.24 -32.48 8.26
N ASN B 454 9.82 -32.15 9.39
CA ASN B 454 10.10 -30.78 9.79
C ASN B 454 11.11 -30.12 8.84
N PRO B 455 10.76 -28.97 8.25
CA PRO B 455 9.50 -28.23 8.39
C PRO B 455 8.41 -28.78 7.47
N VAL B 456 7.18 -28.86 7.98
CA VAL B 456 6.05 -29.37 7.21
C VAL B 456 5.87 -28.71 5.85
N HIS B 457 6.20 -27.42 5.76
CA HIS B 457 6.04 -26.69 4.52
C HIS B 457 7.25 -26.74 3.59
N MET B 458 8.37 -27.25 4.09
CA MET B 458 9.58 -27.36 3.29
C MET B 458 9.78 -28.73 2.64
N MET B 459 9.73 -29.77 3.47
CA MET B 459 9.94 -31.13 2.98
C MET B 459 8.75 -31.67 2.18
N PRO B 460 9.01 -32.28 1.01
CA PRO B 460 8.01 -32.85 0.12
C PRO B 460 7.40 -34.18 0.57
N LEU B 461 8.26 -35.13 0.93
CA LEU B 461 7.81 -36.45 1.33
C LEU B 461 6.90 -36.55 2.55
N VAL B 462 5.96 -37.49 2.47
CA VAL B 462 5.00 -37.76 3.54
C VAL B 462 4.78 -39.26 3.52
N GLU B 463 5.33 -39.96 4.51
CA GLU B 463 5.20 -41.40 4.58
C GLU B 463 3.81 -41.82 5.07
N VAL B 464 3.22 -42.80 4.39
CA VAL B 464 1.92 -43.31 4.76
C VAL B 464 2.13 -44.67 5.40
N ILE B 465 2.49 -44.67 6.68
CA ILE B 465 2.74 -45.90 7.41
C ILE B 465 1.47 -46.72 7.60
N ARG B 466 1.35 -47.79 6.82
CA ARG B 466 0.19 -48.66 6.91
C ARG B 466 0.35 -49.64 8.07
N GLY B 467 -0.62 -49.66 8.95
CA GLY B 467 -0.57 -50.57 10.08
C GLY B 467 -0.98 -51.96 9.64
N GLU B 468 -0.97 -52.92 10.55
CA GLU B 468 -1.33 -54.29 10.21
C GLU B 468 -2.85 -54.42 10.03
N LYS B 469 -3.61 -53.54 10.67
CA LYS B 469 -5.06 -53.56 10.57
C LYS B 469 -5.63 -52.35 9.85
N SER B 470 -4.85 -51.78 8.94
CA SER B 470 -5.28 -50.61 8.19
C SER B 470 -5.93 -51.00 6.87
N SER B 471 -7.12 -50.45 6.60
CA SER B 471 -7.84 -50.74 5.37
C SER B 471 -7.24 -49.96 4.22
N ASP B 472 -7.52 -50.41 2.99
CA ASP B 472 -7.01 -49.75 1.79
C ASP B 472 -7.60 -48.35 1.66
N LEU B 473 -8.88 -48.23 1.97
CA LEU B 473 -9.57 -46.94 1.88
C LEU B 473 -8.88 -45.93 2.78
N ALA B 474 -8.43 -46.39 3.95
CA ALA B 474 -7.75 -45.55 4.91
C ALA B 474 -6.48 -44.98 4.30
N VAL B 475 -5.67 -45.87 3.73
CA VAL B 475 -4.41 -45.47 3.12
C VAL B 475 -4.67 -44.59 1.89
N ALA B 476 -5.65 -44.98 1.08
CA ALA B 476 -5.99 -44.23 -0.12
C ALA B 476 -6.32 -42.78 0.19
N THR B 477 -7.17 -42.56 1.18
CA THR B 477 -7.57 -41.21 1.58
C THR B 477 -6.36 -40.40 2.05
N THR B 478 -5.51 -41.02 2.85
CA THR B 478 -4.32 -40.35 3.37
C THR B 478 -3.37 -39.97 2.24
N VAL B 479 -3.16 -40.90 1.32
CA VAL B 479 -2.28 -40.66 0.17
C VAL B 479 -2.82 -39.49 -0.64
N ALA B 480 -4.10 -39.53 -0.97
CA ALA B 480 -4.74 -38.48 -1.73
C ALA B 480 -4.66 -37.14 -1.03
N TYR B 481 -4.97 -37.14 0.27
CA TYR B 481 -4.94 -35.93 1.07
C TYR B 481 -3.55 -35.31 1.08
N ALA B 482 -2.52 -36.16 0.95
CA ALA B 482 -1.14 -35.68 0.93
C ALA B 482 -0.85 -34.99 -0.40
N LYS B 483 -1.27 -35.62 -1.49
CA LYS B 483 -1.07 -35.05 -2.82
C LYS B 483 -1.77 -33.72 -2.95
N LYS B 484 -2.98 -33.63 -2.39
CA LYS B 484 -3.76 -32.41 -2.44
C LYS B 484 -3.01 -31.26 -1.75
N MET B 485 -2.20 -31.62 -0.75
CA MET B 485 -1.42 -30.63 -0.01
C MET B 485 -0.09 -30.37 -0.70
N GLY B 486 -0.02 -30.67 -2.00
CA GLY B 486 1.19 -30.45 -2.77
C GLY B 486 2.38 -31.27 -2.27
N LYS B 487 2.12 -32.51 -1.86
CA LYS B 487 3.18 -33.38 -1.36
C LYS B 487 3.38 -34.58 -2.27
N ASN B 488 4.27 -35.47 -1.86
CA ASN B 488 4.58 -36.69 -2.61
C ASN B 488 4.53 -37.86 -1.65
N PRO B 489 3.35 -38.45 -1.45
CA PRO B 489 3.16 -39.59 -0.54
C PRO B 489 3.65 -40.93 -1.09
N ILE B 490 4.07 -41.79 -0.17
CA ILE B 490 4.56 -43.12 -0.52
C ILE B 490 4.13 -44.09 0.58
N VAL B 491 3.48 -45.18 0.18
CA VAL B 491 3.00 -46.18 1.15
C VAL B 491 4.14 -47.02 1.72
N VAL B 492 4.23 -47.04 3.04
CA VAL B 492 5.26 -47.80 3.74
C VAL B 492 4.63 -48.59 4.88
N ASN B 493 5.01 -49.88 4.98
CA ASN B 493 4.48 -50.73 6.04
C ASN B 493 5.15 -50.38 7.37
N ASP B 494 4.40 -50.55 8.46
CA ASP B 494 4.89 -50.24 9.80
C ASP B 494 6.12 -51.03 10.23
N CYS B 495 7.14 -50.31 10.69
CA CYS B 495 8.39 -50.91 11.16
C CYS B 495 9.21 -49.85 11.88
N PRO B 496 10.02 -50.27 12.87
CA PRO B 496 10.85 -49.33 13.63
C PRO B 496 11.72 -48.46 12.72
N GLY B 497 11.31 -47.21 12.52
CA GLY B 497 12.08 -46.30 11.68
C GLY B 497 11.48 -46.10 10.30
N PHE B 498 10.48 -46.91 9.95
CA PHE B 498 9.83 -46.81 8.65
C PHE B 498 10.81 -47.03 7.51
N LEU B 499 10.68 -46.26 6.43
CA LEU B 499 11.57 -46.42 5.29
C LEU B 499 12.70 -45.39 5.25
N VAL B 500 12.34 -44.11 5.11
CA VAL B 500 13.32 -43.04 5.04
C VAL B 500 14.30 -43.02 6.21
N ASN B 501 13.78 -42.78 7.42
CA ASN B 501 14.61 -42.71 8.62
C ASN B 501 15.46 -43.96 8.82
N ARG B 502 14.85 -45.13 8.64
CA ARG B 502 15.54 -46.39 8.82
C ARG B 502 16.76 -46.49 7.89
N VAL B 503 16.71 -45.77 6.77
CA VAL B 503 17.79 -45.78 5.80
C VAL B 503 18.72 -44.60 5.98
N LEU B 504 18.21 -43.51 6.56
CA LEU B 504 19.00 -42.31 6.76
C LEU B 504 20.09 -42.43 7.82
N PHE B 505 19.86 -43.24 8.86
CA PHE B 505 20.85 -43.39 9.91
C PHE B 505 22.01 -44.31 9.56
N PRO B 506 21.75 -45.42 8.86
CA PRO B 506 22.89 -46.29 8.52
C PRO B 506 23.87 -45.44 7.72
N TYR B 507 23.30 -44.56 6.90
CA TYR B 507 24.06 -43.64 6.07
C TYR B 507 24.95 -42.80 6.98
N PHE B 508 24.37 -42.34 8.08
CA PHE B 508 25.10 -41.54 9.07
C PHE B 508 26.06 -42.43 9.84
N GLY B 509 25.79 -43.73 9.83
CA GLY B 509 26.66 -44.66 10.52
C GLY B 509 28.00 -44.68 9.83
N GLY B 510 27.97 -44.55 8.51
CA GLY B 510 29.21 -44.52 7.73
C GLY B 510 29.96 -43.24 8.03
N PHE B 511 29.21 -42.18 8.31
CA PHE B 511 29.80 -40.88 8.61
C PHE B 511 30.48 -40.97 9.98
N ALA B 512 29.75 -41.48 10.96
CA ALA B 512 30.27 -41.63 12.31
C ALA B 512 31.57 -42.40 12.30
N LYS B 513 31.70 -43.35 11.39
CA LYS B 513 32.92 -44.15 11.28
C LYS B 513 34.05 -43.33 10.67
N LEU B 514 33.72 -42.46 9.73
CA LEU B 514 34.72 -41.61 9.09
C LEU B 514 35.38 -40.69 10.11
N VAL B 515 34.55 -40.00 10.90
CA VAL B 515 35.06 -39.08 11.91
C VAL B 515 35.95 -39.81 12.90
N SER B 516 35.56 -41.04 13.25
CA SER B 516 36.34 -41.84 14.19
C SER B 516 37.67 -42.25 13.57
N ALA B 517 37.72 -42.23 12.24
CA ALA B 517 38.93 -42.60 11.51
C ALA B 517 39.78 -41.37 11.18
N GLY B 518 39.61 -40.31 11.97
CA GLY B 518 40.39 -39.10 11.76
C GLY B 518 40.08 -38.34 10.48
N VAL B 519 38.95 -38.67 9.84
CA VAL B 519 38.59 -37.99 8.60
C VAL B 519 37.87 -36.67 8.88
N ASP B 520 38.35 -35.60 8.25
CA ASP B 520 37.76 -34.28 8.42
C ASP B 520 36.36 -34.27 7.84
N PHE B 521 35.36 -34.00 8.69
CA PHE B 521 33.98 -33.97 8.25
C PHE B 521 33.74 -32.88 7.20
N VAL B 522 34.56 -31.84 7.23
CA VAL B 522 34.43 -30.75 6.26
C VAL B 522 34.74 -31.29 4.88
N ARG B 523 35.76 -32.13 4.79
CA ARG B 523 36.17 -32.71 3.52
C ARG B 523 35.10 -33.72 3.10
N ILE B 524 34.52 -34.39 4.07
CA ILE B 524 33.49 -35.39 3.82
C ILE B 524 32.26 -34.83 3.11
N ASP B 525 31.56 -33.89 3.73
CA ASP B 525 30.37 -33.31 3.11
C ASP B 525 30.65 -32.54 1.82
N LYS B 526 31.86 -32.02 1.67
CA LYS B 526 32.22 -31.31 0.46
C LYS B 526 32.22 -32.33 -0.67
N VAL B 527 32.57 -33.57 -0.31
CA VAL B 527 32.61 -34.68 -1.26
C VAL B 527 31.19 -35.19 -1.51
N MET B 528 30.39 -35.24 -0.45
CA MET B 528 29.02 -35.71 -0.56
C MET B 528 28.17 -34.71 -1.34
N GLU B 529 28.55 -33.44 -1.27
CA GLU B 529 27.83 -32.40 -1.99
C GLU B 529 28.28 -32.45 -3.44
N LYS B 530 29.52 -32.89 -3.65
CA LYS B 530 30.07 -33.01 -4.99
C LYS B 530 29.43 -34.25 -5.62
N PHE B 531 28.90 -35.11 -4.77
CA PHE B 531 28.24 -36.33 -5.20
C PHE B 531 26.84 -36.00 -5.72
N GLY B 532 26.12 -35.18 -4.96
CA GLY B 532 24.79 -34.78 -5.36
C GLY B 532 23.85 -34.53 -4.20
N TRP B 533 24.28 -34.80 -2.99
CA TRP B 533 23.43 -34.57 -1.82
C TRP B 533 23.20 -33.10 -1.54
N PRO B 534 21.95 -32.72 -1.21
CA PRO B 534 21.58 -31.33 -0.92
C PRO B 534 22.46 -30.77 0.19
N MET B 535 22.45 -31.44 1.34
CA MET B 535 23.24 -31.04 2.49
C MET B 535 24.27 -32.12 2.80
N GLY B 536 25.37 -31.73 3.44
CA GLY B 536 26.39 -32.68 3.78
C GLY B 536 26.03 -33.44 5.06
N PRO B 537 26.64 -34.60 5.31
CA PRO B 537 26.37 -35.40 6.51
C PRO B 537 26.47 -34.61 7.81
N ALA B 538 27.60 -33.93 8.01
CA ALA B 538 27.82 -33.14 9.22
C ALA B 538 26.82 -31.99 9.30
N TYR B 539 26.69 -31.25 8.21
CA TYR B 539 25.78 -30.11 8.14
C TYR B 539 24.34 -30.53 8.37
N LEU B 540 23.97 -31.69 7.81
CA LEU B 540 22.62 -32.21 7.95
C LEU B 540 22.36 -32.53 9.42
N MET B 541 23.32 -33.19 10.06
CA MET B 541 23.21 -33.54 11.46
C MET B 541 22.97 -32.31 12.32
N ASP B 542 23.54 -31.19 11.91
CA ASP B 542 23.37 -29.94 12.65
C ASP B 542 21.95 -29.43 12.50
N VAL B 543 21.41 -29.57 11.28
CA VAL B 543 20.05 -29.12 10.99
C VAL B 543 19.05 -29.94 11.79
N VAL B 544 19.17 -31.26 11.72
CA VAL B 544 18.29 -32.17 12.45
C VAL B 544 18.48 -32.00 13.95
N GLY B 545 19.72 -31.78 14.36
CA GLY B 545 20.03 -31.61 15.77
C GLY B 545 20.74 -32.80 16.37
N ILE B 546 21.84 -32.53 17.08
CA ILE B 546 22.62 -33.60 17.70
C ILE B 546 21.81 -34.31 18.77
N ASP B 547 20.97 -33.57 19.48
CA ASP B 547 20.14 -34.17 20.52
C ASP B 547 19.07 -35.07 19.92
N THR B 548 18.62 -34.73 18.72
CA THR B 548 17.62 -35.52 18.02
C THR B 548 18.28 -36.75 17.43
N GLY B 549 19.35 -36.53 16.67
CA GLY B 549 20.06 -37.65 16.06
C GLY B 549 20.51 -38.66 17.09
N HIS B 550 20.85 -38.19 18.28
CA HIS B 550 21.29 -39.06 19.35
C HIS B 550 20.14 -39.93 19.84
N HIS B 551 18.94 -39.34 19.88
CA HIS B 551 17.76 -40.07 20.34
C HIS B 551 17.36 -41.10 19.28
N GLY B 552 17.43 -40.70 18.01
CA GLY B 552 17.07 -41.59 16.93
C GLY B 552 18.00 -42.79 16.87
N ARG B 553 19.26 -42.58 17.25
CA ARG B 553 20.25 -43.65 17.24
C ARG B 553 19.78 -44.81 18.10
N ASP B 554 19.31 -44.49 19.30
CA ASP B 554 18.83 -45.50 20.24
C ASP B 554 17.57 -46.19 19.72
N VAL B 555 16.74 -45.44 19.01
CA VAL B 555 15.51 -45.98 18.46
C VAL B 555 15.78 -47.03 17.39
N MET B 556 16.84 -46.81 16.61
CA MET B 556 17.20 -47.74 15.55
C MET B 556 18.06 -48.88 16.10
N ALA B 557 18.85 -48.59 17.11
CA ALA B 557 19.72 -49.59 17.73
C ALA B 557 18.86 -50.69 18.34
N GLU B 558 17.81 -50.30 19.04
CA GLU B 558 16.90 -51.25 19.67
C GLU B 558 16.12 -52.03 18.62
N GLY B 559 15.81 -51.35 17.51
CA GLY B 559 15.07 -51.98 16.44
C GLY B 559 15.81 -53.15 15.82
N PHE B 560 17.02 -52.91 15.35
CA PHE B 560 17.83 -53.96 14.74
C PHE B 560 19.22 -54.01 15.36
N PRO B 561 19.32 -54.56 16.58
CA PRO B 561 20.59 -54.69 17.31
C PRO B 561 21.67 -55.45 16.56
N ASP B 562 21.25 -56.43 15.77
CA ASP B 562 22.19 -57.26 15.01
C ASP B 562 23.13 -56.48 14.09
N ARG B 563 22.81 -55.23 13.80
CA ARG B 563 23.66 -54.44 12.91
C ARG B 563 23.70 -52.94 13.16
N MET B 564 22.75 -52.41 13.92
CA MET B 564 22.74 -50.97 14.18
C MET B 564 22.92 -50.59 15.64
N LYS B 565 23.58 -51.47 16.39
CA LYS B 565 23.85 -51.23 17.80
C LYS B 565 25.36 -51.22 17.97
N ASP B 566 25.99 -50.10 17.62
CA ASP B 566 27.44 -49.96 17.73
C ASP B 566 27.85 -49.82 19.19
N ASP B 567 28.40 -48.65 19.52
CA ASP B 567 28.83 -48.31 20.86
C ASP B 567 30.29 -48.46 21.22
N ARG B 568 30.91 -47.34 20.93
CA ARG B 568 32.30 -46.97 21.11
C ARG B 568 31.90 -45.54 20.79
N ARG B 569 32.05 -44.63 21.73
CA ARG B 569 31.63 -43.26 21.51
C ARG B 569 32.02 -42.68 20.16
N SER B 570 31.07 -41.97 19.55
CA SER B 570 31.27 -41.36 18.23
C SER B 570 31.07 -39.85 18.32
N ALA B 571 31.22 -39.18 17.18
CA ALA B 571 31.07 -37.73 17.11
C ALA B 571 29.69 -37.31 17.62
N ILE B 572 28.72 -38.21 17.50
CA ILE B 572 27.36 -37.93 17.96
C ILE B 572 27.34 -37.77 19.48
N ASP B 573 27.93 -38.74 20.17
CA ASP B 573 27.99 -38.72 21.62
C ASP B 573 28.90 -37.60 22.09
N ALA B 574 29.97 -37.36 21.34
CA ALA B 574 30.93 -36.31 21.68
C ALA B 574 30.26 -34.95 21.79
N LEU B 575 29.64 -34.51 20.71
CA LEU B 575 28.97 -33.21 20.69
C LEU B 575 27.81 -33.14 21.69
N TYR B 576 27.07 -34.24 21.81
CA TYR B 576 25.95 -34.29 22.74
C TYR B 576 26.44 -34.11 24.17
N GLU B 577 27.49 -34.84 24.53
CA GLU B 577 28.06 -34.76 25.86
C GLU B 577 28.85 -33.47 26.06
N ALA B 578 29.08 -32.74 24.98
CA ALA B 578 29.83 -31.49 25.04
C ALA B 578 28.94 -30.26 24.91
N LYS B 579 27.64 -30.44 25.12
CA LYS B 579 26.69 -29.33 25.04
C LYS B 579 26.55 -28.70 23.65
N ARG B 580 27.18 -29.30 22.65
CA ARG B 580 27.09 -28.80 21.27
C ARG B 580 25.91 -29.51 20.64
N LEU B 581 24.71 -29.01 20.93
CA LEU B 581 23.46 -29.60 20.44
C LEU B 581 23.05 -29.32 19.00
N GLY B 582 23.93 -28.71 18.21
CA GLY B 582 23.60 -28.46 16.82
C GLY B 582 23.28 -27.04 16.40
N GLN B 583 22.48 -26.91 15.35
CA GLN B 583 22.09 -25.61 14.79
C GLN B 583 21.16 -24.83 15.70
N LYS B 584 20.25 -25.51 16.38
CA LYS B 584 19.30 -24.86 17.28
C LYS B 584 20.04 -24.32 18.49
N ASN B 585 21.12 -25.00 18.88
CA ASN B 585 21.93 -24.60 20.02
C ASN B 585 22.94 -23.54 19.60
N GLY B 586 23.34 -23.58 18.34
CA GLY B 586 24.30 -22.62 17.84
C GLY B 586 25.68 -23.23 17.66
N LYS B 587 25.83 -24.49 18.08
CA LYS B 587 27.11 -25.17 17.97
C LYS B 587 26.98 -26.68 17.77
N GLY B 588 27.52 -27.15 16.66
CA GLY B 588 27.50 -28.57 16.33
C GLY B 588 28.83 -28.83 15.65
N PHE B 589 28.81 -29.43 14.46
CA PHE B 589 30.06 -29.67 13.75
C PHE B 589 30.53 -28.30 13.29
N TYR B 590 29.57 -27.39 13.12
CA TYR B 590 29.85 -26.02 12.71
C TYR B 590 29.27 -25.08 13.76
N ALA B 591 29.49 -23.79 13.55
CA ALA B 591 28.96 -22.76 14.45
C ALA B 591 27.95 -21.96 13.64
N TYR B 592 26.90 -21.49 14.29
CA TYR B 592 25.87 -20.71 13.60
C TYR B 592 25.52 -19.44 14.36
N LYS B 602 26.82 -20.38 8.50
CA LYS B 602 27.61 -21.55 8.84
C LYS B 602 29.08 -21.18 8.95
N LEU B 603 29.63 -21.33 10.15
CA LEU B 603 31.04 -20.99 10.38
C LEU B 603 31.85 -22.22 10.80
N VAL B 604 33.17 -22.08 10.78
CA VAL B 604 34.07 -23.16 11.16
C VAL B 604 34.93 -22.67 12.32
N ASP B 605 35.31 -23.59 13.20
CA ASP B 605 36.13 -23.24 14.34
C ASP B 605 36.88 -24.45 14.90
N SER B 606 38.19 -24.29 15.06
CA SER B 606 39.06 -25.37 15.56
C SER B 606 38.72 -25.86 16.97
N SER B 607 37.73 -25.24 17.60
CA SER B 607 37.35 -25.64 18.96
C SER B 607 36.61 -26.98 18.95
N VAL B 608 36.01 -27.31 17.81
CA VAL B 608 35.25 -28.55 17.67
C VAL B 608 36.21 -29.75 17.65
N LEU B 609 37.44 -29.51 17.19
CA LEU B 609 38.45 -30.55 17.11
C LEU B 609 38.71 -31.17 18.48
N GLU B 610 38.73 -30.32 19.50
CA GLU B 610 38.97 -30.77 20.87
C GLU B 610 37.96 -31.83 21.28
N VAL B 611 36.68 -31.56 21.01
CA VAL B 611 35.60 -32.47 21.36
C VAL B 611 35.65 -33.78 20.58
N LEU B 612 36.11 -33.72 19.34
CA LEU B 612 36.17 -34.90 18.48
C LEU B 612 37.43 -35.75 18.68
N LYS B 613 38.41 -35.23 19.39
CA LYS B 613 39.66 -35.96 19.63
C LYS B 613 39.43 -37.34 20.26
N PRO B 614 38.62 -37.41 21.32
CA PRO B 614 38.34 -38.69 22.00
C PRO B 614 37.70 -39.74 21.10
N ILE B 615 37.21 -39.31 19.95
CA ILE B 615 36.55 -40.22 19.02
C ILE B 615 37.53 -40.81 18.01
N VAL B 616 38.59 -40.08 17.71
CA VAL B 616 39.60 -40.55 16.75
C VAL B 616 40.33 -41.77 17.32
N TYR B 617 40.12 -42.91 16.68
CA TYR B 617 40.75 -44.16 17.11
C TYR B 617 41.87 -44.56 16.15
N GLU B 618 41.93 -43.89 15.02
CA GLU B 618 42.94 -44.16 14.00
C GLU B 618 43.03 -42.98 13.02
N GLN B 619 44.23 -42.69 12.56
CA GLN B 619 44.45 -41.60 11.62
C GLN B 619 44.44 -42.15 10.19
N ARG B 620 43.52 -43.08 9.95
CA ARG B 620 43.37 -43.74 8.66
C ARG B 620 43.27 -42.78 7.48
N ASP B 621 43.93 -43.13 6.38
CA ASP B 621 43.91 -42.33 5.17
C ASP B 621 42.77 -42.81 4.27
N VAL B 622 42.15 -41.88 3.55
CA VAL B 622 41.04 -42.24 2.68
C VAL B 622 40.85 -41.27 1.52
N THR B 623 40.52 -41.81 0.35
CA THR B 623 40.30 -40.99 -0.84
C THR B 623 38.84 -40.55 -0.84
N ASP B 624 38.53 -39.51 -1.61
CA ASP B 624 37.16 -39.01 -1.68
C ASP B 624 36.25 -40.08 -2.28
N GLU B 625 36.85 -41.00 -3.03
CA GLU B 625 36.10 -42.08 -3.67
C GLU B 625 35.64 -43.09 -2.64
N ASP B 626 36.51 -43.37 -1.65
CA ASP B 626 36.18 -44.32 -0.60
C ASP B 626 35.12 -43.72 0.33
N ILE B 627 35.30 -42.43 0.63
CA ILE B 627 34.39 -41.72 1.51
C ILE B 627 32.95 -41.90 1.03
N ILE B 628 32.77 -41.94 -0.29
CA ILE B 628 31.45 -42.11 -0.88
C ILE B 628 30.90 -43.51 -0.64
N ASN B 629 31.79 -44.49 -0.50
CA ASN B 629 31.40 -45.87 -0.26
C ASN B 629 31.02 -46.12 1.19
N TRP B 630 31.79 -45.54 2.11
CA TRP B 630 31.51 -45.69 3.54
C TRP B 630 30.10 -45.18 3.83
N MET B 631 29.62 -44.29 2.99
CA MET B 631 28.30 -43.68 3.15
C MET B 631 27.21 -44.37 2.34
N MET B 632 27.40 -44.43 1.03
CA MET B 632 26.42 -45.02 0.12
C MET B 632 26.12 -46.51 0.32
N ILE B 633 27.17 -47.32 0.50
CA ILE B 633 26.98 -48.75 0.67
C ILE B 633 26.03 -49.05 1.82
N PRO B 634 26.27 -48.48 3.01
CA PRO B 634 25.38 -48.73 4.15
C PRO B 634 23.95 -48.32 3.87
N LEU B 635 23.80 -47.24 3.10
CA LEU B 635 22.48 -46.72 2.76
C LEU B 635 21.77 -47.59 1.73
N CYS B 636 22.49 -48.01 0.70
CA CYS B 636 21.93 -48.85 -0.35
C CYS B 636 21.50 -50.21 0.19
N LEU B 637 22.40 -50.86 0.93
CA LEU B 637 22.12 -52.17 1.49
C LEU B 637 20.87 -52.16 2.37
N GLU B 638 20.73 -51.13 3.20
CA GLU B 638 19.57 -51.02 4.08
C GLU B 638 18.30 -50.92 3.24
N THR B 639 18.42 -50.30 2.08
CA THR B 639 17.27 -50.16 1.19
C THR B 639 16.90 -51.54 0.67
N VAL B 640 17.92 -52.34 0.39
CA VAL B 640 17.74 -53.70 -0.09
C VAL B 640 17.02 -54.51 0.98
N ARG B 641 17.33 -54.20 2.23
CA ARG B 641 16.71 -54.91 3.36
C ARG B 641 15.28 -54.44 3.54
N CYS B 642 15.03 -53.16 3.27
CA CYS B 642 13.70 -52.60 3.39
C CYS B 642 12.78 -53.18 2.32
N LEU B 643 13.38 -53.60 1.21
CA LEU B 643 12.61 -54.19 0.12
C LEU B 643 12.41 -55.68 0.39
N GLU B 644 13.42 -56.30 0.99
CA GLU B 644 13.37 -57.72 1.32
C GLU B 644 12.46 -58.03 2.50
N ASP B 645 12.52 -57.20 3.54
CA ASP B 645 11.69 -57.41 4.72
C ASP B 645 10.24 -57.05 4.43
N GLY B 646 10.00 -56.40 3.30
CA GLY B 646 8.65 -56.02 2.93
C GLY B 646 8.18 -54.73 3.58
N ILE B 647 9.06 -53.71 3.59
CA ILE B 647 8.73 -52.41 4.16
C ILE B 647 8.19 -51.54 3.04
N VAL B 648 8.68 -51.81 1.83
CA VAL B 648 8.25 -51.09 0.63
C VAL B 648 7.89 -52.20 -0.36
N GLU B 649 6.79 -52.03 -1.09
CA GLU B 649 6.35 -53.05 -2.03
C GLU B 649 7.21 -53.23 -3.29
N THR B 650 7.50 -52.13 -3.98
CA THR B 650 8.31 -52.21 -5.20
C THR B 650 9.56 -51.36 -5.15
N ALA B 651 10.54 -51.70 -5.99
CA ALA B 651 11.80 -50.99 -6.05
C ALA B 651 11.56 -49.52 -6.39
N ALA B 652 10.53 -49.26 -7.19
CA ALA B 652 10.20 -47.90 -7.59
C ALA B 652 9.94 -47.03 -6.36
N GLU B 653 9.10 -47.52 -5.46
CA GLU B 653 8.76 -46.80 -4.24
C GLU B 653 9.95 -46.73 -3.28
N ALA B 654 10.78 -47.76 -3.31
CA ALA B 654 11.95 -47.83 -2.44
C ALA B 654 12.98 -46.72 -2.67
N ASP B 655 13.01 -46.17 -3.88
CA ASP B 655 13.97 -45.13 -4.20
C ASP B 655 13.43 -43.71 -4.11
N MET B 656 12.20 -43.50 -4.57
CA MET B 656 11.60 -42.17 -4.50
C MET B 656 11.40 -41.73 -3.06
N GLY B 657 11.33 -42.71 -2.16
CA GLY B 657 11.15 -42.39 -0.75
C GLY B 657 12.42 -41.71 -0.25
N LEU B 658 13.51 -41.96 -0.96
CA LEU B 658 14.81 -41.39 -0.63
C LEU B 658 15.02 -40.09 -1.40
N VAL B 659 14.45 -40.02 -2.59
CA VAL B 659 14.58 -38.84 -3.43
C VAL B 659 13.84 -37.65 -2.84
N TYR B 660 12.69 -37.90 -2.22
CA TYR B 660 11.89 -36.84 -1.63
C TYR B 660 12.11 -36.66 -0.13
N GLY B 661 12.54 -37.72 0.55
CA GLY B 661 12.77 -37.63 1.97
C GLY B 661 14.17 -37.20 2.35
N ILE B 662 15.09 -38.15 2.34
CA ILE B 662 16.49 -37.86 2.69
C ILE B 662 17.14 -36.91 1.68
N GLY B 663 16.58 -36.85 0.48
CA GLY B 663 17.11 -35.98 -0.55
C GLY B 663 18.17 -36.67 -1.39
N PHE B 664 17.84 -37.85 -1.88
CA PHE B 664 18.77 -38.62 -2.71
C PHE B 664 18.95 -37.93 -4.06
N PRO B 665 20.21 -37.79 -4.51
CA PRO B 665 20.52 -37.15 -5.80
C PRO B 665 19.59 -37.62 -6.91
N LEU B 666 18.78 -36.70 -7.42
CA LEU B 666 17.83 -37.02 -8.48
C LEU B 666 18.42 -37.68 -9.72
N PHE B 667 19.37 -37.00 -10.36
CA PHE B 667 19.99 -37.52 -11.57
C PHE B 667 20.65 -38.88 -11.40
N ARG B 668 20.73 -39.36 -10.16
CA ARG B 668 21.33 -40.66 -9.88
C ARG B 668 20.27 -41.73 -9.65
N GLY B 669 19.01 -41.35 -9.82
CA GLY B 669 17.90 -42.28 -9.67
C GLY B 669 17.48 -42.62 -8.26
N GLY B 670 18.27 -43.46 -7.58
CA GLY B 670 17.95 -43.85 -6.22
C GLY B 670 18.98 -44.81 -5.67
N ALA B 671 18.75 -45.28 -4.45
CA ALA B 671 19.67 -46.21 -3.80
C ALA B 671 19.81 -47.51 -4.58
N LEU B 672 18.68 -48.04 -5.03
CA LEU B 672 18.67 -49.29 -5.78
C LEU B 672 19.18 -49.10 -7.21
N ARG B 673 18.78 -48.00 -7.84
CA ARG B 673 19.21 -47.70 -9.21
C ARG B 673 20.71 -47.45 -9.22
N TYR B 674 21.22 -46.82 -8.16
CA TYR B 674 22.64 -46.53 -8.05
C TYR B 674 23.40 -47.85 -8.04
N ILE B 675 22.80 -48.86 -7.44
CA ILE B 675 23.40 -50.19 -7.37
C ILE B 675 23.53 -50.73 -8.78
N ASP B 676 22.46 -50.57 -9.57
CA ASP B 676 22.45 -51.04 -10.95
C ASP B 676 23.46 -50.27 -11.78
N SER B 677 23.63 -48.98 -11.47
CA SER B 677 24.57 -48.14 -12.20
C SER B 677 26.00 -48.65 -12.01
N ILE B 678 26.17 -49.56 -11.05
CA ILE B 678 27.47 -50.14 -10.76
C ILE B 678 27.48 -51.61 -11.17
N GLY B 679 26.32 -52.25 -11.02
CA GLY B 679 26.19 -53.66 -11.35
C GLY B 679 26.05 -54.44 -10.07
N VAL B 680 24.94 -55.17 -9.92
CA VAL B 680 24.70 -55.96 -8.72
C VAL B 680 25.86 -56.90 -8.42
N ALA B 681 26.39 -57.54 -9.46
CA ALA B 681 27.50 -58.47 -9.29
C ALA B 681 28.76 -57.72 -8.88
N GLU B 682 28.96 -56.54 -9.46
CA GLU B 682 30.14 -55.73 -9.15
C GLU B 682 29.92 -54.89 -7.90
N PHE B 683 28.69 -54.88 -7.39
CA PHE B 683 28.36 -54.11 -6.20
C PHE B 683 28.69 -54.90 -4.94
N VAL B 684 28.40 -56.20 -4.96
CA VAL B 684 28.68 -57.06 -3.82
C VAL B 684 30.19 -57.20 -3.64
N ALA B 685 30.92 -57.19 -4.75
CA ALA B 685 32.37 -57.31 -4.70
C ALA B 685 32.95 -56.08 -4.02
N LEU B 686 32.35 -54.92 -4.30
CA LEU B 686 32.78 -53.66 -3.73
C LEU B 686 32.48 -53.66 -2.23
N ALA B 687 31.34 -54.21 -1.86
CA ALA B 687 30.93 -54.27 -0.46
C ALA B 687 31.87 -55.13 0.38
N ASP B 688 32.29 -56.27 -0.16
CA ASP B 688 33.17 -57.18 0.54
C ASP B 688 34.48 -56.55 1.00
N GLN B 689 35.02 -55.63 0.20
CA GLN B 689 36.27 -54.96 0.55
C GLN B 689 36.09 -54.12 1.81
N TYR B 690 34.86 -53.67 2.06
CA TYR B 690 34.55 -52.87 3.23
C TYR B 690 33.82 -53.67 4.30
N ALA B 691 33.92 -55.00 4.20
CA ALA B 691 33.25 -55.87 5.15
C ALA B 691 33.88 -55.81 6.54
N GLU B 692 35.12 -55.34 6.62
CA GLU B 692 35.81 -55.25 7.90
C GLU B 692 35.32 -54.09 8.77
N LEU B 693 34.27 -53.42 8.32
CA LEU B 693 33.71 -52.30 9.07
C LEU B 693 32.46 -52.65 9.86
N GLY B 694 31.91 -53.84 9.62
CA GLY B 694 30.72 -54.24 10.35
C GLY B 694 29.59 -54.82 9.52
N ALA B 695 28.50 -55.16 10.20
CA ALA B 695 27.32 -55.74 9.55
C ALA B 695 26.62 -54.76 8.61
N LEU B 696 26.99 -53.49 8.71
CA LEU B 696 26.39 -52.46 7.87
C LEU B 696 26.88 -52.54 6.42
N TYR B 697 28.00 -53.22 6.22
CA TYR B 697 28.57 -53.37 4.88
C TYR B 697 28.50 -54.81 4.40
N HIS B 698 27.57 -55.58 4.97
CA HIS B 698 27.41 -56.98 4.60
C HIS B 698 26.22 -57.21 3.68
N PRO B 699 26.47 -57.57 2.42
CA PRO B 699 25.40 -57.83 1.45
C PRO B 699 24.45 -58.89 1.98
N THR B 700 23.17 -58.78 1.64
CA THR B 700 22.17 -59.75 2.09
C THR B 700 22.30 -61.05 1.31
N ALA B 701 21.68 -62.11 1.84
CA ALA B 701 21.72 -63.41 1.20
C ALA B 701 21.04 -63.36 -0.18
N LYS B 702 19.91 -62.66 -0.23
CA LYS B 702 19.15 -62.53 -1.47
C LYS B 702 19.93 -61.72 -2.51
N LEU B 703 20.76 -60.79 -2.03
CA LEU B 703 21.56 -59.96 -2.92
C LEU B 703 22.67 -60.82 -3.50
N ARG B 704 23.31 -61.61 -2.63
CA ARG B 704 24.38 -62.49 -3.05
C ARG B 704 23.83 -63.53 -4.03
N GLU B 705 22.59 -63.96 -3.79
CA GLU B 705 21.93 -64.93 -4.64
C GLU B 705 21.72 -64.38 -6.04
N MET B 706 21.17 -63.17 -6.11
CA MET B 706 20.92 -62.54 -7.41
C MET B 706 22.19 -61.91 -7.96
N ALA B 707 23.29 -62.04 -7.21
CA ALA B 707 24.57 -61.50 -7.64
C ALA B 707 25.17 -62.42 -8.69
N LYS B 708 25.19 -63.72 -8.38
CA LYS B 708 25.72 -64.72 -9.29
C LYS B 708 24.83 -64.91 -10.50
N ASN B 709 23.52 -64.79 -10.30
CA ASN B 709 22.56 -64.97 -11.38
C ASN B 709 22.56 -63.80 -12.37
N GLY B 710 23.39 -62.80 -12.11
CA GLY B 710 23.44 -61.65 -13.00
C GLY B 710 22.12 -60.91 -13.00
N GLN B 711 21.45 -60.93 -11.86
CA GLN B 711 20.16 -60.26 -11.70
C GLN B 711 20.32 -58.86 -11.11
N SER B 712 19.51 -57.93 -11.61
CA SER B 712 19.52 -56.55 -11.13
C SER B 712 18.13 -56.26 -10.59
N PHE B 713 18.02 -55.26 -9.73
CA PHE B 713 16.74 -54.90 -9.14
C PHE B 713 15.64 -54.50 -10.10
N PHE B 714 16.03 -53.99 -11.27
CA PHE B 714 15.04 -53.57 -12.25
C PHE B 714 14.91 -54.62 -13.33
N GLY B 715 15.58 -54.36 -14.41
CA GLY B 715 15.61 -55.27 -15.50
C GLY B 715 16.88 -54.75 -16.11
N SER C 1 17.97 35.04 -38.90
CA SER C 1 19.30 34.47 -38.53
C SER C 1 19.21 33.60 -37.29
N LEU C 2 20.24 32.79 -37.08
CA LEU C 2 20.27 31.86 -35.95
C LEU C 2 21.31 32.25 -34.91
N ASN C 3 21.01 31.96 -33.66
CA ASN C 3 21.96 32.18 -32.58
C ASN C 3 22.24 30.76 -32.14
N PRO C 4 23.51 30.33 -32.18
CA PRO C 4 23.92 28.99 -31.78
C PRO C 4 23.13 28.34 -30.63
N ARG C 5 23.10 28.99 -29.47
CA ARG C 5 22.42 28.45 -28.30
C ARG C 5 20.91 28.74 -28.21
N ASP C 6 20.24 28.91 -29.34
CA ASP C 6 18.80 29.16 -29.32
C ASP C 6 18.06 27.84 -29.22
N VAL C 7 17.06 27.78 -28.35
CA VAL C 7 16.29 26.56 -28.15
C VAL C 7 15.34 26.28 -29.32
N VAL C 8 15.42 25.06 -29.86
CA VAL C 8 14.58 24.68 -30.99
C VAL C 8 13.83 23.38 -30.75
N ILE C 9 12.51 23.42 -30.90
CA ILE C 9 11.68 22.23 -30.72
C ILE C 9 11.65 21.51 -32.07
N VAL C 10 12.34 20.39 -32.15
CA VAL C 10 12.41 19.62 -33.39
C VAL C 10 11.11 18.90 -33.75
N ASP C 11 10.59 18.13 -32.81
CA ASP C 11 9.35 17.38 -33.07
C ASP C 11 8.47 17.32 -31.82
N PHE C 12 7.28 16.76 -31.99
CA PHE C 12 6.32 16.61 -30.90
C PHE C 12 5.38 15.45 -31.18
N GLY C 13 5.23 14.57 -30.19
CA GLY C 13 4.36 13.42 -30.35
C GLY C 13 3.68 13.05 -29.05
N ARG C 14 2.36 12.92 -29.08
CA ARG C 14 1.61 12.56 -27.88
C ARG C 14 0.86 11.26 -28.08
N THR C 15 0.33 10.72 -26.98
CA THR C 15 -0.41 9.47 -27.02
C THR C 15 -1.89 9.76 -27.15
N PRO C 16 -2.68 8.77 -27.58
CA PRO C 16 -4.12 9.01 -27.71
C PRO C 16 -4.66 9.17 -26.30
N MET C 17 -5.33 10.29 -26.03
CA MET C 17 -5.89 10.53 -24.71
C MET C 17 -7.04 9.57 -24.43
N GLY C 18 -6.84 8.65 -23.49
CA GLY C 18 -7.87 7.70 -23.17
C GLY C 18 -8.45 7.88 -21.77
N ARG C 19 -9.72 7.55 -21.61
CA ARG C 19 -10.38 7.68 -20.31
C ARG C 19 -9.69 6.83 -19.25
N SER C 20 -9.81 7.25 -17.99
CA SER C 20 -9.19 6.53 -16.89
C SER C 20 -10.12 5.48 -16.32
N LYS C 21 -11.42 5.78 -16.33
CA LYS C 21 -12.42 4.85 -15.81
C LYS C 21 -12.66 3.67 -16.75
N GLY C 22 -11.63 2.85 -16.92
CA GLY C 22 -11.76 1.69 -17.80
C GLY C 22 -11.46 2.02 -19.26
N GLY C 23 -10.64 3.04 -19.47
CA GLY C 23 -10.29 3.45 -20.83
C GLY C 23 -9.41 2.48 -21.59
N MET C 24 -8.81 2.98 -22.67
CA MET C 24 -7.94 2.19 -23.53
C MET C 24 -6.56 1.92 -22.94
N HIS C 25 -6.21 2.63 -21.87
CA HIS C 25 -4.91 2.46 -21.24
C HIS C 25 -4.98 1.76 -19.89
N ARG C 26 -6.15 1.23 -19.53
CA ARG C 26 -6.30 0.57 -18.25
C ARG C 26 -5.37 -0.61 -18.00
N ASN C 27 -4.69 -1.07 -19.04
CA ASN C 27 -3.77 -2.20 -18.90
C ASN C 27 -2.33 -1.86 -19.28
N THR C 28 -2.02 -0.56 -19.34
CA THR C 28 -0.68 -0.13 -19.70
C THR C 28 -0.07 0.78 -18.64
N ARG C 29 1.15 0.46 -18.22
CA ARG C 29 1.87 1.23 -17.22
C ARG C 29 2.29 2.60 -17.74
N ALA C 30 2.43 3.56 -16.84
CA ALA C 30 2.83 4.91 -17.20
C ALA C 30 4.25 4.91 -17.75
N GLU C 31 5.10 4.07 -17.16
CA GLU C 31 6.49 3.95 -17.56
C GLU C 31 6.58 3.52 -19.02
N ASP C 32 5.93 2.41 -19.35
CA ASP C 32 5.92 1.88 -20.70
C ASP C 32 5.30 2.87 -21.67
N MET C 33 4.18 3.46 -21.28
CA MET C 33 3.49 4.44 -22.11
C MET C 33 4.45 5.55 -22.50
N SER C 34 5.29 5.94 -21.54
CA SER C 34 6.27 7.00 -21.77
C SER C 34 7.43 6.49 -22.60
N ALA C 35 7.92 5.30 -22.24
CA ALA C 35 9.05 4.71 -22.95
C ALA C 35 8.73 4.48 -24.43
N HIS C 36 7.53 3.98 -24.70
CA HIS C 36 7.11 3.72 -26.07
C HIS C 36 7.04 5.01 -26.86
N LEU C 37 6.45 6.04 -26.26
CA LEU C 37 6.31 7.33 -26.93
C LEU C 37 7.67 7.88 -27.32
N ILE C 38 8.57 7.98 -26.34
CA ILE C 38 9.92 8.48 -26.57
C ILE C 38 10.62 7.70 -27.67
N SER C 39 10.47 6.38 -27.61
CA SER C 39 11.09 5.49 -28.59
C SER C 39 10.56 5.75 -30.01
N LYS C 40 9.24 5.77 -30.14
CA LYS C 40 8.61 6.00 -31.43
C LYS C 40 8.89 7.38 -32.02
N VAL C 41 8.88 8.40 -31.16
CA VAL C 41 9.16 9.76 -31.62
C VAL C 41 10.57 9.88 -32.17
N LEU C 42 11.51 9.21 -31.52
CA LEU C 42 12.91 9.22 -31.95
C LEU C 42 13.06 8.56 -33.30
N GLU C 43 12.18 7.61 -33.60
CA GLU C 43 12.22 6.90 -34.87
C GLU C 43 11.88 7.83 -36.04
N ARG C 44 10.83 8.61 -35.88
CA ARG C 44 10.41 9.53 -36.94
C ARG C 44 11.55 10.46 -37.31
N ASN C 45 12.46 10.69 -36.37
CA ASN C 45 13.61 11.55 -36.58
C ASN C 45 14.89 10.75 -36.45
N SER C 46 15.21 10.01 -37.51
CA SER C 46 16.40 9.16 -37.54
C SER C 46 17.72 9.90 -37.64
N LYS C 47 17.67 11.24 -37.70
CA LYS C 47 18.89 12.02 -37.82
C LYS C 47 19.44 12.52 -36.48
N VAL C 48 18.68 12.31 -35.41
CA VAL C 48 19.12 12.72 -34.08
C VAL C 48 19.55 11.50 -33.28
N ASP C 49 20.86 11.28 -33.19
CA ASP C 49 21.41 10.14 -32.47
C ASP C 49 21.01 10.12 -31.00
N PRO C 50 20.25 9.09 -30.58
CA PRO C 50 19.80 8.94 -29.20
C PRO C 50 20.93 9.07 -28.19
N GLY C 51 22.14 8.77 -28.64
CA GLY C 51 23.29 8.86 -27.76
C GLY C 51 23.64 10.29 -27.37
N GLU C 52 23.26 11.24 -28.21
CA GLU C 52 23.54 12.65 -27.94
C GLU C 52 22.63 13.23 -26.87
N VAL C 53 21.52 12.56 -26.59
CA VAL C 53 20.58 13.04 -25.57
C VAL C 53 21.27 13.17 -24.22
N GLU C 54 21.65 14.40 -23.88
CA GLU C 54 22.31 14.69 -22.62
C GLU C 54 21.44 14.38 -21.41
N ASP C 55 20.13 14.54 -21.57
CA ASP C 55 19.20 14.29 -20.47
C ASP C 55 17.74 14.23 -20.90
N VAL C 56 16.99 13.35 -20.24
CA VAL C 56 15.57 13.17 -20.52
C VAL C 56 14.79 13.74 -19.32
N ILE C 57 14.11 14.87 -19.55
CA ILE C 57 13.34 15.51 -18.49
C ILE C 57 11.87 15.18 -18.65
N TRP C 58 11.34 14.38 -17.73
CA TRP C 58 9.93 13.97 -17.77
C TRP C 58 9.13 14.56 -16.63
N GLY C 59 7.92 15.04 -16.94
CA GLY C 59 7.07 15.61 -15.92
C GLY C 59 6.08 14.59 -15.40
N CYS C 60 5.94 14.53 -14.07
CA CYS C 60 5.02 13.58 -13.45
C CYS C 60 4.68 14.11 -12.06
N VAL C 61 3.43 13.93 -11.64
CA VAL C 61 3.00 14.43 -10.34
C VAL C 61 2.96 13.38 -9.22
N ASN C 62 1.96 12.50 -9.27
CA ASN C 62 1.82 11.46 -8.25
C ASN C 62 2.90 10.41 -8.44
N GLN C 63 4.13 10.75 -8.05
CA GLN C 63 5.26 9.85 -8.20
C GLN C 63 5.39 8.78 -7.12
N THR C 64 4.59 7.72 -7.29
CA THR C 64 4.61 6.58 -6.39
C THR C 64 4.16 5.38 -7.22
N LEU C 65 4.42 4.17 -6.73
CA LEU C 65 4.04 2.98 -7.47
C LEU C 65 4.69 3.01 -8.84
N GLU C 66 3.87 2.92 -9.89
CA GLU C 66 4.34 2.94 -11.26
C GLU C 66 5.13 4.19 -11.62
N GLN C 67 4.66 5.34 -11.14
CA GLN C 67 5.29 6.61 -11.44
C GLN C 67 6.35 7.09 -10.46
N GLY C 68 6.70 6.26 -9.49
CA GLY C 68 7.70 6.66 -8.52
C GLY C 68 9.13 6.30 -8.89
N TRP C 69 10.09 6.84 -8.13
CA TRP C 69 11.51 6.57 -8.34
C TRP C 69 12.08 7.08 -9.66
N ASN C 70 11.88 8.36 -9.94
CA ASN C 70 12.39 8.99 -11.16
C ASN C 70 11.97 8.22 -12.40
N ILE C 71 10.69 8.37 -12.75
CA ILE C 71 10.13 7.69 -13.92
C ILE C 71 10.83 8.09 -15.21
N ALA C 72 11.49 9.25 -15.18
CA ALA C 72 12.21 9.75 -16.34
C ALA C 72 13.25 8.74 -16.80
N ARG C 73 14.03 8.22 -15.85
CA ARG C 73 15.08 7.25 -16.14
C ARG C 73 14.46 5.88 -16.36
N MET C 74 13.46 5.54 -15.57
CA MET C 74 12.79 4.24 -15.67
C MET C 74 12.19 4.05 -17.06
N ALA C 75 11.67 5.12 -17.63
CA ALA C 75 11.07 5.06 -18.96
C ALA C 75 12.13 5.24 -20.04
N SER C 76 13.24 5.88 -19.67
CA SER C 76 14.32 6.12 -20.62
C SER C 76 15.19 4.88 -20.82
N LEU C 77 15.26 4.03 -19.81
CA LEU C 77 16.06 2.80 -19.88
C LEU C 77 15.49 1.76 -20.84
N MET C 78 14.18 1.80 -21.05
CA MET C 78 13.53 0.86 -21.95
C MET C 78 13.45 1.44 -23.36
N THR C 79 14.19 2.53 -23.58
CA THR C 79 14.22 3.20 -24.87
C THR C 79 15.56 2.92 -25.53
N GLN C 80 15.69 3.27 -26.81
CA GLN C 80 16.95 3.05 -27.52
C GLN C 80 18.00 4.01 -26.97
N ILE C 81 17.57 4.91 -26.07
CA ILE C 81 18.48 5.87 -25.46
C ILE C 81 19.52 5.10 -24.66
N PRO C 82 20.81 5.41 -24.88
CA PRO C 82 21.91 4.75 -24.18
C PRO C 82 21.85 4.91 -22.66
N HIS C 83 22.55 4.03 -21.96
CA HIS C 83 22.59 4.07 -20.50
C HIS C 83 23.51 5.22 -20.07
N THR C 84 24.20 5.80 -21.04
CA THR C 84 25.13 6.90 -20.78
C THR C 84 24.42 8.23 -20.59
N SER C 85 23.13 8.27 -20.91
CA SER C 85 22.35 9.50 -20.76
C SER C 85 21.78 9.60 -19.35
N ALA C 86 21.24 10.77 -19.01
CA ALA C 86 20.66 11.00 -17.70
C ALA C 86 19.16 11.25 -17.81
N ALA C 87 18.49 11.32 -16.66
CA ALA C 87 17.05 11.55 -16.65
C ALA C 87 16.56 12.05 -15.30
N GLN C 88 15.68 13.04 -15.32
CA GLN C 88 15.13 13.61 -14.09
C GLN C 88 13.63 13.85 -14.26
N THR C 89 12.89 13.73 -13.17
CA THR C 89 11.45 13.95 -13.21
C THR C 89 11.12 15.27 -12.51
N VAL C 90 10.50 16.19 -13.24
CA VAL C 90 10.15 17.49 -12.70
C VAL C 90 8.67 17.59 -12.38
N SER C 91 8.35 17.90 -11.13
CA SER C 91 6.96 18.03 -10.69
C SER C 91 6.61 19.44 -10.26
N ARG C 92 5.57 19.98 -10.88
CA ARG C 92 5.05 21.31 -10.59
C ARG C 92 3.56 21.17 -10.82
N LEU C 93 3.02 20.07 -10.30
CA LEU C 93 1.61 19.76 -10.44
C LEU C 93 1.20 19.77 -11.91
N CYS C 94 0.31 20.70 -12.25
CA CYS C 94 -0.19 20.82 -13.61
C CYS C 94 0.87 21.17 -14.65
N GLY C 95 1.69 22.18 -14.37
CA GLY C 95 2.70 22.60 -15.31
C GLY C 95 4.01 21.82 -15.32
N SER C 96 3.98 20.60 -14.78
CA SER C 96 5.18 19.77 -14.73
C SER C 96 5.85 19.60 -16.10
N SER C 97 5.10 19.11 -17.07
CA SER C 97 5.62 18.88 -18.41
C SER C 97 6.21 20.12 -19.07
N MET C 98 5.61 21.28 -18.83
CA MET C 98 6.10 22.52 -19.43
C MET C 98 7.40 22.96 -18.76
N SER C 99 7.46 22.81 -17.43
CA SER C 99 8.66 23.18 -16.70
C SER C 99 9.81 22.35 -17.22
N ALA C 100 9.50 21.13 -17.63
CA ALA C 100 10.51 20.23 -18.18
C ALA C 100 11.11 20.86 -19.42
N LEU C 101 10.25 21.39 -20.28
CA LEU C 101 10.68 22.03 -21.50
C LEU C 101 11.58 23.22 -21.18
N HIS C 102 11.27 23.92 -20.10
CA HIS C 102 12.05 25.07 -19.69
C HIS C 102 13.44 24.67 -19.19
N THR C 103 13.48 23.62 -18.36
CA THR C 103 14.74 23.14 -17.82
C THR C 103 15.73 22.81 -18.93
N ALA C 104 15.26 22.07 -19.93
CA ALA C 104 16.10 21.69 -21.05
C ALA C 104 16.51 22.93 -21.84
N ALA C 105 15.54 23.81 -22.08
CA ALA C 105 15.78 25.04 -22.82
C ALA C 105 16.94 25.81 -22.19
N GLN C 106 16.86 26.02 -20.89
CA GLN C 106 17.90 26.74 -20.16
C GLN C 106 19.24 26.01 -20.23
N ALA C 107 19.19 24.68 -20.13
CA ALA C 107 20.40 23.88 -20.20
C ALA C 107 21.09 24.13 -21.54
N ILE C 108 20.33 23.97 -22.62
CA ILE C 108 20.86 24.18 -23.96
C ILE C 108 21.47 25.56 -24.10
N MET C 109 20.75 26.58 -23.63
CA MET C 109 21.20 27.96 -23.71
C MET C 109 22.51 28.20 -22.97
N THR C 110 22.70 27.53 -21.84
CA THR C 110 23.90 27.70 -21.04
C THR C 110 25.05 26.77 -21.43
N GLY C 111 24.85 25.97 -22.48
CA GLY C 111 25.89 25.07 -22.93
C GLY C 111 26.09 23.84 -22.06
N ASN C 112 25.00 23.30 -21.54
CA ASN C 112 25.06 22.10 -20.71
C ASN C 112 24.27 20.99 -21.38
N GLY C 113 24.59 20.74 -22.65
CA GLY C 113 23.91 19.72 -23.41
C GLY C 113 23.49 20.27 -24.76
N ASP C 114 23.30 19.38 -25.73
CA ASP C 114 22.91 19.79 -27.07
C ASP C 114 21.53 19.26 -27.44
N VAL C 115 21.30 17.98 -27.16
CA VAL C 115 20.03 17.35 -27.48
C VAL C 115 19.32 16.85 -26.22
N PHE C 116 18.03 17.14 -26.12
CA PHE C 116 17.24 16.71 -24.97
C PHE C 116 15.94 16.05 -25.40
N VAL C 117 15.32 15.34 -24.46
CA VAL C 117 14.07 14.65 -24.68
C VAL C 117 13.15 15.01 -23.52
N VAL C 118 12.32 16.02 -23.72
CA VAL C 118 11.40 16.45 -22.68
C VAL C 118 9.98 15.98 -22.92
N GLY C 119 9.16 16.07 -21.87
CA GLY C 119 7.78 15.65 -21.97
C GLY C 119 7.22 15.35 -20.60
N GLY C 120 6.16 14.56 -20.54
CA GLY C 120 5.56 14.22 -19.27
C GLY C 120 4.53 13.12 -19.41
N VAL C 121 4.09 12.58 -18.29
CA VAL C 121 3.11 11.52 -18.29
C VAL C 121 2.34 11.50 -16.97
N GLU C 122 1.14 10.96 -17.01
CA GLU C 122 0.31 10.86 -15.82
C GLU C 122 -0.80 9.84 -16.07
N HIS C 123 -0.69 8.70 -15.41
CA HIS C 123 -1.70 7.66 -15.55
C HIS C 123 -2.60 7.69 -14.33
N MET C 124 -3.55 8.62 -14.35
CA MET C 124 -4.48 8.79 -13.23
C MET C 124 -5.42 7.60 -13.04
N GLY C 125 -5.24 6.57 -13.85
CA GLY C 125 -6.07 5.39 -13.72
C GLY C 125 -5.42 4.42 -12.75
N HIS C 126 -4.13 4.21 -12.93
CA HIS C 126 -3.36 3.31 -12.08
C HIS C 126 -2.88 4.02 -10.81
N VAL C 127 -2.68 5.33 -10.92
CA VAL C 127 -2.22 6.14 -9.80
C VAL C 127 -3.14 7.35 -9.66
N SER C 128 -4.34 7.14 -9.13
CA SER C 128 -5.31 8.22 -8.96
C SER C 128 -4.72 9.37 -8.16
N MET C 129 -5.35 10.54 -8.28
CA MET C 129 -4.88 11.73 -7.58
C MET C 129 -5.09 11.67 -6.07
N MET C 130 -6.30 11.36 -5.62
CA MET C 130 -6.57 11.29 -4.19
C MET C 130 -5.85 10.13 -3.53
N HIS C 131 -5.17 9.32 -4.32
CA HIS C 131 -4.42 8.18 -3.81
C HIS C 131 -3.19 8.63 -3.03
N GLY C 132 -3.08 8.16 -1.79
CA GLY C 132 -1.94 8.52 -0.95
C GLY C 132 -1.77 10.00 -0.68
N VAL C 133 -2.77 10.61 -0.05
CA VAL C 133 -2.71 12.02 0.27
C VAL C 133 -2.79 12.20 1.78
N ASP C 134 -1.90 13.03 2.32
CA ASP C 134 -1.89 13.28 3.76
C ASP C 134 -1.86 14.77 4.04
N PRO C 135 -3.05 15.41 4.08
CA PRO C 135 -3.19 16.84 4.34
C PRO C 135 -2.50 17.30 5.61
N ASN C 136 -1.50 18.17 5.47
CA ASN C 136 -0.78 18.70 6.61
C ASN C 136 -1.62 19.76 7.30
N PRO C 137 -2.12 19.48 8.51
CA PRO C 137 -2.94 20.42 9.28
C PRO C 137 -2.30 21.80 9.41
N HIS C 138 -0.97 21.81 9.50
CA HIS C 138 -0.21 23.05 9.64
C HIS C 138 -0.43 24.04 8.49
N MET C 139 -0.84 23.53 7.33
CA MET C 139 -1.08 24.38 6.17
C MET C 139 -2.19 25.38 6.44
N SER C 140 -3.19 24.96 7.22
CA SER C 140 -4.32 25.82 7.56
C SER C 140 -3.91 27.02 8.40
N LEU C 141 -2.64 27.04 8.81
CA LEU C 141 -2.12 28.12 9.62
C LEU C 141 -1.57 29.24 8.74
N TYR C 142 -1.40 28.95 7.45
CA TYR C 142 -0.87 29.94 6.52
C TYR C 142 -1.75 30.11 5.29
N ALA C 143 -2.66 29.16 5.08
CA ALA C 143 -3.56 29.21 3.93
C ALA C 143 -4.78 28.31 4.15
N ALA C 144 -5.90 28.66 3.52
CA ALA C 144 -7.12 27.89 3.64
C ALA C 144 -6.96 26.50 3.03
N LYS C 145 -7.39 25.48 3.77
CA LYS C 145 -7.27 24.12 3.28
C LYS C 145 -8.11 23.93 2.03
N ALA C 146 -9.25 24.62 1.97
CA ALA C 146 -10.16 24.54 0.83
C ALA C 146 -9.44 24.85 -0.48
N SER C 147 -8.41 25.69 -0.41
CA SER C 147 -7.64 26.05 -1.60
C SER C 147 -6.99 24.83 -2.21
N GLY C 148 -6.95 23.74 -1.45
CA GLY C 148 -6.34 22.52 -1.93
C GLY C 148 -7.27 21.80 -2.89
N MET C 149 -8.56 22.16 -2.82
CA MET C 149 -9.57 21.58 -3.69
C MET C 149 -9.76 22.45 -4.93
N MET C 150 -9.00 22.13 -5.97
CA MET C 150 -9.03 22.85 -7.24
C MET C 150 -10.44 23.29 -7.63
N GLY C 151 -11.41 22.41 -7.44
CA GLY C 151 -12.78 22.73 -7.79
C GLY C 151 -13.28 23.99 -7.11
N LEU C 152 -13.18 24.01 -5.79
CA LEU C 152 -13.62 25.16 -5.01
C LEU C 152 -12.97 26.46 -5.46
N THR C 153 -11.71 26.38 -5.89
CA THR C 153 -11.00 27.56 -6.35
C THR C 153 -11.64 28.04 -7.64
N ALA C 154 -12.07 27.09 -8.46
CA ALA C 154 -12.72 27.39 -9.73
C ALA C 154 -14.01 28.15 -9.43
N GLU C 155 -14.71 27.70 -8.39
CA GLU C 155 -15.95 28.33 -7.97
C GLU C 155 -15.68 29.76 -7.52
N MET C 156 -14.65 29.95 -6.70
CA MET C 156 -14.31 31.26 -6.19
C MET C 156 -13.86 32.23 -7.28
N LEU C 157 -12.92 31.80 -8.11
CA LEU C 157 -12.43 32.67 -9.19
C LEU C 157 -13.58 32.95 -10.15
N GLY C 158 -14.46 31.97 -10.29
CA GLY C 158 -15.61 32.13 -11.17
C GLY C 158 -16.53 33.24 -10.71
N LYS C 159 -16.99 33.15 -9.47
CA LYS C 159 -17.89 34.15 -8.90
C LYS C 159 -17.33 35.55 -9.06
N MET C 160 -16.05 35.72 -8.72
CA MET C 160 -15.39 37.02 -8.81
C MET C 160 -15.55 37.68 -10.18
N HIS C 161 -15.19 36.96 -11.24
CA HIS C 161 -15.31 37.50 -12.59
C HIS C 161 -16.72 37.38 -13.16
N GLY C 162 -17.60 36.70 -12.43
CA GLY C 162 -18.97 36.55 -12.86
C GLY C 162 -19.21 35.75 -14.13
N ILE C 163 -19.03 34.44 -14.05
CA ILE C 163 -19.25 33.56 -15.20
C ILE C 163 -20.46 32.68 -14.92
N SER C 164 -21.49 32.82 -15.74
CA SER C 164 -22.72 32.06 -15.57
C SER C 164 -22.60 30.59 -15.98
N ARG C 165 -23.47 29.76 -15.38
CA ARG C 165 -23.49 28.34 -15.67
C ARG C 165 -23.55 28.11 -17.17
N GLU C 166 -24.30 28.97 -17.86
CA GLU C 166 -24.45 28.88 -19.31
C GLU C 166 -23.13 29.18 -19.98
N GLN C 167 -22.46 30.24 -19.53
CA GLN C 167 -21.17 30.62 -20.10
C GLN C 167 -20.15 29.50 -20.03
N GLN C 168 -20.14 28.78 -18.91
CA GLN C 168 -19.20 27.67 -18.74
C GLN C 168 -19.55 26.48 -19.63
N ASP C 169 -20.80 26.04 -19.55
CA ASP C 169 -21.27 24.91 -20.35
C ASP C 169 -21.04 25.19 -21.83
N ALA C 170 -21.27 26.44 -22.23
CA ALA C 170 -21.09 26.84 -23.62
C ALA C 170 -19.64 26.65 -24.03
N PHE C 171 -18.73 26.88 -23.08
CA PHE C 171 -17.30 26.73 -23.34
C PHE C 171 -16.96 25.26 -23.55
N ALA C 172 -17.53 24.40 -22.69
CA ALA C 172 -17.30 22.97 -22.77
C ALA C 172 -17.74 22.43 -24.14
N VAL C 173 -18.87 22.92 -24.62
CA VAL C 173 -19.39 22.49 -25.92
C VAL C 173 -18.40 22.88 -27.01
N ARG C 174 -17.88 24.10 -26.92
CA ARG C 174 -16.92 24.62 -27.88
C ARG C 174 -15.67 23.74 -27.90
N SER C 175 -15.25 23.29 -26.72
CA SER C 175 -14.08 22.44 -26.59
C SER C 175 -14.28 21.08 -27.26
N HIS C 176 -15.37 20.41 -26.90
CA HIS C 176 -15.69 19.11 -27.48
C HIS C 176 -15.85 19.22 -28.99
N GLN C 177 -16.68 20.17 -29.40
CA GLN C 177 -16.96 20.43 -30.80
C GLN C 177 -15.68 20.64 -31.61
N LEU C 178 -14.83 21.55 -31.14
CA LEU C 178 -13.58 21.86 -31.82
C LEU C 178 -12.56 20.71 -31.76
N ALA C 179 -12.68 19.87 -30.74
CA ALA C 179 -11.78 18.73 -30.60
C ALA C 179 -12.14 17.65 -31.61
N HIS C 180 -13.43 17.36 -31.71
CA HIS C 180 -13.93 16.37 -32.64
C HIS C 180 -13.55 16.76 -34.07
N LYS C 181 -13.80 18.02 -34.41
CA LYS C 181 -13.50 18.53 -35.74
C LYS C 181 -12.03 18.31 -36.07
N ALA C 182 -11.15 18.80 -35.21
CA ALA C 182 -9.71 18.66 -35.42
C ALA C 182 -9.33 17.20 -35.61
N THR C 183 -10.02 16.32 -34.87
CA THR C 183 -9.74 14.89 -34.96
C THR C 183 -10.18 14.35 -36.33
N VAL C 184 -11.43 14.60 -36.68
CA VAL C 184 -11.99 14.14 -37.94
C VAL C 184 -11.24 14.69 -39.16
N GLU C 185 -10.93 15.98 -39.12
CA GLU C 185 -10.23 16.62 -40.23
C GLU C 185 -8.77 16.20 -40.33
N GLY C 186 -8.31 15.44 -39.35
CA GLY C 186 -6.94 14.97 -39.35
C GLY C 186 -5.90 15.97 -38.88
N LYS C 187 -6.33 16.97 -38.12
CA LYS C 187 -5.43 17.98 -37.61
C LYS C 187 -4.69 17.45 -36.39
N PHE C 188 -4.81 16.15 -36.15
CA PHE C 188 -4.16 15.48 -35.03
C PHE C 188 -3.28 14.33 -35.51
N LYS C 189 -3.44 13.97 -36.78
CA LYS C 189 -2.68 12.86 -37.37
C LYS C 189 -1.17 12.94 -37.20
N ASP C 190 -0.62 14.15 -37.20
CA ASP C 190 0.83 14.32 -37.06
C ASP C 190 1.34 14.22 -35.64
N GLU C 191 0.59 14.74 -34.69
CA GLU C 191 1.00 14.73 -33.29
C GLU C 191 0.66 13.45 -32.53
N ILE C 192 -0.47 12.84 -32.84
CA ILE C 192 -0.87 11.61 -32.15
C ILE C 192 -0.15 10.38 -32.69
N ILE C 193 0.60 9.73 -31.82
CA ILE C 193 1.34 8.52 -32.19
C ILE C 193 0.48 7.30 -31.90
N PRO C 194 0.07 6.57 -32.95
CA PRO C 194 -0.77 5.38 -32.77
C PRO C 194 -0.20 4.54 -31.63
N MET C 195 -1.08 3.99 -30.79
CA MET C 195 -0.62 3.20 -29.66
C MET C 195 -1.57 2.05 -29.32
N GLN C 196 -0.99 0.89 -29.03
CA GLN C 196 -1.76 -0.30 -28.69
C GLN C 196 -2.55 -0.09 -27.40
N GLY C 197 -3.72 -0.71 -27.35
CA GLY C 197 -4.56 -0.59 -26.17
C GLY C 197 -5.61 -1.69 -26.19
N TYR C 198 -6.61 -1.59 -25.31
CA TYR C 198 -7.66 -2.59 -25.25
C TYR C 198 -9.04 -1.95 -25.22
N ASP C 199 -9.93 -2.42 -26.09
CA ASP C 199 -11.28 -1.88 -26.13
C ASP C 199 -12.08 -2.40 -24.95
N GLU C 200 -13.31 -1.93 -24.81
CA GLU C 200 -14.19 -2.32 -23.72
C GLU C 200 -14.39 -3.83 -23.60
N ASN C 201 -13.89 -4.58 -24.59
CA ASN C 201 -14.06 -6.03 -24.58
C ASN C 201 -12.76 -6.78 -24.28
N GLY C 202 -11.73 -6.07 -23.85
CA GLY C 202 -10.48 -6.72 -23.55
C GLY C 202 -9.67 -7.08 -24.78
N PHE C 203 -10.23 -6.78 -25.95
CA PHE C 203 -9.56 -7.07 -27.22
C PHE C 203 -8.38 -6.13 -27.42
N LEU C 204 -7.37 -6.60 -28.16
CA LEU C 204 -6.19 -5.80 -28.44
C LEU C 204 -6.30 -5.09 -29.79
N LYS C 205 -6.07 -3.79 -29.79
CA LYS C 205 -6.14 -2.99 -31.01
C LYS C 205 -5.46 -1.63 -30.80
N ILE C 206 -5.07 -1.00 -31.91
CA ILE C 206 -4.40 0.29 -31.84
C ILE C 206 -5.36 1.47 -31.99
N PHE C 207 -5.29 2.40 -31.04
CA PHE C 207 -6.14 3.59 -31.09
C PHE C 207 -5.30 4.77 -31.59
N ASP C 208 -5.94 5.68 -32.31
CA ASP C 208 -5.24 6.85 -32.83
C ASP C 208 -6.13 8.08 -32.69
N TYR C 209 -7.03 8.03 -31.71
CA TYR C 209 -7.95 9.13 -31.44
C TYR C 209 -8.04 9.34 -29.93
N ASP C 210 -8.88 10.29 -29.51
CA ASP C 210 -9.04 10.57 -28.09
C ASP C 210 -10.40 10.12 -27.56
N GLU C 211 -10.41 9.06 -26.75
CA GLU C 211 -11.65 8.55 -26.18
C GLU C 211 -12.43 9.63 -25.45
N THR C 212 -11.69 10.47 -24.73
CA THR C 212 -12.27 11.55 -23.94
C THR C 212 -13.28 12.43 -24.66
N ILE C 213 -13.02 12.74 -25.93
CA ILE C 213 -13.92 13.59 -26.71
C ILE C 213 -15.35 13.04 -26.76
N ARG C 214 -16.33 13.93 -26.56
CA ARG C 214 -17.73 13.54 -26.59
C ARG C 214 -18.50 14.52 -27.49
N PRO C 215 -18.61 14.20 -28.78
CA PRO C 215 -19.32 15.02 -29.78
C PRO C 215 -20.78 15.34 -29.44
N ASP C 216 -21.43 14.43 -28.74
CA ASP C 216 -22.84 14.60 -28.37
C ASP C 216 -23.05 15.62 -27.25
N THR C 217 -21.96 16.19 -26.74
CA THR C 217 -22.05 17.17 -25.67
C THR C 217 -22.74 18.45 -26.14
N THR C 218 -23.98 18.65 -25.68
CA THR C 218 -24.76 19.82 -26.04
C THR C 218 -25.10 20.63 -24.79
N LEU C 219 -25.51 21.88 -24.99
CA LEU C 219 -25.88 22.75 -23.87
C LEU C 219 -26.99 22.07 -23.07
N GLU C 220 -27.83 21.31 -23.77
CA GLU C 220 -28.93 20.60 -23.12
C GLU C 220 -28.42 19.50 -22.20
N SER C 221 -27.48 18.70 -22.71
CA SER C 221 -26.91 17.60 -21.93
C SER C 221 -26.03 18.09 -20.78
N LEU C 222 -25.43 19.26 -20.95
CA LEU C 222 -24.57 19.84 -19.92
C LEU C 222 -25.38 20.49 -18.81
N ALA C 223 -26.48 21.14 -19.19
CA ALA C 223 -27.34 21.82 -18.23
C ALA C 223 -28.09 20.80 -17.36
N ALA C 224 -27.81 19.52 -17.59
CA ALA C 224 -28.46 18.46 -16.83
C ALA C 224 -27.59 18.01 -15.66
N LEU C 225 -26.28 18.22 -15.78
CA LEU C 225 -25.35 17.84 -14.73
C LEU C 225 -25.55 18.69 -13.48
N LYS C 226 -25.12 18.17 -12.33
CA LYS C 226 -25.25 18.88 -11.06
C LYS C 226 -23.89 19.43 -10.61
N PRO C 227 -23.90 20.52 -9.83
CA PRO C 227 -22.66 21.12 -9.33
C PRO C 227 -21.79 20.05 -8.69
N ALA C 228 -20.53 19.97 -9.12
CA ALA C 228 -19.62 18.97 -8.60
C ALA C 228 -18.91 19.36 -7.30
N PHE C 229 -18.61 20.65 -7.14
CA PHE C 229 -17.91 21.10 -5.95
C PHE C 229 -18.75 21.96 -5.00
N ASN C 230 -19.99 22.22 -5.36
CA ASN C 230 -20.89 23.02 -4.52
C ASN C 230 -22.34 22.81 -4.93
N PRO C 231 -22.95 21.72 -4.44
CA PRO C 231 -24.34 21.39 -4.74
C PRO C 231 -25.32 22.55 -4.55
N LYS C 232 -25.23 23.21 -3.41
CA LYS C 232 -26.13 24.33 -3.11
C LYS C 232 -25.68 25.66 -3.71
N GLY C 233 -25.78 25.77 -5.04
CA GLY C 233 -25.39 27.00 -5.71
C GLY C 233 -24.03 26.94 -6.38
N GLY C 234 -23.89 26.01 -7.32
CA GLY C 234 -22.62 25.87 -8.03
C GLY C 234 -22.78 25.91 -9.54
N THR C 235 -21.68 26.15 -10.25
CA THR C 235 -21.70 26.20 -11.70
C THR C 235 -20.68 25.23 -12.28
N VAL C 236 -19.60 25.00 -11.56
CA VAL C 236 -18.56 24.10 -12.00
C VAL C 236 -19.02 22.64 -11.91
N THR C 237 -19.31 22.05 -13.07
CA THR C 237 -19.77 20.67 -13.13
C THR C 237 -18.70 19.80 -13.79
N ALA C 238 -18.88 18.48 -13.70
CA ALA C 238 -17.93 17.55 -14.30
C ALA C 238 -17.81 17.82 -15.80
N GLY C 239 -18.85 18.41 -16.37
CA GLY C 239 -18.84 18.71 -17.79
C GLY C 239 -17.95 19.87 -18.18
N THR C 240 -17.78 20.84 -17.28
CA THR C 240 -16.94 21.99 -17.57
C THR C 240 -15.56 21.82 -16.97
N SER C 241 -15.32 20.68 -16.33
CA SER C 241 -14.02 20.39 -15.72
C SER C 241 -13.23 19.47 -16.64
N SER C 242 -11.90 19.56 -16.57
CA SER C 242 -11.05 18.72 -17.40
C SER C 242 -11.29 17.25 -17.03
N GLN C 243 -10.97 16.34 -17.93
CA GLN C 243 -11.18 14.92 -17.69
C GLN C 243 -9.99 14.20 -17.07
N ILE C 244 -10.30 13.17 -16.29
CA ILE C 244 -9.27 12.35 -15.66
C ILE C 244 -8.76 11.51 -16.83
N THR C 245 -7.56 11.80 -17.30
CA THR C 245 -7.03 11.07 -18.44
C THR C 245 -5.62 10.53 -18.28
N ASP C 246 -5.41 9.30 -18.75
CA ASP C 246 -4.10 8.67 -18.71
C ASP C 246 -3.46 9.02 -20.04
N GLY C 247 -2.25 9.55 -20.01
CA GLY C 247 -1.60 9.90 -21.26
C GLY C 247 -0.20 10.45 -21.11
N ALA C 248 0.56 10.40 -22.20
CA ALA C 248 1.93 10.90 -22.20
C ALA C 248 2.16 11.78 -23.43
N SER C 249 3.10 12.71 -23.30
CA SER C 249 3.45 13.62 -24.39
C SER C 249 4.97 13.74 -24.44
N CYS C 250 5.53 13.69 -25.64
CA CYS C 250 6.98 13.80 -25.79
C CYS C 250 7.37 14.98 -26.66
N MET C 251 8.63 15.37 -26.58
CA MET C 251 9.12 16.50 -27.34
C MET C 251 10.65 16.50 -27.38
N ILE C 252 11.21 16.38 -28.58
CA ILE C 252 12.66 16.39 -28.74
C ILE C 252 13.09 17.85 -28.88
N VAL C 253 14.06 18.26 -28.07
CA VAL C 253 14.54 19.64 -28.11
C VAL C 253 16.06 19.71 -28.22
N MET C 254 16.55 20.72 -28.93
CA MET C 254 17.98 20.88 -29.10
C MET C 254 18.33 22.31 -29.51
N SER C 255 19.63 22.60 -29.54
CA SER C 255 20.12 23.92 -29.91
C SER C 255 19.99 24.13 -31.42
N ALA C 256 19.80 25.38 -31.83
CA ALA C 256 19.67 25.70 -33.24
C ALA C 256 20.95 25.29 -33.96
N GLN C 257 22.08 25.40 -33.26
CA GLN C 257 23.36 25.04 -33.83
C GLN C 257 23.39 23.58 -34.24
N ARG C 258 23.33 22.69 -33.26
CA ARG C 258 23.35 21.26 -33.53
C ARG C 258 22.18 20.88 -34.44
N ALA C 259 21.18 21.76 -34.51
CA ALA C 259 20.02 21.51 -35.35
C ALA C 259 20.37 21.86 -36.79
N LYS C 260 20.92 23.05 -37.00
CA LYS C 260 21.30 23.50 -38.33
C LYS C 260 22.27 22.49 -38.96
N ASP C 261 23.14 21.92 -38.14
CA ASP C 261 24.12 20.95 -38.62
C ASP C 261 23.44 19.69 -39.17
N LEU C 262 22.37 19.27 -38.52
CA LEU C 262 21.63 18.08 -38.94
C LEU C 262 20.68 18.40 -40.09
N GLY C 263 20.67 19.67 -40.50
CA GLY C 263 19.82 20.09 -41.60
C GLY C 263 18.35 19.75 -41.46
N LEU C 264 17.86 19.68 -40.23
CA LEU C 264 16.45 19.38 -40.00
C LEU C 264 15.68 20.64 -39.65
N GLU C 265 14.63 20.91 -40.43
CA GLU C 265 13.79 22.09 -40.24
C GLU C 265 13.10 22.12 -38.88
N PRO C 266 13.23 23.25 -38.16
CA PRO C 266 12.62 23.43 -36.84
C PRO C 266 11.10 23.43 -36.89
N LEU C 267 10.47 23.09 -35.78
CA LEU C 267 9.02 23.08 -35.69
C LEU C 267 8.60 24.40 -35.05
N ALA C 268 9.47 24.88 -34.16
CA ALA C 268 9.25 26.13 -33.45
C ALA C 268 10.52 26.50 -32.71
N VAL C 269 10.52 27.70 -32.12
CA VAL C 269 11.67 28.18 -31.37
C VAL C 269 11.19 28.93 -30.13
N ILE C 270 11.74 28.54 -28.98
CA ILE C 270 11.36 29.17 -27.72
C ILE C 270 11.99 30.56 -27.62
N ARG C 271 11.16 31.56 -27.32
CA ARG C 271 11.63 32.93 -27.20
C ARG C 271 11.64 33.43 -25.76
N SER C 272 10.64 33.03 -24.98
CA SER C 272 10.56 33.44 -23.58
C SER C 272 9.90 32.39 -22.72
N MET C 273 10.31 32.32 -21.46
CA MET C 273 9.77 31.37 -20.51
C MET C 273 9.42 32.13 -19.24
N ALA C 274 8.32 31.76 -18.60
CA ALA C 274 7.90 32.44 -17.38
C ALA C 274 7.04 31.60 -16.45
N VAL C 275 7.23 31.82 -15.16
CA VAL C 275 6.49 31.14 -14.11
C VAL C 275 6.13 32.20 -13.09
N ALA C 276 4.90 32.15 -12.59
CA ALA C 276 4.47 33.13 -11.60
C ALA C 276 3.58 32.51 -10.55
N GLY C 277 3.34 33.25 -9.48
CA GLY C 277 2.52 32.74 -8.40
C GLY C 277 1.32 33.60 -8.09
N VAL C 278 0.29 32.97 -7.56
CA VAL C 278 -0.94 33.64 -7.18
C VAL C 278 -1.41 32.98 -5.90
N ASP C 279 -2.49 33.49 -5.32
CA ASP C 279 -3.02 32.91 -4.09
C ASP C 279 -3.67 31.57 -4.41
N PRO C 280 -3.41 30.56 -3.56
CA PRO C 280 -3.97 29.21 -3.76
C PRO C 280 -5.47 29.21 -3.97
N ALA C 281 -6.18 30.07 -3.23
CA ALA C 281 -7.63 30.18 -3.33
C ALA C 281 -8.13 30.37 -4.75
N ILE C 282 -7.39 31.14 -5.54
CA ILE C 282 -7.76 31.41 -6.93
C ILE C 282 -6.64 31.01 -7.88
N MET C 283 -6.04 29.85 -7.63
CA MET C 283 -4.94 29.35 -8.44
C MET C 283 -5.21 29.39 -9.94
N GLY C 284 -6.48 29.26 -10.31
CA GLY C 284 -6.82 29.29 -11.73
C GLY C 284 -6.44 30.58 -12.42
N TYR C 285 -6.08 31.60 -11.65
CA TYR C 285 -5.69 32.89 -12.21
C TYR C 285 -4.21 32.94 -12.54
N GLY C 286 -3.51 31.83 -12.29
CA GLY C 286 -2.08 31.76 -12.56
C GLY C 286 -1.60 32.16 -13.94
N PRO C 287 -2.32 31.83 -15.01
CA PRO C 287 -1.93 32.18 -16.38
C PRO C 287 -1.62 33.65 -16.67
N VAL C 288 -2.52 34.55 -16.28
CA VAL C 288 -2.30 35.97 -16.53
C VAL C 288 -0.96 36.52 -16.01
N PRO C 289 -0.61 36.21 -14.76
CA PRO C 289 0.67 36.72 -14.24
C PRO C 289 1.84 36.13 -15.02
N ALA C 290 1.80 34.80 -15.20
CA ALA C 290 2.85 34.08 -15.91
C ALA C 290 2.96 34.54 -17.37
N THR C 291 1.83 34.83 -17.99
CA THR C 291 1.82 35.28 -19.37
C THR C 291 2.43 36.66 -19.52
N GLN C 292 2.00 37.60 -18.67
CA GLN C 292 2.52 38.95 -18.70
C GLN C 292 4.04 38.97 -18.55
N LYS C 293 4.55 38.11 -17.66
CA LYS C 293 5.99 38.04 -17.43
C LYS C 293 6.71 37.51 -18.66
N ALA C 294 6.05 36.59 -19.37
CA ALA C 294 6.63 35.99 -20.57
C ALA C 294 6.65 36.99 -21.72
N LEU C 295 5.55 37.73 -21.89
CA LEU C 295 5.45 38.72 -22.95
C LEU C 295 6.50 39.81 -22.80
N LYS C 296 6.76 40.22 -21.56
CA LYS C 296 7.75 41.26 -21.31
C LYS C 296 9.16 40.73 -21.61
N ARG C 297 9.40 39.47 -21.28
CA ARG C 297 10.71 38.86 -21.52
C ARG C 297 10.91 38.61 -23.01
N ALA C 298 9.81 38.38 -23.72
CA ALA C 298 9.86 38.14 -25.16
C ALA C 298 9.74 39.46 -25.92
N GLY C 299 9.55 40.54 -25.17
CA GLY C 299 9.42 41.85 -25.80
C GLY C 299 8.28 41.87 -26.79
N LEU C 300 7.13 41.34 -26.39
CA LEU C 300 5.96 41.30 -27.25
C LEU C 300 4.70 41.66 -26.49
N ASN C 301 3.71 42.18 -27.21
CA ASN C 301 2.43 42.54 -26.61
C ASN C 301 1.50 41.36 -26.84
N MET C 302 0.48 41.23 -26.00
CA MET C 302 -0.46 40.11 -26.14
C MET C 302 -1.04 40.06 -27.55
N ALA C 303 -1.14 41.22 -28.19
CA ALA C 303 -1.68 41.32 -29.54
C ALA C 303 -0.79 40.68 -30.60
N ASP C 304 0.52 40.66 -30.34
CA ASP C 304 1.47 40.08 -31.29
C ASP C 304 1.36 38.57 -31.40
N ILE C 305 0.71 37.94 -30.41
CA ILE C 305 0.55 36.50 -30.42
C ILE C 305 -0.60 36.07 -31.33
N ASP C 306 -0.28 35.22 -32.29
CA ASP C 306 -1.26 34.74 -33.26
C ASP C 306 -2.19 33.65 -32.72
N PHE C 307 -1.64 32.68 -32.00
CA PHE C 307 -2.46 31.61 -31.45
C PHE C 307 -2.17 31.32 -29.99
N ILE C 308 -3.22 30.96 -29.26
CA ILE C 308 -3.07 30.69 -27.83
C ILE C 308 -3.65 29.36 -27.39
N GLU C 309 -2.93 28.68 -26.50
CA GLU C 309 -3.35 27.41 -25.95
C GLU C 309 -3.44 27.53 -24.43
N LEU C 310 -4.65 27.64 -23.93
CA LEU C 310 -4.89 27.76 -22.49
C LEU C 310 -5.47 26.45 -21.96
N ASN C 311 -4.69 25.75 -21.15
CA ASN C 311 -5.13 24.48 -20.59
C ASN C 311 -6.47 24.67 -19.89
N GLU C 312 -7.51 24.08 -20.44
CA GLU C 312 -8.86 24.21 -19.87
C GLU C 312 -9.03 23.35 -18.62
N ALA C 313 -8.68 23.92 -17.48
CA ALA C 313 -8.81 23.22 -16.21
C ALA C 313 -10.30 23.23 -15.85
N PHE C 314 -10.89 24.41 -15.91
CA PHE C 314 -12.29 24.61 -15.63
C PHE C 314 -12.76 25.77 -16.50
N ALA C 315 -13.97 25.68 -17.04
CA ALA C 315 -14.50 26.75 -17.87
C ALA C 315 -14.56 28.00 -17.02
N ALA C 316 -14.75 27.78 -15.71
CA ALA C 316 -14.84 28.86 -14.74
C ALA C 316 -13.52 29.61 -14.55
N GLN C 317 -12.42 29.00 -14.97
CA GLN C 317 -11.11 29.63 -14.81
C GLN C 317 -10.53 30.07 -16.14
N ALA C 318 -10.76 29.29 -17.19
CA ALA C 318 -10.26 29.61 -18.51
C ALA C 318 -10.83 30.93 -19.02
N LEU C 319 -12.14 31.09 -18.87
CA LEU C 319 -12.81 32.30 -19.31
C LEU C 319 -12.28 33.58 -18.65
N PRO C 320 -12.15 33.58 -17.31
CA PRO C 320 -11.63 34.77 -16.64
C PRO C 320 -10.23 35.13 -17.13
N VAL C 321 -9.38 34.11 -17.27
CA VAL C 321 -8.02 34.32 -17.73
C VAL C 321 -8.02 34.97 -19.11
N LEU C 322 -8.88 34.48 -19.99
CA LEU C 322 -8.98 35.00 -21.34
C LEU C 322 -9.51 36.43 -21.35
N LYS C 323 -10.38 36.75 -20.39
CA LYS C 323 -10.93 38.09 -20.32
C LYS C 323 -9.88 39.11 -19.89
N ASP C 324 -9.14 38.79 -18.83
CA ASP C 324 -8.10 39.69 -18.35
C ASP C 324 -6.94 39.78 -19.32
N LEU C 325 -6.73 38.73 -20.11
CA LEU C 325 -5.67 38.73 -21.10
C LEU C 325 -6.16 39.55 -22.28
N LYS C 326 -7.41 40.00 -22.18
CA LYS C 326 -8.06 40.80 -23.20
C LYS C 326 -8.06 40.16 -24.58
N VAL C 327 -8.57 38.94 -24.66
CA VAL C 327 -8.64 38.22 -25.92
C VAL C 327 -9.88 37.34 -26.00
N LEU C 328 -10.84 37.58 -25.11
CA LEU C 328 -12.07 36.80 -25.08
C LEU C 328 -12.85 37.00 -26.38
N ASP C 329 -12.80 38.22 -26.91
CA ASP C 329 -13.51 38.54 -28.15
C ASP C 329 -12.74 38.02 -29.37
N LYS C 330 -11.65 37.30 -29.11
CA LYS C 330 -10.82 36.74 -30.18
C LYS C 330 -10.76 35.22 -30.07
N MET C 331 -11.48 34.68 -29.08
CA MET C 331 -11.51 33.24 -28.83
C MET C 331 -11.56 32.36 -30.07
N ASN C 332 -12.74 32.28 -30.68
CA ASN C 332 -12.94 31.46 -31.87
C ASN C 332 -11.96 31.77 -33.00
N GLU C 333 -11.20 32.85 -32.86
CA GLU C 333 -10.24 33.22 -33.89
C GLU C 333 -8.81 32.78 -33.60
N LYS C 334 -8.47 32.60 -32.32
CA LYS C 334 -7.10 32.20 -31.98
C LYS C 334 -6.90 31.59 -30.59
N VAL C 335 -7.90 30.90 -30.06
CA VAL C 335 -7.76 30.30 -28.74
C VAL C 335 -8.24 28.85 -28.66
N ASN C 336 -7.30 27.93 -28.48
CA ASN C 336 -7.62 26.51 -28.38
C ASN C 336 -8.50 26.07 -29.55
N LEU C 337 -7.96 26.18 -30.76
CA LEU C 337 -8.69 25.82 -31.97
C LEU C 337 -8.92 24.32 -32.16
N HIS C 338 -8.38 23.50 -31.27
CA HIS C 338 -8.55 22.06 -31.37
C HIS C 338 -9.15 21.45 -30.12
N GLY C 339 -9.74 22.30 -29.29
CA GLY C 339 -10.36 21.82 -28.05
C GLY C 339 -9.40 21.94 -26.89
N GLY C 340 -9.89 21.63 -25.69
CA GLY C 340 -9.05 21.71 -24.52
C GLY C 340 -9.11 20.49 -23.62
N ALA C 341 -8.58 20.64 -22.40
CA ALA C 341 -8.55 19.56 -21.43
C ALA C 341 -9.93 19.00 -21.09
N ILE C 342 -10.97 19.78 -21.37
CA ILE C 342 -12.34 19.33 -21.08
C ILE C 342 -12.74 18.18 -22.01
N ALA C 343 -12.25 18.22 -23.24
CA ALA C 343 -12.57 17.18 -24.21
C ALA C 343 -11.38 16.26 -24.46
N LEU C 344 -10.18 16.79 -24.25
CA LEU C 344 -8.95 16.03 -24.48
C LEU C 344 -8.34 15.47 -23.20
N GLY C 345 -8.97 15.74 -22.05
CA GLY C 345 -8.45 15.25 -20.79
C GLY C 345 -7.26 16.06 -20.30
N HIS C 346 -6.99 15.98 -19.00
CA HIS C 346 -5.87 16.72 -18.42
C HIS C 346 -4.94 15.84 -17.57
N PRO C 347 -4.00 15.15 -18.22
CA PRO C 347 -3.06 14.30 -17.48
C PRO C 347 -2.05 15.19 -16.79
N PHE C 348 -2.23 15.40 -15.49
CA PHE C 348 -1.35 16.25 -14.68
C PHE C 348 0.07 16.42 -15.23
N GLY C 349 0.91 15.41 -15.02
CA GLY C 349 2.29 15.51 -15.48
C GLY C 349 2.52 15.56 -16.98
N CYS C 350 1.44 15.46 -17.76
CA CYS C 350 1.56 15.47 -19.22
C CYS C 350 1.08 16.73 -19.93
N SER C 351 -0.02 17.30 -19.46
CA SER C 351 -0.62 18.49 -20.05
C SER C 351 0.33 19.63 -20.43
N GLY C 352 1.40 19.80 -19.67
CA GLY C 352 2.34 20.87 -19.95
C GLY C 352 2.85 20.94 -21.38
N ALA C 353 3.51 19.89 -21.83
CA ALA C 353 4.06 19.83 -23.19
C ALA C 353 2.98 19.52 -24.22
N ARG C 354 1.93 18.85 -23.78
CA ARG C 354 0.83 18.48 -24.67
C ARG C 354 0.18 19.71 -25.30
N ILE C 355 -0.23 20.66 -24.48
CA ILE C 355 -0.87 21.87 -24.97
C ILE C 355 0.11 22.70 -25.81
N SER C 356 1.38 22.68 -25.41
CA SER C 356 2.39 23.43 -26.12
C SER C 356 2.62 22.77 -27.48
N GLY C 357 2.71 21.45 -27.48
CA GLY C 357 2.92 20.72 -28.72
C GLY C 357 1.78 20.97 -29.68
N THR C 358 0.56 20.90 -29.17
CA THR C 358 -0.63 21.12 -29.98
C THR C 358 -0.62 22.56 -30.51
N LEU C 359 -0.14 23.48 -29.68
CA LEU C 359 -0.06 24.89 -30.05
C LEU C 359 0.76 25.06 -31.32
N LEU C 360 1.90 24.37 -31.37
CA LEU C 360 2.79 24.44 -32.52
C LEU C 360 2.09 23.95 -33.79
N ASN C 361 1.41 22.81 -33.70
CA ASN C 361 0.70 22.25 -34.84
C ASN C 361 -0.36 23.21 -35.35
N VAL C 362 -0.95 23.98 -34.45
CA VAL C 362 -1.97 24.95 -34.82
C VAL C 362 -1.30 26.05 -35.65
N MET C 363 -0.18 26.56 -35.14
CA MET C 363 0.56 27.61 -35.83
C MET C 363 1.01 27.15 -37.20
N LYS C 364 1.71 26.02 -37.24
CA LYS C 364 2.21 25.46 -38.49
C LYS C 364 1.09 25.31 -39.52
N GLN C 365 -0.06 24.81 -39.06
CA GLN C 365 -1.21 24.61 -39.93
C GLN C 365 -1.91 25.90 -40.36
N ASN C 366 -1.87 26.91 -39.50
CA ASN C 366 -2.53 28.18 -39.80
C ASN C 366 -1.58 29.34 -40.08
N GLY C 367 -0.38 29.02 -40.53
CA GLY C 367 0.61 30.04 -40.84
C GLY C 367 0.82 31.09 -39.77
N GLY C 368 0.86 30.67 -38.51
CA GLY C 368 1.08 31.61 -37.43
C GLY C 368 2.56 31.86 -37.21
N THR C 369 2.89 32.95 -36.54
CA THR C 369 4.29 33.29 -36.28
C THR C 369 4.61 33.17 -34.79
N PHE C 370 3.86 33.89 -33.96
CA PHE C 370 4.07 33.84 -32.53
C PHE C 370 2.94 33.09 -31.83
N GLY C 371 3.31 32.18 -30.93
CA GLY C 371 2.33 31.40 -30.21
C GLY C 371 2.52 31.47 -28.71
N LEU C 372 1.46 31.19 -27.97
CA LEU C 372 1.51 31.22 -26.52
C LEU C 372 0.78 30.06 -25.86
N SER C 373 1.50 29.33 -25.00
CA SER C 373 0.93 28.21 -24.28
C SER C 373 1.10 28.50 -22.80
N THR C 374 -0.01 28.54 -22.08
CA THR C 374 0.02 28.82 -20.65
C THR C 374 -1.02 27.98 -19.93
N MET C 375 -0.82 27.77 -18.63
CA MET C 375 -1.74 26.96 -17.84
C MET C 375 -1.68 27.33 -16.37
N CYS C 376 -2.79 27.10 -15.66
CA CYS C 376 -2.87 27.38 -14.25
C CYS C 376 -2.34 26.17 -13.49
N ILE C 377 -1.79 26.42 -12.30
CA ILE C 377 -1.24 25.33 -11.50
C ILE C 377 -1.84 25.31 -10.10
N GLY C 378 -1.97 24.11 -9.54
CA GLY C 378 -2.53 23.97 -8.20
C GLY C 378 -1.76 24.74 -7.15
N LEU C 379 -2.42 25.03 -6.04
CA LEU C 379 -1.81 25.75 -4.93
C LEU C 379 -1.28 27.15 -5.28
N GLY C 380 -1.86 27.75 -6.31
CA GLY C 380 -1.45 29.10 -6.70
C GLY C 380 -0.20 29.30 -7.52
N GLN C 381 -0.21 28.82 -8.76
CA GLN C 381 0.94 29.00 -9.65
C GLN C 381 0.52 29.15 -11.10
N GLY C 382 1.46 29.59 -11.93
CA GLY C 382 1.18 29.78 -13.33
C GLY C 382 2.46 29.59 -14.12
N ILE C 383 2.33 29.32 -15.42
CA ILE C 383 3.49 29.14 -16.27
C ILE C 383 3.12 29.45 -17.72
N ALA C 384 4.04 30.11 -18.43
CA ALA C 384 3.79 30.48 -19.81
C ALA C 384 5.02 30.30 -20.69
N THR C 385 4.79 30.04 -21.97
CA THR C 385 5.87 29.85 -22.93
C THR C 385 5.47 30.48 -24.25
N VAL C 386 6.37 31.26 -24.84
CA VAL C 386 6.08 31.92 -26.11
C VAL C 386 7.00 31.37 -27.20
N PHE C 387 6.42 30.59 -28.10
CA PHE C 387 7.19 30.00 -29.19
C PHE C 387 7.20 30.91 -30.41
N GLU C 388 7.95 30.51 -31.43
CA GLU C 388 8.03 31.28 -32.66
C GLU C 388 8.31 30.37 -33.85
N ARG C 389 7.57 30.58 -34.94
CA ARG C 389 7.73 29.80 -36.16
C ARG C 389 8.66 30.57 -37.10
N VAL C 390 9.75 29.93 -37.53
CA VAL C 390 10.70 30.58 -38.41
C VAL C 390 11.18 29.64 -39.52
N SER D 1 36.93 40.30 -12.49
CA SER D 1 35.60 40.49 -11.85
C SER D 1 34.58 39.51 -12.39
N LEU D 2 33.45 39.40 -11.71
CA LEU D 2 32.43 38.48 -12.14
C LEU D 2 31.49 39.07 -13.18
N ASN D 3 30.83 38.18 -13.92
CA ASN D 3 29.88 38.59 -14.94
C ASN D 3 28.52 38.70 -14.27
N PRO D 4 27.65 39.58 -14.78
CA PRO D 4 26.31 39.79 -14.23
C PRO D 4 25.54 38.50 -13.93
N ARG D 5 25.38 37.66 -14.94
CA ARG D 5 24.64 36.41 -14.79
C ARG D 5 25.41 35.22 -14.24
N ASP D 6 26.38 35.47 -13.37
CA ASP D 6 27.13 34.36 -12.78
C ASP D 6 26.38 33.88 -11.54
N VAL D 7 26.20 32.57 -11.44
CA VAL D 7 25.49 31.97 -10.32
C VAL D 7 26.30 32.05 -9.02
N VAL D 8 25.70 32.62 -7.98
CA VAL D 8 26.36 32.77 -6.70
C VAL D 8 25.56 32.19 -5.53
N ILE D 9 26.19 31.32 -4.76
CA ILE D 9 25.54 30.72 -3.59
C ILE D 9 25.76 31.67 -2.43
N VAL D 10 24.69 32.30 -1.96
CA VAL D 10 24.77 33.25 -0.86
C VAL D 10 24.94 32.60 0.51
N ASP D 11 24.08 31.64 0.82
CA ASP D 11 24.15 30.97 2.12
C ASP D 11 23.72 29.51 2.03
N PHE D 12 23.99 28.76 3.09
CA PHE D 12 23.64 27.34 3.16
C PHE D 12 23.27 26.96 4.58
N GLY D 13 22.13 26.29 4.73
CA GLY D 13 21.69 25.86 6.05
C GLY D 13 20.99 24.52 5.98
N ARG D 14 21.39 23.61 6.86
CA ARG D 14 20.77 22.29 6.89
C ARG D 14 20.22 21.98 8.28
N THR D 15 19.39 20.94 8.36
CA THR D 15 18.79 20.54 9.62
C THR D 15 19.67 19.49 10.29
N PRO D 16 19.47 19.27 11.60
CA PRO D 16 20.28 18.26 12.27
C PRO D 16 19.86 16.91 11.70
N MET D 17 20.82 16.13 11.23
CA MET D 17 20.51 14.82 10.65
C MET D 17 20.13 13.83 11.75
N GLY D 18 18.85 13.48 11.80
CA GLY D 18 18.38 12.55 12.82
C GLY D 18 17.99 11.19 12.27
N ARG D 19 18.15 10.16 13.11
CA ARG D 19 17.81 8.80 12.72
C ARG D 19 16.33 8.70 12.36
N SER D 20 15.99 7.71 11.53
CA SER D 20 14.60 7.51 11.11
C SER D 20 13.87 6.56 12.03
N LYS D 21 14.58 5.54 12.51
CA LYS D 21 14.00 4.54 13.40
C LYS D 21 13.76 5.12 14.79
N GLY D 22 12.80 6.04 14.89
CA GLY D 22 12.49 6.65 16.17
C GLY D 22 13.40 7.81 16.53
N GLY D 23 13.94 8.46 15.51
CA GLY D 23 14.84 9.58 15.74
C GLY D 23 14.18 10.84 16.27
N MET D 24 14.93 11.94 16.20
CA MET D 24 14.47 13.25 16.67
C MET D 24 13.39 13.89 15.81
N HIS D 25 13.23 13.39 14.58
CA HIS D 25 12.24 13.93 13.65
C HIS D 25 11.02 13.04 13.50
N ARG D 26 10.91 12.02 14.34
CA ARG D 26 9.80 11.08 14.28
C ARG D 26 8.41 11.73 14.35
N ASN D 27 8.35 12.97 14.84
CA ASN D 27 7.07 13.66 14.95
C ASN D 27 7.01 14.96 14.15
N THR D 28 7.84 15.07 13.12
CA THR D 28 7.88 16.27 12.31
C THR D 28 7.75 15.93 10.82
N ARG D 29 6.77 16.54 10.17
CA ARG D 29 6.53 16.33 8.74
C ARG D 29 7.66 16.89 7.89
N ALA D 30 7.84 16.32 6.70
CA ALA D 30 8.88 16.76 5.78
C ALA D 30 8.60 18.18 5.30
N GLU D 31 7.32 18.47 5.09
CA GLU D 31 6.89 19.79 4.63
C GLU D 31 7.30 20.87 5.62
N ASP D 32 6.93 20.68 6.88
CA ASP D 32 7.25 21.63 7.94
C ASP D 32 8.75 21.75 8.12
N MET D 33 9.44 20.61 8.11
CA MET D 33 10.89 20.57 8.27
C MET D 33 11.55 21.45 7.21
N SER D 34 11.02 21.39 5.99
CA SER D 34 11.55 22.18 4.89
C SER D 34 11.15 23.64 5.04
N ALA D 35 9.87 23.88 5.28
CA ALA D 35 9.35 25.23 5.45
C ALA D 35 10.11 25.98 6.54
N HIS D 36 10.36 25.31 7.66
CA HIS D 36 11.07 25.92 8.77
C HIS D 36 12.50 26.26 8.38
N LEU D 37 13.15 25.34 7.68
CA LEU D 37 14.54 25.54 7.26
C LEU D 37 14.63 26.77 6.35
N ILE D 38 13.82 26.77 5.29
CA ILE D 38 13.81 27.88 4.34
C ILE D 38 13.53 29.20 5.05
N SER D 39 12.61 29.16 6.01
CA SER D 39 12.25 30.35 6.77
C SER D 39 13.41 30.88 7.60
N LYS D 40 14.03 29.98 8.36
CA LYS D 40 15.15 30.35 9.22
C LYS D 40 16.36 30.85 8.44
N VAL D 41 16.65 30.20 7.31
CA VAL D 41 17.79 30.59 6.49
C VAL D 41 17.61 32.00 5.93
N LEU D 42 16.38 32.31 5.52
CA LEU D 42 16.08 33.62 4.97
C LEU D 42 16.22 34.70 6.05
N GLU D 43 16.10 34.30 7.31
CA GLU D 43 16.24 35.24 8.42
C GLU D 43 17.66 35.74 8.57
N ARG D 44 18.62 34.82 8.59
CA ARG D 44 20.03 35.20 8.73
C ARG D 44 20.43 36.18 7.64
N ASN D 45 19.72 36.14 6.52
CA ASN D 45 19.99 37.02 5.38
C ASN D 45 18.83 37.99 5.21
N SER D 46 18.80 39.02 6.04
CA SER D 46 17.74 40.02 6.01
C SER D 46 17.79 40.97 4.81
N LYS D 47 18.82 40.87 3.98
CA LYS D 47 18.93 41.76 2.82
C LYS D 47 18.38 41.18 1.52
N VAL D 48 17.95 39.93 1.56
CA VAL D 48 17.37 39.29 0.37
C VAL D 48 15.86 39.19 0.55
N ASP D 49 15.15 40.12 -0.09
CA ASP D 49 13.70 40.16 0.00
C ASP D 49 13.04 38.88 -0.54
N PRO D 50 12.35 38.13 0.34
CA PRO D 50 11.67 36.89 -0.02
C PRO D 50 10.76 37.06 -1.24
N GLY D 51 10.25 38.27 -1.44
CA GLY D 51 9.38 38.52 -2.56
C GLY D 51 10.09 38.43 -3.89
N GLU D 52 11.41 38.59 -3.87
CA GLU D 52 12.20 38.54 -5.09
C GLU D 52 12.47 37.10 -5.55
N VAL D 53 12.25 36.14 -4.66
CA VAL D 53 12.48 34.74 -5.01
C VAL D 53 11.58 34.35 -6.17
N GLU D 54 12.17 34.28 -7.36
CA GLU D 54 11.45 33.92 -8.58
C GLU D 54 10.89 32.50 -8.51
N ASP D 55 11.58 31.62 -7.79
CA ASP D 55 11.14 30.25 -7.67
C ASP D 55 11.88 29.45 -6.60
N VAL D 56 11.19 28.48 -6.02
CA VAL D 56 11.77 27.62 -5.00
C VAL D 56 11.88 26.21 -5.57
N ILE D 57 13.11 25.78 -5.83
CA ILE D 57 13.35 24.45 -6.39
C ILE D 57 13.76 23.48 -5.29
N TRP D 58 12.85 22.58 -4.93
CA TRP D 58 13.09 21.62 -3.87
C TRP D 58 13.23 20.19 -4.41
N GLY D 59 14.18 19.44 -3.86
CA GLY D 59 14.40 18.08 -4.29
C GLY D 59 13.76 17.08 -3.34
N CYS D 60 13.10 16.08 -3.91
CA CYS D 60 12.44 15.05 -3.12
C CYS D 60 12.22 13.81 -4.00
N VAL D 61 12.32 12.63 -3.39
CA VAL D 61 12.16 11.39 -4.14
C VAL D 61 10.78 10.74 -4.01
N ASN D 62 10.52 10.11 -2.88
CA ASN D 62 9.24 9.44 -2.66
C ASN D 62 8.14 10.48 -2.46
N GLN D 63 7.70 11.09 -3.56
CA GLN D 63 6.67 12.11 -3.51
C GLN D 63 5.25 11.59 -3.39
N THR D 64 4.88 11.22 -2.17
CA THR D 64 3.54 10.72 -1.87
C THR D 64 3.28 11.03 -0.40
N LEU D 65 2.02 11.01 0.01
CA LEU D 65 1.68 11.30 1.39
C LEU D 65 2.17 12.71 1.72
N GLU D 66 3.03 12.82 2.73
CA GLU D 66 3.58 14.09 3.16
C GLU D 66 4.40 14.80 2.09
N GLN D 67 5.17 14.03 1.34
CA GLN D 67 6.04 14.57 0.30
C GLN D 67 5.43 14.66 -1.10
N GLY D 68 4.13 14.39 -1.21
CA GLY D 68 3.49 14.44 -2.51
C GLY D 68 2.88 15.78 -2.85
N TRP D 69 2.54 15.96 -4.13
CA TRP D 69 1.92 17.19 -4.63
C TRP D 69 2.80 18.42 -4.60
N ASN D 70 3.96 18.33 -5.22
CA ASN D 70 4.89 19.46 -5.29
C ASN D 70 5.16 20.04 -3.91
N ILE D 71 5.92 19.32 -3.10
CA ILE D 71 6.27 19.74 -1.76
C ILE D 71 6.99 21.08 -1.75
N ALA D 72 7.56 21.45 -2.90
CA ALA D 72 8.27 22.71 -3.02
C ALA D 72 7.37 23.89 -2.68
N ARG D 73 6.16 23.87 -3.23
CA ARG D 73 5.19 24.94 -3.00
C ARG D 73 4.52 24.75 -1.64
N MET D 74 4.23 23.51 -1.29
CA MET D 74 3.58 23.19 -0.02
C MET D 74 4.41 23.71 1.16
N ALA D 75 5.72 23.59 1.04
CA ALA D 75 6.63 24.04 2.09
C ALA D 75 6.92 25.52 1.94
N SER D 76 6.78 26.03 0.72
CA SER D 76 7.03 27.43 0.42
C SER D 76 5.91 28.34 0.91
N LEU D 77 4.69 27.82 0.90
CA LEU D 77 3.52 28.58 1.34
C LEU D 77 3.51 28.88 2.84
N MET D 78 4.18 28.03 3.62
CA MET D 78 4.23 28.22 5.06
C MET D 78 5.47 29.03 5.44
N THR D 79 6.09 29.64 4.44
CA THR D 79 7.28 30.45 4.64
C THR D 79 6.92 31.92 4.43
N GLN D 80 7.84 32.82 4.77
CA GLN D 80 7.59 34.24 4.58
C GLN D 80 7.57 34.55 3.08
N ILE D 81 7.90 33.55 2.28
CA ILE D 81 7.91 33.70 0.83
C ILE D 81 6.49 34.02 0.37
N PRO D 82 6.33 35.10 -0.40
CA PRO D 82 5.01 35.53 -0.91
C PRO D 82 4.34 34.47 -1.80
N HIS D 83 3.02 34.61 -1.97
CA HIS D 83 2.27 33.68 -2.80
C HIS D 83 2.55 33.98 -4.27
N THR D 84 3.23 35.09 -4.52
CA THR D 84 3.56 35.51 -5.87
C THR D 84 4.74 34.73 -6.46
N SER D 85 5.40 33.96 -5.61
CA SER D 85 6.55 33.16 -6.05
C SER D 85 6.09 31.81 -6.55
N ALA D 86 6.98 31.07 -7.19
CA ALA D 86 6.67 29.75 -7.72
C ALA D 86 7.52 28.68 -7.03
N ALA D 87 7.20 27.42 -7.27
CA ALA D 87 7.93 26.32 -6.67
C ALA D 87 7.73 25.03 -7.45
N GLN D 88 8.80 24.24 -7.57
CA GLN D 88 8.74 22.97 -8.29
C GLN D 88 9.63 21.95 -7.58
N THR D 89 9.22 20.69 -7.63
CA THR D 89 9.98 19.62 -7.00
C THR D 89 10.74 18.83 -8.07
N VAL D 90 12.06 18.76 -7.95
CA VAL D 90 12.88 18.04 -8.90
C VAL D 90 13.36 16.71 -8.34
N SER D 91 13.00 15.62 -9.03
CA SER D 91 13.40 14.30 -8.58
C SER D 91 14.38 13.64 -9.54
N ARG D 92 15.50 13.18 -8.98
CA ARG D 92 16.54 12.50 -9.73
C ARG D 92 17.12 11.55 -8.71
N LEU D 93 16.23 10.92 -7.96
CA LEU D 93 16.59 9.99 -6.90
C LEU D 93 17.55 10.65 -5.92
N CYS D 94 18.78 10.17 -5.91
CA CYS D 94 19.79 10.69 -5.00
C CYS D 94 20.23 12.13 -5.29
N GLY D 95 20.56 12.40 -6.55
CA GLY D 95 21.01 13.74 -6.90
C GLY D 95 19.94 14.81 -7.04
N SER D 96 18.77 14.55 -6.47
CA SER D 96 17.67 15.50 -6.56
C SER D 96 18.05 16.92 -6.12
N SER D 97 18.48 17.07 -4.88
CA SER D 97 18.86 18.38 -4.35
C SER D 97 19.87 19.12 -5.22
N MET D 98 20.85 18.40 -5.75
CA MET D 98 21.87 19.04 -6.58
C MET D 98 21.27 19.51 -7.90
N SER D 99 20.42 18.68 -8.50
CA SER D 99 19.79 19.04 -9.75
C SER D 99 19.03 20.34 -9.55
N ALA D 100 18.48 20.49 -8.35
CA ALA D 100 17.73 21.70 -8.00
C ALA D 100 18.65 22.90 -8.14
N LEU D 101 19.84 22.79 -7.57
CA LEU D 101 20.84 23.85 -7.63
C LEU D 101 21.16 24.20 -9.08
N HIS D 102 21.25 23.18 -9.92
CA HIS D 102 21.55 23.38 -11.33
C HIS D 102 20.42 24.11 -12.06
N THR D 103 19.20 23.65 -11.85
CA THR D 103 18.04 24.26 -12.49
C THR D 103 18.00 25.76 -12.24
N ALA D 104 18.14 26.15 -10.98
CA ALA D 104 18.12 27.57 -10.61
C ALA D 104 19.32 28.26 -11.25
N ALA D 105 20.47 27.61 -11.18
CA ALA D 105 21.70 28.16 -11.75
C ALA D 105 21.49 28.56 -13.21
N GLN D 106 21.04 27.61 -14.01
CA GLN D 106 20.80 27.85 -15.43
C GLN D 106 19.75 28.92 -15.63
N ALA D 107 18.75 28.95 -14.76
CA ALA D 107 17.69 29.96 -14.85
C ALA D 107 18.32 31.33 -14.70
N ILE D 108 19.07 31.52 -13.62
CA ILE D 108 19.73 32.78 -13.34
C ILE D 108 20.58 33.21 -14.53
N MET D 109 21.37 32.29 -15.05
CA MET D 109 22.25 32.55 -16.18
C MET D 109 21.50 33.01 -17.43
N THR D 110 20.34 32.43 -17.67
CA THR D 110 19.54 32.78 -18.84
C THR D 110 18.62 33.98 -18.65
N GLY D 111 18.70 34.63 -17.50
CA GLY D 111 17.86 35.78 -17.25
C GLY D 111 16.40 35.48 -16.96
N ASN D 112 16.15 34.34 -16.32
CA ASN D 112 14.80 33.94 -15.96
C ASN D 112 14.70 33.88 -14.43
N GLY D 113 14.97 35.01 -13.80
CA GLY D 113 14.92 35.09 -12.36
C GLY D 113 16.23 35.65 -11.82
N ASP D 114 16.19 36.21 -10.62
CA ASP D 114 17.38 36.76 -10.00
C ASP D 114 17.71 36.11 -8.66
N VAL D 115 16.67 35.82 -7.89
CA VAL D 115 16.85 35.20 -6.58
C VAL D 115 16.09 33.88 -6.49
N PHE D 116 16.79 32.84 -6.02
CA PHE D 116 16.20 31.52 -5.87
C PHE D 116 16.47 30.92 -4.51
N VAL D 117 15.67 29.92 -4.14
CA VAL D 117 15.82 29.22 -2.89
C VAL D 117 15.77 27.73 -3.20
N VAL D 118 16.95 27.13 -3.37
CA VAL D 118 17.04 25.71 -3.70
C VAL D 118 17.32 24.86 -2.47
N GLY D 119 17.18 23.56 -2.63
CA GLY D 119 17.42 22.64 -1.53
C GLY D 119 16.67 21.35 -1.75
N GLY D 120 16.55 20.54 -0.71
CA GLY D 120 15.86 19.28 -0.84
C GLY D 120 15.51 18.70 0.51
N VAL D 121 14.60 17.74 0.52
CA VAL D 121 14.18 17.11 1.77
C VAL D 121 13.81 15.66 1.53
N GLU D 122 13.89 14.86 2.58
CA GLU D 122 13.56 13.44 2.50
C GLU D 122 13.31 12.90 3.89
N HIS D 123 12.06 12.63 4.21
CA HIS D 123 11.71 12.10 5.52
C HIS D 123 11.43 10.61 5.36
N MET D 124 12.49 9.82 5.26
CA MET D 124 12.38 8.39 5.09
C MET D 124 11.76 7.67 6.28
N GLY D 125 11.42 8.43 7.32
CA GLY D 125 10.82 7.84 8.48
C GLY D 125 9.31 7.75 8.28
N HIS D 126 8.73 8.85 7.80
CA HIS D 126 7.30 8.92 7.55
C HIS D 126 6.96 8.34 6.17
N VAL D 127 7.90 8.44 5.25
CA VAL D 127 7.71 7.92 3.90
C VAL D 127 8.91 7.07 3.52
N SER D 128 8.96 5.85 4.05
CA SER D 128 10.08 4.94 3.77
C SER D 128 10.27 4.73 2.27
N MET D 129 11.43 4.20 1.91
CA MET D 129 11.75 3.97 0.50
C MET D 129 10.97 2.82 -0.13
N MET D 130 10.89 1.68 0.57
CA MET D 130 10.17 0.54 0.03
C MET D 130 8.65 0.76 0.02
N HIS D 131 8.21 1.89 0.57
CA HIS D 131 6.79 2.20 0.62
C HIS D 131 6.24 2.52 -0.76
N GLY D 132 5.16 1.84 -1.13
CA GLY D 132 4.53 2.08 -2.41
C GLY D 132 5.43 1.88 -3.62
N VAL D 133 5.94 0.66 -3.78
CA VAL D 133 6.81 0.34 -4.90
C VAL D 133 6.13 -0.72 -5.77
N ASP D 134 6.11 -0.49 -7.08
CA ASP D 134 5.49 -1.43 -8.01
C ASP D 134 6.48 -1.77 -9.12
N PRO D 135 7.34 -2.77 -8.89
CA PRO D 135 8.34 -3.19 -9.88
C PRO D 135 7.75 -3.56 -11.24
N ASN D 136 8.10 -2.79 -12.26
CA ASN D 136 7.62 -3.05 -13.61
C ASN D 136 8.37 -4.23 -14.21
N PRO D 137 7.67 -5.35 -14.44
CA PRO D 137 8.26 -6.56 -15.01
C PRO D 137 9.01 -6.31 -16.31
N HIS D 138 8.45 -5.42 -17.14
CA HIS D 138 9.03 -5.09 -18.43
C HIS D 138 10.47 -4.56 -18.32
N MET D 139 10.83 -4.03 -17.16
CA MET D 139 12.16 -3.49 -16.97
C MET D 139 13.22 -4.58 -17.13
N SER D 140 12.86 -5.81 -16.78
CA SER D 140 13.77 -6.94 -16.90
C SER D 140 14.06 -7.30 -18.35
N LEU D 141 13.35 -6.66 -19.27
CA LEU D 141 13.53 -6.92 -20.68
C LEU D 141 14.62 -6.04 -21.26
N TYR D 142 15.00 -5.00 -20.52
CA TYR D 142 16.04 -4.08 -20.98
C TYR D 142 17.18 -3.95 -19.97
N ALA D 143 16.90 -4.29 -18.72
CA ALA D 143 17.92 -4.22 -17.67
C ALA D 143 17.62 -5.18 -16.53
N ALA D 144 18.65 -5.61 -15.83
CA ALA D 144 18.50 -6.55 -14.72
C ALA D 144 17.73 -5.92 -13.57
N LYS D 145 16.78 -6.67 -13.02
CA LYS D 145 15.97 -6.19 -11.91
C LYS D 145 16.85 -5.92 -10.69
N ALA D 146 17.83 -6.79 -10.48
CA ALA D 146 18.75 -6.67 -9.36
C ALA D 146 19.43 -5.31 -9.29
N SER D 147 19.58 -4.67 -10.44
CA SER D 147 20.21 -3.35 -10.50
C SER D 147 19.37 -2.32 -9.76
N GLY D 148 18.14 -2.69 -9.44
CA GLY D 148 17.26 -1.79 -8.72
C GLY D 148 17.60 -1.79 -7.24
N MET D 149 18.29 -2.83 -6.80
CA MET D 149 18.70 -2.95 -5.41
C MET D 149 20.09 -2.36 -5.23
N MET D 150 20.13 -1.07 -4.91
CA MET D 150 21.35 -0.31 -4.69
C MET D 150 22.45 -1.14 -4.02
N GLY D 151 22.08 -1.91 -3.01
CA GLY D 151 23.04 -2.72 -2.29
C GLY D 151 23.81 -3.66 -3.19
N LEU D 152 23.10 -4.44 -3.99
CA LEU D 152 23.72 -5.39 -4.90
C LEU D 152 24.65 -4.73 -5.90
N THR D 153 24.34 -3.48 -6.28
CA THR D 153 25.18 -2.77 -7.23
C THR D 153 26.50 -2.44 -6.55
N ALA D 154 26.42 -2.09 -5.26
CA ALA D 154 27.61 -1.76 -4.48
C ALA D 154 28.50 -2.99 -4.44
N GLU D 155 27.88 -4.16 -4.30
CA GLU D 155 28.61 -5.42 -4.27
C GLU D 155 29.34 -5.63 -5.59
N MET D 156 28.62 -5.48 -6.69
CA MET D 156 29.20 -5.66 -8.01
C MET D 156 30.34 -4.69 -8.29
N LEU D 157 30.08 -3.39 -8.11
CA LEU D 157 31.10 -2.38 -8.35
C LEU D 157 32.31 -2.68 -7.48
N GLY D 158 32.05 -3.11 -6.24
CA GLY D 158 33.12 -3.43 -5.32
C GLY D 158 33.99 -4.58 -5.80
N LYS D 159 33.36 -5.68 -6.19
CA LYS D 159 34.08 -6.85 -6.68
C LYS D 159 35.03 -6.45 -7.81
N MET D 160 34.51 -5.66 -8.75
CA MET D 160 35.27 -5.19 -9.89
C MET D 160 36.58 -4.50 -9.53
N HIS D 161 36.49 -3.44 -8.73
CA HIS D 161 37.68 -2.70 -8.33
C HIS D 161 38.48 -3.36 -7.21
N GLY D 162 37.91 -4.39 -6.60
CA GLY D 162 38.61 -5.10 -5.54
C GLY D 162 38.79 -4.35 -4.23
N ILE D 163 37.70 -4.22 -3.47
CA ILE D 163 37.75 -3.55 -2.18
C ILE D 163 37.43 -4.54 -1.07
N SER D 164 38.40 -4.81 -0.21
CA SER D 164 38.23 -5.76 0.89
C SER D 164 37.29 -5.27 1.98
N ARG D 165 36.74 -6.21 2.73
CA ARG D 165 35.84 -5.91 3.82
C ARG D 165 36.48 -4.90 4.76
N GLU D 166 37.77 -5.06 5.01
CA GLU D 166 38.51 -4.16 5.88
C GLU D 166 38.61 -2.77 5.27
N GLN D 167 38.86 -2.71 3.97
CA GLN D 167 38.97 -1.44 3.26
C GLN D 167 37.70 -0.61 3.40
N GLN D 168 36.56 -1.28 3.39
CA GLN D 168 35.27 -0.60 3.53
C GLN D 168 34.99 -0.19 4.96
N ASP D 169 35.10 -1.14 5.89
CA ASP D 169 34.87 -0.85 7.30
C ASP D 169 35.77 0.29 7.76
N ALA D 170 37.02 0.28 7.29
CA ALA D 170 37.97 1.31 7.65
C ALA D 170 37.50 2.67 7.18
N PHE D 171 36.82 2.67 6.03
CA PHE D 171 36.29 3.90 5.44
C PHE D 171 35.19 4.45 6.34
N ALA D 172 34.29 3.57 6.77
CA ALA D 172 33.19 3.95 7.63
C ALA D 172 33.69 4.57 8.93
N VAL D 173 34.77 4.02 9.46
CA VAL D 173 35.37 4.52 10.69
C VAL D 173 35.86 5.95 10.47
N ARG D 174 36.54 6.16 9.35
CA ARG D 174 37.06 7.48 9.01
C ARG D 174 35.93 8.49 8.87
N SER D 175 34.78 8.02 8.38
CA SER D 175 33.62 8.90 8.20
C SER D 175 33.03 9.31 9.54
N HIS D 176 32.82 8.32 10.42
CA HIS D 176 32.26 8.60 11.73
C HIS D 176 33.21 9.47 12.53
N GLN D 177 34.47 9.08 12.60
CA GLN D 177 35.47 9.85 13.35
C GLN D 177 35.53 11.30 12.89
N LEU D 178 35.69 11.51 11.59
CA LEU D 178 35.77 12.87 11.05
C LEU D 178 34.49 13.66 11.25
N ALA D 179 33.36 12.98 11.24
CA ALA D 179 32.07 13.66 11.44
C ALA D 179 32.00 14.17 12.87
N HIS D 180 32.35 13.30 13.81
CA HIS D 180 32.34 13.66 15.23
C HIS D 180 33.29 14.82 15.49
N LYS D 181 34.49 14.74 14.90
CA LYS D 181 35.49 15.78 15.06
C LYS D 181 34.94 17.13 14.63
N ALA D 182 34.46 17.21 13.39
CA ALA D 182 33.90 18.43 12.86
C ALA D 182 32.77 18.95 13.75
N THR D 183 32.00 18.02 14.31
CA THR D 183 30.90 18.38 15.19
C THR D 183 31.40 19.02 16.47
N VAL D 184 32.25 18.29 17.19
CA VAL D 184 32.82 18.76 18.45
C VAL D 184 33.56 20.09 18.31
N GLU D 185 34.36 20.21 17.25
CA GLU D 185 35.14 21.42 17.03
C GLU D 185 34.28 22.59 16.52
N GLY D 186 33.00 22.31 16.29
CA GLY D 186 32.10 23.36 15.82
C GLY D 186 32.21 23.72 14.35
N LYS D 187 32.74 22.81 13.55
CA LYS D 187 32.88 23.05 12.12
C LYS D 187 31.53 22.92 11.43
N PHE D 188 30.50 22.65 12.22
CA PHE D 188 29.14 22.49 11.71
C PHE D 188 28.20 23.56 12.24
N LYS D 189 28.67 24.34 13.21
CA LYS D 189 27.87 25.39 13.83
C LYS D 189 27.24 26.38 12.85
N ASP D 190 27.95 26.69 11.77
CA ASP D 190 27.45 27.64 10.78
C ASP D 190 26.35 27.11 9.87
N GLU D 191 26.51 25.85 9.42
CA GLU D 191 25.54 25.25 8.52
C GLU D 191 24.33 24.64 9.20
N ILE D 192 24.52 24.01 10.36
CA ILE D 192 23.43 23.37 11.08
C ILE D 192 22.51 24.39 11.75
N ILE D 193 21.23 24.38 11.38
CA ILE D 193 20.26 25.29 11.96
C ILE D 193 19.51 24.57 13.08
N PRO D 194 19.70 25.03 14.33
CA PRO D 194 19.02 24.40 15.47
C PRO D 194 17.54 24.16 15.13
N MET D 195 17.04 22.99 15.49
CA MET D 195 15.65 22.65 15.19
C MET D 195 14.98 21.83 16.29
N GLN D 196 13.72 22.15 16.55
CA GLN D 196 12.96 21.44 17.58
C GLN D 196 12.77 19.98 17.21
N GLY D 197 12.73 19.13 18.23
CA GLY D 197 12.56 17.70 18.03
C GLY D 197 12.18 17.05 19.33
N TYR D 198 12.10 15.72 19.34
CA TYR D 198 11.74 14.98 20.55
C TYR D 198 12.79 13.92 20.85
N ASP D 199 13.23 13.86 22.10
CA ASP D 199 14.23 12.87 22.50
C ASP D 199 13.53 11.52 22.69
N GLU D 200 14.30 10.48 22.99
CA GLU D 200 13.75 9.15 23.16
C GLU D 200 12.64 9.04 24.20
N ASN D 201 12.39 10.12 24.94
CA ASN D 201 11.36 10.10 25.97
C ASN D 201 10.12 10.93 25.61
N GLY D 202 10.04 11.34 24.34
CA GLY D 202 8.90 12.13 23.91
C GLY D 202 8.97 13.56 24.38
N PHE D 203 10.06 13.90 25.06
CA PHE D 203 10.25 15.26 25.57
C PHE D 203 10.63 16.21 24.43
N LEU D 204 10.20 17.46 24.54
CA LEU D 204 10.50 18.46 23.51
C LEU D 204 11.81 19.16 23.81
N LYS D 205 12.69 19.22 22.80
CA LYS D 205 13.98 19.89 22.96
C LYS D 205 14.61 20.15 21.59
N ILE D 206 15.51 21.12 21.54
CA ILE D 206 16.17 21.49 20.30
C ILE D 206 17.50 20.76 20.09
N PHE D 207 17.65 20.16 18.91
CA PHE D 207 18.86 19.44 18.57
C PHE D 207 19.71 20.32 17.67
N ASP D 208 21.03 20.27 17.83
CA ASP D 208 21.95 21.05 17.01
C ASP D 208 23.09 20.17 16.53
N TYR D 209 22.90 18.86 16.64
CA TYR D 209 23.91 17.90 16.22
C TYR D 209 23.27 16.81 15.37
N ASP D 210 24.05 15.82 14.97
CA ASP D 210 23.56 14.74 14.13
C ASP D 210 23.49 13.42 14.89
N GLU D 211 22.28 12.98 15.23
CA GLU D 211 22.09 11.72 15.94
C GLU D 211 22.80 10.57 15.25
N THR D 212 22.73 10.57 13.92
CA THR D 212 23.33 9.53 13.10
C THR D 212 24.78 9.17 13.42
N ILE D 213 25.58 10.15 13.81
CA ILE D 213 26.99 9.91 14.12
C ILE D 213 27.19 8.95 15.30
N ARG D 214 28.11 8.02 15.14
CA ARG D 214 28.42 7.03 16.18
C ARG D 214 29.93 6.96 16.39
N PRO D 215 30.46 7.77 17.32
CA PRO D 215 31.90 7.81 17.65
C PRO D 215 32.51 6.48 18.05
N ASP D 216 31.70 5.59 18.63
CA ASP D 216 32.18 4.30 19.08
C ASP D 216 32.45 3.32 17.93
N THR D 217 32.14 3.74 16.71
CA THR D 217 32.35 2.89 15.54
C THR D 217 33.82 2.57 15.33
N THR D 218 34.20 1.33 15.67
CA THR D 218 35.58 0.88 15.52
C THR D 218 35.65 -0.26 14.52
N LEU D 219 36.85 -0.53 14.01
CA LEU D 219 37.03 -1.61 13.05
C LEU D 219 36.53 -2.91 13.66
N GLU D 220 36.68 -3.02 14.98
CA GLU D 220 36.25 -4.22 15.70
C GLU D 220 34.73 -4.32 15.74
N SER D 221 34.06 -3.19 15.95
CA SER D 221 32.60 -3.16 16.02
C SER D 221 31.97 -3.31 14.63
N LEU D 222 32.69 -2.93 13.60
CA LEU D 222 32.19 -3.03 12.23
C LEU D 222 32.43 -4.41 11.64
N ALA D 223 33.48 -5.07 12.10
CA ALA D 223 33.82 -6.41 11.61
C ALA D 223 32.90 -7.46 12.21
N ALA D 224 31.98 -7.03 13.06
CA ALA D 224 31.03 -7.93 13.70
C ALA D 224 29.73 -8.02 12.91
N LEU D 225 29.43 -6.98 12.15
CA LEU D 225 28.22 -6.94 11.33
C LEU D 225 28.28 -7.97 10.22
N LYS D 226 27.12 -8.42 9.78
CA LYS D 226 27.04 -9.41 8.71
C LYS D 226 26.67 -8.76 7.39
N PRO D 227 27.03 -9.40 6.25
CA PRO D 227 26.71 -8.85 4.94
C PRO D 227 25.20 -8.56 4.85
N ALA D 228 24.85 -7.35 4.44
CA ALA D 228 23.45 -6.96 4.36
C ALA D 228 22.78 -7.30 3.03
N PHE D 229 23.54 -7.27 1.94
CA PHE D 229 22.95 -7.57 0.63
C PHE D 229 23.41 -8.87 0.00
N ASN D 230 24.25 -9.62 0.70
CA ASN D 230 24.74 -10.90 0.21
C ASN D 230 25.40 -11.70 1.32
N PRO D 231 24.58 -12.42 2.11
CA PRO D 231 25.06 -13.24 3.23
C PRO D 231 26.20 -14.18 2.87
N LYS D 232 26.04 -14.93 1.79
CA LYS D 232 27.06 -15.87 1.35
C LYS D 232 28.20 -15.22 0.57
N GLY D 233 29.06 -14.48 1.26
CA GLY D 233 30.17 -13.84 0.60
C GLY D 233 29.95 -12.38 0.25
N GLY D 234 29.78 -11.54 1.26
CA GLY D 234 29.55 -10.13 1.02
C GLY D 234 30.44 -9.24 1.88
N THR D 235 30.56 -7.97 1.48
CA THR D 235 31.37 -7.01 2.23
C THR D 235 30.55 -5.80 2.63
N VAL D 236 29.56 -5.46 1.81
CA VAL D 236 28.71 -4.31 2.09
C VAL D 236 27.80 -4.58 3.28
N THR D 237 28.12 -3.96 4.41
CA THR D 237 27.33 -4.11 5.63
C THR D 237 26.60 -2.82 5.95
N ALA D 238 25.65 -2.91 6.88
CA ALA D 238 24.88 -1.73 7.28
C ALA D 238 25.82 -0.65 7.77
N GLY D 239 26.97 -1.07 8.28
CA GLY D 239 27.95 -0.12 8.79
C GLY D 239 28.66 0.68 7.72
N THR D 240 28.84 0.09 6.55
CA THR D 240 29.53 0.78 5.45
C THR D 240 28.54 1.39 4.47
N SER D 241 27.26 1.29 4.79
CA SER D 241 26.21 1.85 3.94
C SER D 241 25.69 3.14 4.56
N SER D 242 25.13 4.01 3.72
CA SER D 242 24.60 5.28 4.19
C SER D 242 23.43 5.00 5.14
N GLN D 243 23.13 5.94 6.01
CA GLN D 243 22.04 5.75 6.98
C GLN D 243 20.71 6.31 6.51
N ILE D 244 19.63 5.65 6.94
CA ILE D 244 18.28 6.08 6.62
C ILE D 244 18.08 7.29 7.53
N THR D 245 18.07 8.47 6.93
CA THR D 245 17.93 9.70 7.72
C THR D 245 16.87 10.68 7.24
N ASP D 246 16.19 11.31 8.21
CA ASP D 246 15.17 12.30 7.92
C ASP D 246 15.90 13.64 8.01
N GLY D 247 15.83 14.45 6.95
CA GLY D 247 16.51 15.72 7.00
C GLY D 247 16.31 16.60 5.78
N ALA D 248 16.53 17.89 5.94
CA ALA D 248 16.38 18.84 4.85
C ALA D 248 17.59 19.76 4.78
N SER D 249 17.87 20.26 3.58
CA SER D 249 18.99 21.17 3.36
C SER D 249 18.50 22.34 2.50
N CYS D 250 18.91 23.54 2.84
CA CYS D 250 18.48 24.72 2.08
C CYS D 250 19.67 25.47 1.50
N MET D 251 19.40 26.37 0.56
CA MET D 251 20.46 27.13 -0.07
C MET D 251 19.89 28.28 -0.89
N ILE D 252 20.28 29.50 -0.53
CA ILE D 252 19.81 30.69 -1.25
C ILE D 252 20.77 30.94 -2.40
N VAL D 253 20.24 31.09 -3.60
CA VAL D 253 21.08 31.32 -4.77
C VAL D 253 20.60 32.51 -5.59
N MET D 254 21.54 33.24 -6.19
CA MET D 254 21.21 34.39 -7.00
C MET D 254 22.36 34.79 -7.91
N SER D 255 22.09 35.73 -8.82
CA SER D 255 23.09 36.21 -9.76
C SER D 255 24.10 37.09 -9.03
N ALA D 256 25.32 37.15 -9.55
CA ALA D 256 26.36 37.97 -8.96
C ALA D 256 25.96 39.44 -9.03
N GLN D 257 25.22 39.79 -10.07
CA GLN D 257 24.78 41.16 -10.26
C GLN D 257 23.89 41.60 -9.11
N ARG D 258 22.74 40.95 -8.96
CA ARG D 258 21.81 41.28 -7.90
C ARG D 258 22.46 41.06 -6.54
N ALA D 259 23.55 40.29 -6.54
CA ALA D 259 24.29 40.02 -5.32
C ALA D 259 25.20 41.19 -4.99
N LYS D 260 25.98 41.62 -5.98
CA LYS D 260 26.90 42.74 -5.80
C LYS D 260 26.11 43.98 -5.37
N ASP D 261 24.88 44.08 -5.86
CA ASP D 261 24.02 45.22 -5.54
C ASP D 261 23.64 45.24 -4.07
N LEU D 262 23.43 44.05 -3.49
CA LEU D 262 23.04 43.94 -2.09
C LEU D 262 24.27 44.00 -1.18
N GLY D 263 25.44 44.11 -1.78
CA GLY D 263 26.67 44.18 -1.01
C GLY D 263 26.92 43.03 -0.06
N LEU D 264 26.39 41.85 -0.38
CA LEU D 264 26.59 40.70 0.48
C LEU D 264 27.65 39.77 -0.12
N GLU D 265 28.67 39.48 0.68
CA GLU D 265 29.78 38.63 0.25
C GLU D 265 29.33 37.20 -0.07
N PRO D 266 29.66 36.73 -1.28
CA PRO D 266 29.32 35.37 -1.74
C PRO D 266 29.96 34.28 -0.89
N LEU D 267 29.35 33.10 -0.91
CA LEU D 267 29.87 31.95 -0.17
C LEU D 267 30.69 31.12 -1.16
N ALA D 268 30.25 31.14 -2.41
CA ALA D 268 30.90 30.43 -3.49
C ALA D 268 30.27 30.83 -4.81
N VAL D 269 30.82 30.30 -5.91
CA VAL D 269 30.30 30.60 -7.24
C VAL D 269 30.38 29.35 -8.10
N ILE D 270 29.26 29.02 -8.75
CA ILE D 270 29.21 27.83 -9.61
C ILE D 270 29.94 28.11 -10.91
N ARG D 271 30.85 27.20 -11.28
CA ARG D 271 31.61 27.36 -12.51
C ARG D 271 31.21 26.34 -13.58
N SER D 272 30.83 25.15 -13.15
CA SER D 272 30.43 24.10 -14.09
C SER D 272 29.46 23.13 -13.45
N MET D 273 28.57 22.58 -14.26
CA MET D 273 27.59 21.61 -13.80
C MET D 273 27.58 20.45 -14.78
N ALA D 274 27.40 19.23 -14.27
CA ALA D 274 27.39 18.07 -15.14
C ALA D 274 26.62 16.87 -14.59
N VAL D 275 25.97 16.15 -15.50
CA VAL D 275 25.21 14.97 -15.16
C VAL D 275 25.59 13.92 -16.22
N ALA D 276 25.76 12.69 -15.79
CA ALA D 276 26.13 11.62 -16.71
C ALA D 276 25.42 10.32 -16.38
N GLY D 277 25.49 9.35 -17.27
CA GLY D 277 24.84 8.09 -17.04
C GLY D 277 25.78 6.90 -17.12
N VAL D 278 25.43 5.85 -16.37
CA VAL D 278 26.21 4.63 -16.34
C VAL D 278 25.20 3.49 -16.32
N ASP D 279 25.68 2.26 -16.33
CA ASP D 279 24.78 1.11 -16.29
C ASP D 279 24.21 0.95 -14.89
N PRO D 280 22.90 0.68 -14.77
CA PRO D 280 22.23 0.51 -13.49
C PRO D 280 22.93 -0.48 -12.55
N ALA D 281 23.46 -1.56 -13.13
CA ALA D 281 24.15 -2.59 -12.37
C ALA D 281 25.26 -2.03 -11.47
N ILE D 282 25.97 -1.03 -11.96
CA ILE D 282 27.06 -0.43 -11.20
C ILE D 282 26.87 1.09 -11.10
N MET D 283 25.64 1.50 -10.81
CA MET D 283 25.30 2.91 -10.71
C MET D 283 26.26 3.70 -9.83
N GLY D 284 26.86 3.04 -8.86
CA GLY D 284 27.80 3.70 -7.96
C GLY D 284 28.96 4.35 -8.68
N TYR D 285 29.17 3.96 -9.94
CA TYR D 285 30.26 4.49 -10.74
C TYR D 285 29.86 5.80 -11.42
N GLY D 286 28.65 6.28 -11.13
CA GLY D 286 28.17 7.51 -11.74
C GLY D 286 29.02 8.76 -11.58
N PRO D 287 29.64 8.98 -10.41
CA PRO D 287 30.48 10.15 -10.16
C PRO D 287 31.61 10.43 -11.16
N VAL D 288 32.40 9.41 -11.49
CA VAL D 288 33.52 9.60 -12.42
C VAL D 288 33.11 10.21 -13.78
N PRO D 289 32.06 9.67 -14.42
CA PRO D 289 31.65 10.23 -15.71
C PRO D 289 31.16 11.66 -15.55
N ALA D 290 30.33 11.88 -14.53
CA ALA D 290 29.77 13.19 -14.25
C ALA D 290 30.84 14.21 -13.89
N THR D 291 31.84 13.76 -13.13
CA THR D 291 32.94 14.63 -12.72
C THR D 291 33.79 15.05 -13.91
N GLN D 292 34.22 14.06 -14.69
CA GLN D 292 35.04 14.32 -15.88
C GLN D 292 34.39 15.33 -16.81
N LYS D 293 33.07 15.25 -16.94
CA LYS D 293 32.33 16.16 -17.79
C LYS D 293 32.32 17.57 -17.21
N ALA D 294 32.26 17.64 -15.88
CA ALA D 294 32.24 18.92 -15.19
C ALA D 294 33.59 19.60 -15.27
N LEU D 295 34.65 18.82 -15.08
CA LEU D 295 36.02 19.35 -15.13
C LEU D 295 36.33 19.93 -16.50
N LYS D 296 35.85 19.27 -17.56
CA LYS D 296 36.11 19.76 -18.91
C LYS D 296 35.37 21.07 -19.16
N ARG D 297 34.12 21.15 -18.70
CA ARG D 297 33.33 22.35 -18.87
C ARG D 297 33.88 23.48 -18.01
N ALA D 298 34.52 23.12 -16.90
CA ALA D 298 35.10 24.11 -16.00
C ALA D 298 36.53 24.39 -16.42
N GLY D 299 37.00 23.68 -17.45
CA GLY D 299 38.36 23.88 -17.92
C GLY D 299 39.36 23.68 -16.80
N LEU D 300 39.19 22.61 -16.04
CA LEU D 300 40.06 22.30 -14.92
C LEU D 300 40.48 20.84 -14.89
N ASN D 301 41.62 20.58 -14.27
CA ASN D 301 42.12 19.23 -14.13
C ASN D 301 41.70 18.77 -12.74
N MET D 302 41.56 17.46 -12.56
CA MET D 302 41.16 16.92 -11.26
C MET D 302 42.09 17.41 -10.14
N ALA D 303 43.34 17.70 -10.51
CA ALA D 303 44.33 18.16 -9.55
C ALA D 303 44.08 19.60 -9.08
N ASP D 304 43.40 20.38 -9.91
CA ASP D 304 43.11 21.77 -9.56
C ASP D 304 42.06 21.92 -8.47
N ILE D 305 41.37 20.82 -8.16
CA ILE D 305 40.35 20.84 -7.12
C ILE D 305 40.96 20.66 -5.74
N ASP D 306 40.73 21.65 -4.88
CA ASP D 306 41.27 21.63 -3.53
C ASP D 306 40.54 20.68 -2.57
N PHE D 307 39.21 20.73 -2.59
CA PHE D 307 38.44 19.85 -1.69
C PHE D 307 37.36 19.08 -2.43
N ILE D 308 37.12 17.86 -1.98
CA ILE D 308 36.14 16.99 -2.61
C ILE D 308 35.08 16.43 -1.66
N GLU D 309 33.83 16.47 -2.09
CA GLU D 309 32.71 15.95 -1.33
C GLU D 309 32.00 14.88 -2.15
N LEU D 310 32.31 13.62 -1.85
CA LEU D 310 31.73 12.49 -2.54
C LEU D 310 30.72 11.82 -1.60
N ASN D 311 29.44 11.98 -1.89
CA ASN D 311 28.41 11.39 -1.05
C ASN D 311 28.67 9.91 -0.88
N GLU D 312 28.88 9.52 0.37
CA GLU D 312 29.16 8.12 0.71
C GLU D 312 27.92 7.23 0.74
N ALA D 313 27.63 6.61 -0.40
CA ALA D 313 26.49 5.71 -0.51
C ALA D 313 26.89 4.40 0.15
N PHE D 314 28.06 3.91 -0.25
CA PHE D 314 28.61 2.68 0.27
C PHE D 314 30.13 2.82 0.19
N ALA D 315 30.84 2.26 1.16
CA ALA D 315 32.29 2.34 1.15
C ALA D 315 32.75 1.61 -0.11
N ALA D 316 31.95 0.64 -0.54
CA ALA D 316 32.23 -0.16 -1.72
C ALA D 316 32.16 0.62 -3.02
N GLN D 317 31.48 1.77 -3.00
CA GLN D 317 31.34 2.58 -4.21
C GLN D 317 32.17 3.86 -4.13
N ALA D 318 32.25 4.44 -2.94
CA ALA D 318 33.01 5.67 -2.75
C ALA D 318 34.49 5.47 -3.07
N LEU D 319 35.06 4.39 -2.54
CA LEU D 319 36.47 4.08 -2.75
C LEU D 319 36.83 3.94 -4.22
N PRO D 320 36.08 3.13 -4.98
CA PRO D 320 36.37 2.95 -6.40
C PRO D 320 36.33 4.28 -7.16
N VAL D 321 35.33 5.09 -6.85
CA VAL D 321 35.18 6.40 -7.47
C VAL D 321 36.40 7.26 -7.23
N LEU D 322 36.90 7.22 -5.99
CA LEU D 322 38.07 8.01 -5.61
C LEU D 322 39.34 7.47 -6.27
N LYS D 323 39.38 6.16 -6.49
CA LYS D 323 40.56 5.54 -7.11
C LYS D 323 40.66 5.94 -8.58
N ASP D 324 39.56 5.82 -9.31
CA ASP D 324 39.55 6.17 -10.73
C ASP D 324 39.70 7.67 -10.94
N LEU D 325 39.28 8.46 -9.95
CA LEU D 325 39.41 9.91 -10.03
C LEU D 325 40.85 10.26 -9.70
N LYS D 326 41.63 9.24 -9.38
CA LYS D 326 43.05 9.38 -9.05
C LYS D 326 43.29 10.35 -7.89
N VAL D 327 42.62 10.11 -6.77
CA VAL D 327 42.77 10.96 -5.60
C VAL D 327 42.64 10.17 -4.30
N LEU D 328 42.72 8.85 -4.40
CA LEU D 328 42.61 8.00 -3.22
C LEU D 328 43.77 8.25 -2.26
N ASP D 329 44.95 8.50 -2.84
CA ASP D 329 46.14 8.77 -2.04
C ASP D 329 46.13 10.19 -1.47
N LYS D 330 45.03 10.91 -1.73
CA LYS D 330 44.89 12.28 -1.24
C LYS D 330 43.65 12.40 -0.35
N MET D 331 43.02 11.26 -0.08
CA MET D 331 41.81 11.19 0.74
C MET D 331 41.85 12.06 1.99
N ASN D 332 42.60 11.63 3.00
CA ASN D 332 42.71 12.36 4.26
C ASN D 332 43.16 13.81 4.11
N GLU D 333 43.60 14.18 2.91
CA GLU D 333 44.07 15.53 2.67
C GLU D 333 43.01 16.46 2.07
N LYS D 334 42.04 15.88 1.35
CA LYS D 334 41.01 16.71 0.73
C LYS D 334 39.74 15.99 0.30
N VAL D 335 39.33 14.95 1.01
CA VAL D 335 38.11 14.23 0.64
C VAL D 335 37.18 13.99 1.84
N ASN D 336 36.02 14.65 1.81
CA ASN D 336 35.04 14.51 2.89
C ASN D 336 35.69 14.66 4.25
N LEU D 337 36.21 15.85 4.54
CA LEU D 337 36.88 16.13 5.80
C LEU D 337 35.95 16.23 7.01
N HIS D 338 34.65 16.20 6.77
CA HIS D 338 33.68 16.29 7.86
C HIS D 338 32.81 15.04 7.97
N GLY D 339 33.22 13.97 7.27
CA GLY D 339 32.46 12.74 7.30
C GLY D 339 31.49 12.65 6.14
N GLY D 340 30.85 11.49 5.98
CA GLY D 340 29.92 11.32 4.89
C GLY D 340 28.56 10.75 5.28
N ALA D 341 27.78 10.36 4.28
CA ALA D 341 26.46 9.81 4.49
C ALA D 341 26.44 8.59 5.41
N ILE D 342 27.60 7.99 5.63
CA ILE D 342 27.70 6.83 6.50
C ILE D 342 27.48 7.22 7.96
N ALA D 343 27.93 8.42 8.31
CA ALA D 343 27.80 8.92 9.67
C ALA D 343 26.79 10.06 9.77
N LEU D 344 26.59 10.76 8.65
CA LEU D 344 25.66 11.89 8.61
C LEU D 344 24.32 11.54 7.96
N GLY D 345 24.16 10.27 7.60
CA GLY D 345 22.92 9.84 6.97
C GLY D 345 22.80 10.32 5.55
N HIS D 346 21.88 9.72 4.79
CA HIS D 346 21.67 10.09 3.40
C HIS D 346 20.20 10.26 3.02
N PRO D 347 19.64 11.46 3.24
CA PRO D 347 18.24 11.72 2.90
C PRO D 347 18.15 11.92 1.39
N PHE D 348 17.72 10.88 0.68
CA PHE D 348 17.60 10.91 -0.77
C PHE D 348 17.42 12.29 -1.38
N GLY D 349 16.22 12.86 -1.26
CA GLY D 349 15.97 14.17 -1.84
C GLY D 349 16.72 15.34 -1.23
N CYS D 350 17.54 15.07 -0.21
CA CYS D 350 18.29 16.13 0.47
C CYS D 350 19.80 16.16 0.24
N SER D 351 20.44 15.01 0.35
CA SER D 351 21.90 14.91 0.19
C SER D 351 22.54 15.74 -0.92
N GLY D 352 21.83 15.96 -2.02
CA GLY D 352 22.38 16.72 -3.12
C GLY D 352 23.00 18.06 -2.71
N ALA D 353 22.19 18.91 -2.10
CA ALA D 353 22.65 20.24 -1.67
C ALA D 353 23.43 20.18 -0.37
N ARG D 354 23.12 19.18 0.45
CA ARG D 354 23.78 19.03 1.74
C ARG D 354 25.29 18.82 1.58
N ILE D 355 25.68 17.87 0.73
CA ILE D 355 27.09 17.59 0.51
C ILE D 355 27.79 18.80 -0.12
N SER D 356 27.08 19.47 -1.01
CA SER D 356 27.62 20.64 -1.69
C SER D 356 27.76 21.78 -0.68
N GLY D 357 26.73 21.96 0.14
CA GLY D 357 26.77 23.00 1.13
C GLY D 357 27.93 22.81 2.08
N THR D 358 28.08 21.58 2.57
CA THR D 358 29.15 21.25 3.49
C THR D 358 30.49 21.43 2.78
N LEU D 359 30.50 21.21 1.47
CA LEU D 359 31.70 21.36 0.67
C LEU D 359 32.23 22.78 0.76
N LEU D 360 31.30 23.74 0.70
CA LEU D 360 31.66 25.15 0.76
C LEU D 360 32.26 25.52 2.11
N ASN D 361 31.66 25.00 3.18
CA ASN D 361 32.14 25.28 4.53
C ASN D 361 33.56 24.76 4.71
N VAL D 362 33.88 23.64 4.07
CA VAL D 362 35.21 23.07 4.16
C VAL D 362 36.19 23.99 3.46
N MET D 363 35.83 24.43 2.25
CA MET D 363 36.69 25.33 1.49
C MET D 363 36.92 26.63 2.24
N LYS D 364 35.83 27.28 2.62
CA LYS D 364 35.90 28.55 3.36
C LYS D 364 36.78 28.41 4.60
N GLN D 365 36.58 27.34 5.34
CA GLN D 365 37.33 27.08 6.56
C GLN D 365 38.81 26.73 6.33
N ASN D 366 39.12 26.12 5.20
CA ASN D 366 40.49 25.73 4.92
C ASN D 366 41.12 26.49 3.74
N GLY D 367 40.65 27.71 3.53
CA GLY D 367 41.18 28.53 2.46
C GLY D 367 41.29 27.85 1.10
N GLY D 368 40.26 27.13 0.71
CA GLY D 368 40.27 26.46 -0.58
C GLY D 368 39.77 27.37 -1.68
N THR D 369 40.12 27.06 -2.93
CA THR D 369 39.70 27.87 -4.06
C THR D 369 38.66 27.13 -4.90
N PHE D 370 39.05 25.96 -5.42
CA PHE D 370 38.15 25.16 -6.24
C PHE D 370 37.64 23.95 -5.46
N GLY D 371 36.34 23.70 -5.53
CA GLY D 371 35.75 22.58 -4.84
C GLY D 371 34.89 21.72 -5.74
N LEU D 372 34.69 20.47 -5.35
CA LEU D 372 33.88 19.55 -6.14
C LEU D 372 32.95 18.72 -5.29
N SER D 373 31.69 18.68 -5.70
CA SER D 373 30.67 17.89 -5.00
C SER D 373 30.01 17.00 -6.04
N THR D 374 30.11 15.69 -5.84
CA THR D 374 29.53 14.73 -6.76
C THR D 374 28.92 13.56 -6.00
N MET D 375 28.02 12.84 -6.65
CA MET D 375 27.37 11.70 -6.02
C MET D 375 26.79 10.74 -7.06
N CYS D 376 26.73 9.46 -6.71
CA CYS D 376 26.18 8.46 -7.61
C CYS D 376 24.67 8.45 -7.45
N ILE D 377 23.96 8.10 -8.51
CA ILE D 377 22.50 8.06 -8.48
C ILE D 377 21.96 6.69 -8.83
N GLY D 378 20.77 6.37 -8.31
CA GLY D 378 20.17 5.09 -8.58
C GLY D 378 19.87 4.87 -10.05
N LEU D 379 19.76 3.60 -10.44
CA LEU D 379 19.48 3.23 -11.82
C LEU D 379 20.50 3.73 -12.84
N GLY D 380 21.75 3.90 -12.38
CA GLY D 380 22.81 4.33 -13.27
C GLY D 380 22.92 5.79 -13.69
N GLN D 381 23.24 6.66 -12.75
CA GLN D 381 23.40 8.08 -13.04
C GLN D 381 24.49 8.71 -12.19
N GLY D 382 24.86 9.93 -12.56
CA GLY D 382 25.90 10.65 -11.83
C GLY D 382 25.68 12.14 -12.00
N ILE D 383 26.22 12.92 -11.07
CA ILE D 383 26.08 14.38 -11.13
C ILE D 383 27.25 15.04 -10.42
N ALA D 384 27.74 16.13 -10.98
CA ALA D 384 28.87 16.84 -10.39
C ALA D 384 28.74 18.35 -10.50
N THR D 385 29.34 19.05 -9.55
CA THR D 385 29.29 20.51 -9.53
C THR D 385 30.64 21.04 -9.04
N VAL D 386 31.18 22.03 -9.75
CA VAL D 386 32.46 22.61 -9.39
C VAL D 386 32.28 24.05 -8.94
N PHE D 387 32.39 24.28 -7.62
CA PHE D 387 32.24 25.62 -7.07
C PHE D 387 33.55 26.37 -7.10
N GLU D 388 33.50 27.64 -6.70
CA GLU D 388 34.70 28.47 -6.66
C GLU D 388 34.58 29.55 -5.59
N ARG D 389 35.63 29.68 -4.79
CA ARG D 389 35.68 30.67 -3.72
C ARG D 389 36.41 31.91 -4.24
N VAL D 390 35.75 33.06 -4.17
CA VAL D 390 36.35 34.30 -4.63
C VAL D 390 36.21 35.39 -3.57
PA NAD E . -29.20 -13.19 6.36
O1A NAD E . -28.37 -12.45 5.38
O2A NAD E . -30.43 -13.83 5.82
O5B NAD E . -28.31 -14.38 6.98
C5B NAD E . -28.80 -15.22 8.03
C4B NAD E . -27.64 -15.91 8.72
O4B NAD E . -28.11 -16.53 9.95
C3B NAD E . -27.04 -17.05 7.87
O3B NAD E . -25.62 -17.06 7.97
C2B NAD E . -27.65 -18.31 8.51
O2B NAD E . -26.86 -19.46 8.34
C1B NAD E . -27.69 -17.88 9.98
N9A NAD E . -28.65 -18.68 10.78
C8A NAD E . -30.00 -18.88 10.55
N7A NAD E . -30.58 -19.64 11.44
C5A NAD E . -29.57 -19.97 12.32
C6A NAD E . -29.51 -20.77 13.51
N6A NAD E . -30.57 -21.40 14.02
N1A NAD E . -28.31 -20.89 14.16
C2A NAD E . -27.22 -20.27 13.65
N3A NAD E . -27.14 -19.49 12.55
C4A NAD E . -28.35 -19.38 11.92
O3 NAD E . -29.62 -12.18 7.51
PN NAD E . -28.60 -11.08 8.07
O1N NAD E . -27.23 -11.65 8.06
O2N NAD E . -28.81 -9.86 7.24
O5D NAD E . -28.97 -10.73 9.58
C5D NAD E . -30.30 -10.34 9.93
C4D NAD E . -30.30 -9.60 11.26
O4D NAD E . -29.81 -8.24 11.02
C3D NAD E . -31.70 -9.44 11.85
O3D NAD E . -31.66 -9.53 13.27
C2D NAD E . -32.13 -8.05 11.36
O2D NAD E . -33.07 -7.44 12.22
C1D NAD E . -30.80 -7.30 11.39
C01 N8E F . -38.39 -1.67 9.80
C02 N8E F . -37.39 -2.38 8.92
C03 N8E F . -36.77 -1.41 7.93
C04 N8E F . -35.25 -1.40 8.07
C05 N8E F . -34.68 -0.12 7.47
C06 N8E F . -33.58 0.43 8.36
C07 N8E F . -33.25 1.86 7.96
C08 N8E F . -31.79 2.17 8.26
O09 N8E F . -31.05 2.27 7.04
C10 N8E F . -29.85 1.48 7.07
C11 N8E F . -29.20 1.38 5.71
O12 N8E F . -28.28 2.47 5.52
C13 N8E F . -28.28 2.96 4.17
C14 N8E F . -28.70 4.42 4.10
O15 N8E F . -27.69 5.25 4.69
C16 N8E F . -28.25 6.32 5.45
C17 N8E F . -27.27 7.47 5.64
O18 N8E F . -27.15 7.79 7.03
C19 N8E F . -25.83 8.26 7.36
C20 N8E F . -25.66 8.50 8.85
O21 N8E F . -24.87 9.68 9.07
C22 N8E F . -24.34 9.73 10.39
C23 N8E F . -23.74 11.10 10.70
O24 N8E F . -23.22 11.12 12.04
C01 N8E G . -18.92 22.14 28.12
C02 N8E G . -19.04 23.52 28.74
C03 N8E G . -18.06 24.48 28.09
C04 N8E G . -17.39 25.35 29.15
C05 N8E G . -16.77 26.58 28.52
C06 N8E G . -17.17 27.83 29.28
C07 N8E G . -17.70 28.89 28.33
C08 N8E G . -18.86 29.63 28.96
O09 N8E G . -18.43 30.93 29.38
C10 N8E G . -19.18 31.40 30.50
C11 N8E G . -19.38 32.91 30.45
O12 N8E G . -18.59 33.55 31.46
C13 N8E G . -19.29 34.60 32.11
C14 N8E G . -18.37 35.46 32.95
O15 N8E G . -18.79 35.45 34.32
C16 N8E G . -18.69 36.75 34.92
C17 N8E G . -18.52 36.66 36.43
O18 N8E G . -17.12 36.73 36.77
C19 N8E G . -16.75 35.73 37.72
C20 N8E G . -15.84 36.28 38.80
O21 N8E G . -14.53 36.49 38.28
C22 N8E G . -14.04 37.82 38.53
C23 N8E G . -12.53 37.91 38.38
O24 N8E G . -12.10 39.25 38.64
C01 N8E H . -43.27 -16.02 10.63
C02 N8E H . -43.03 -17.27 11.44
C03 N8E H . -42.40 -18.35 10.59
C04 N8E H . -42.13 -19.60 11.42
C05 N8E H . -41.00 -20.41 10.82
C06 N8E H . -40.77 -21.67 11.64
C07 N8E H . -39.29 -22.06 11.63
C08 N8E H . -39.01 -23.10 12.70
O09 N8E H . -37.83 -23.85 12.34
C10 N8E H . -37.13 -24.33 13.49
C11 N8E H . -35.63 -24.08 13.38
O12 N8E H . -34.98 -25.19 12.75
C13 N8E H . -33.61 -25.33 13.17
C14 N8E H . -32.73 -25.93 12.08
O15 N8E H . -31.83 -26.89 12.66
C16 N8E H . -30.46 -26.63 12.29
C17 N8E H . -29.51 -27.64 12.92
O18 N8E H . -28.15 -27.33 12.55
C19 N8E H . -27.22 -28.25 13.13
C20 N8E H . -25.79 -27.95 12.73
O21 N8E H . -24.90 -28.90 13.33
C22 N8E H . -23.53 -28.66 12.99
C23 N8E H . -22.60 -29.68 13.63
O24 N8E H . -21.24 -29.40 13.27
PA NAD I . 5.95 -29.75 20.80
O1A NAD I . 6.71 -28.72 20.06
O2A NAD I . 6.50 -30.11 22.15
O5B NAD I . 4.46 -29.25 21.03
C5B NAD I . 3.47 -30.06 21.66
C4B NAD I . 2.09 -29.55 21.29
O4B NAD I . 1.10 -30.62 21.49
C3B NAD I . 1.62 -28.40 22.19
O3B NAD I . 0.93 -27.40 21.43
C2B NAD I . 0.68 -29.07 23.19
O2B NAD I . -0.28 -28.20 23.73
C1B NAD I . 0.05 -30.13 22.30
N9A NAD I . -0.52 -31.26 23.06
C8A NAD I . 0.09 -32.08 23.98
N7A NAD I . -0.70 -33.01 24.49
C5A NAD I . -1.93 -32.77 23.88
C6A NAD I . -3.19 -33.41 23.98
N6A NAD I . -3.44 -34.44 24.78
N1A NAD I . -4.23 -32.91 23.21
C2A NAD I . -4.00 -31.86 22.39
N3A NAD I . -2.84 -31.19 22.21
C4A NAD I . -1.83 -31.69 22.99
O3 NAD I . 5.93 -31.09 19.92
PN NAD I . 5.78 -31.02 18.33
O1N NAD I . 4.86 -29.92 17.98
O2N NAD I . 7.16 -30.93 17.77
O5D NAD I . 5.12 -32.38 17.81
C5D NAD I . 5.78 -33.63 17.95
C4D NAD I . 5.37 -34.57 16.84
O4D NAD I . 6.07 -34.19 15.62
C3D NAD I . 5.79 -36.02 17.10
O3D NAD I . 4.80 -36.93 16.63
C2D NAD I . 7.09 -36.16 16.31
O2D NAD I . 7.37 -37.49 15.92
C1D NAD I . 6.79 -35.29 15.09
N1N NAD I . 8.05 -34.90 14.39
C2N NAD I . 8.86 -33.89 14.90
C3N NAD I . 10.03 -33.53 14.24
C7N NAD I . 10.97 -32.40 14.81
O7N NAD I . 10.87 -31.25 14.38
N7N NAD I . 11.86 -32.77 15.75
C4N NAD I . 10.45 -34.18 13.03
C5N NAD I . 9.55 -35.19 12.59
C6N NAD I . 8.38 -35.60 13.18
N1A ACO J . -21.45 15.69 -20.53
C2A ACO J . -22.20 14.63 -20.12
N3A ACO J . -21.90 13.73 -19.16
C4A ACO J . -20.70 13.99 -18.58
C5A ACO J . -19.81 15.02 -18.88
C6A ACO J . -20.23 15.91 -19.94
N6A ACO J . -19.51 16.95 -20.35
N7A ACO J . -18.69 14.97 -18.09
C8A ACO J . -18.88 13.92 -17.33
N9A ACO J . -20.09 13.28 -17.56
C1B ACO J . -20.64 12.08 -16.91
C2B ACO J . -19.84 10.83 -17.21
O2B ACO J . -20.21 10.28 -18.46
C3B ACO J . -20.22 9.94 -16.02
O3B ACO J . -21.46 9.27 -16.25
P3B ACO J . -21.50 7.66 -16.31
O7A ACO J . -20.67 7.23 -17.45
O8A ACO J . -20.96 7.16 -15.02
O9A ACO J . -22.93 7.26 -16.49
C4B ACO J . -20.35 10.94 -14.86
O4B ACO J . -20.55 12.24 -15.50
C5B ACO J . -19.12 11.01 -14.00
O5B ACO J . -19.49 11.04 -12.63
P1A ACO J . -18.60 11.79 -11.53
O1A ACO J . -18.49 13.22 -11.93
O2A ACO J . -19.23 11.53 -10.22
O3A ACO J . -17.14 11.17 -11.52
P2A ACO J . -15.93 11.94 -10.82
O4A ACO J . -16.43 12.55 -9.55
O5A ACO J . -14.82 10.96 -10.67
O6A ACO J . -15.43 13.11 -11.78
CBP ACO J . -13.74 14.86 -11.43
CCP ACO J . -15.23 14.45 -11.31
CDP ACO J . -13.25 14.65 -12.88
CEP ACO J . -12.89 13.97 -10.48
CAP ACO J . -13.58 16.39 -11.04
OAP ACO J . -14.18 16.62 -9.75
C9P ACO J . -12.07 16.80 -10.97
O9P ACO J . -11.49 17.20 -11.97
N8P ACO J . -11.52 16.81 -9.76
N1A ACO K . 28.96 0.76 14.46
C2A ACO K . 28.50 -0.25 15.24
N3A ACO K . 27.31 -0.91 15.14
C4A ACO K . 26.56 -0.42 14.10
C5A ACO K . 26.90 0.61 13.22
C6A ACO K . 28.18 1.22 13.43
N6A ACO K . 28.64 2.21 12.67
N7A ACO K . 25.88 0.83 12.30
C8A ACO K . 24.96 -0.05 12.62
N9A ACO K . 25.30 -0.84 13.71
C1B ACO K . 24.51 -1.92 14.33
C2B ACO K . 23.49 -1.39 15.33
O2B ACO K . 24.07 -1.23 16.61
C3B ACO K . 22.41 -2.47 15.29
O3B ACO K . 22.72 -3.55 16.18
P3B ACO K . 21.64 -4.04 17.27
O7A ACO K . 21.36 -2.89 18.17
O8A ACO K . 20.42 -4.46 16.52
O9A ACO K . 22.24 -5.18 18.00
C4B ACO K . 22.43 -2.95 13.84
O4B ACO K . 23.75 -2.57 13.32
C5B ACO K . 21.37 -2.28 12.99
O5B ACO K . 21.01 -3.12 11.89
P1A ACO K . 19.66 -2.91 11.07
O1A ACO K . 18.50 -3.12 11.98
O2A ACO K . 19.75 -1.57 10.43
O3A ACO K . 19.57 -4.02 9.92
P2A ACO K . 18.55 -3.84 8.70
O4A ACO K . 18.61 -5.06 7.84
O5A ACO K . 17.23 -3.52 9.28
O6A ACO K . 19.01 -2.60 7.80
CBP ACO K . 20.23 -2.09 5.73
CCP ACO K . 20.31 -2.57 7.21
CDP ACO K . 19.33 -3.06 4.93
CEP ACO K . 21.65 -2.12 5.12
CAP ACO K . 19.63 -0.62 5.68
OAP ACO K . 20.45 0.26 6.48
C9P ACO K . 19.59 -0.08 4.22
O9P ACO K . 18.60 -0.28 3.51
N8P ACO K . 20.68 0.60 3.82
C7P ACO K . 20.78 1.16 2.48
C6P ACO K . 20.90 2.67 2.50
C5P ACO K . 20.42 3.31 1.21
O5P ACO K . 19.31 3.86 1.17
N4P ACO K . 21.26 3.23 0.17
C3P ACO K . 20.93 3.79 -1.14
C2P ACO K . 22.18 4.24 -1.93
S1P ACO K . 22.48 6.07 -1.75
C ACO K . 23.21 6.86 -3.21
O ACO K . 23.41 8.02 -3.14
CH3 ACO K . 23.56 6.07 -4.52
#